data_8WPP
#
_entry.id   8WPP
#
loop_
_entity.id
_entity.type
_entity.pdbx_description
1 polymer 'DNA polymerase'
2 polymer 'A22R DNA polymerase processivity factor'
3 polymer 'E4R Uracil-DNA glycosylase, DNA polymerase processivity factor'
4 polymer 'H5R late gene transcription factor'
5 polymer 'Primer DNA'
6 polymer 'Template DNA'
#
loop_
_entity_poly.entity_id
_entity_poly.type
_entity_poly.pdbx_seq_one_letter_code
_entity_poly.pdbx_strand_id
1 'polypeptide(L)'
;MDVRCINWFESHGENRFLYLKSRCRNGETVFIRFPHYFYYVVTDEIYQSLSPPPFNARPMGKMRTIDIDETISYNLDIKD
RKCSVADMWLIEEPKKRSIQNATMDEFFNISWFYISNGISPDGCYSLDEQYLTKINNGCYHCDDPRNCFAKEIPRFDIPR
SYLFLDIECHFDKKFPSVFINPISHTSYCYIDLSGKRLLFTLINEEMLTEQEIQEAVDRGCLRIQSLMEMDYERELVLCS
EIVLLRIAKQLLELTFDYVVTFNGHNFDLRYITNRLELLTGEKIIFRSPDKKEAVHLCIYERNQSSHKGVCGMANTTFHV
NNNNGTIFFDLYSFIQKSEKLDSYKLDSISKNAFSCMGKVLNRGVREMTFIGDDTTDAKGKADTFAKVLTTGNYVTVDED
IICKVIRKDILENGFKVVLSCPTLPNDIYKLSFGKDDIDLAQMYKDYNLNIALDMARYCIHDACLCQYLWEYYGVETKTD
AGAATYVLPQSMVFEYRASTIIKGPLLKLLLETKTILVRSETKQKFPYEGGKVFAPKQKMFSNNVLIFDYNSLYPNVCIF
GNLSPETLVGVVVSTNRLEEEINNQLLLQKYPPPRYITVHCEPRLPNLISEIAIFDRSIEGTIPRLLRTFLAERARYKKM
LKQATSSTEKAIYDSMQYTYKIVANSVYGLMGFRNSALYSYASAKSCTSIGRRMILYLESVLNGAELSNGMLRFANTLSN
PFYMDDRDINPIVKTSLPIDYRFRFRSVYGDTDSVFTEIDSQDVDKSIEIAKELERLINSRVLFNNFKIEFEAVYKNLIM
QSKKKYTTMKYSASSNSKSVPERINKGTSETRRDVSKFHKNMIKTYKTRLSEMLSEGRMNSNQVCIDILRSLETDLRSEF
DSRSSPLELFMLSRMHHSNYKSADNPNMYLVTEYNKNNPETIELGERYYFAYICPANVPWTKKLVNIKTYETIIDRSFKL
GSNQRIFYEVYFKRLTSEIVNLLDNKVLCISFFQRMFGSRPTFYEA
;
A
2 'polypeptide(L)'
;MHHHHHHGTGSMTSSADLTNLKELLSLYKSLRFSDSVAIEKYNSLVEWGTSTYWKIGVQKVTNVETSISDYYDEVKNKPF
NIDPGYYIFLPVYFGSVFIYSKGKNMVELGSGNSFQIPDEIRSACNKVLDSDNGIDFLRFVLLNNRWIMEDAISKYQSPV
NIFKLASEYGLNIPNYLEIEIEEDTLFDDELYSIMERSFDDTFPKISISYIKLGELKRQVVDFFKFSFMYIESIKVDRIG
DNIFIPSVITKSGKKILVKDVDHLIRSKVREHTFVKVKKKNTFSILYDYDGNGTETRGEVIKRIIDTIGRDYYVNGKYFS
KVGIAGLKQLTNKLDINECATVDELVDEINKSGTVKRKIKNQSVFDLSRECLGYPEADFITLVNNMRFKIENCKVVNFNI
ENTNCLNNPSIETIYGNFNQFVSIFNTVTDVKKRLFE
;
B
3 'polypeptide(L)'
;MNSVTISHAPYTITYHDDWEPVMSQLVEFYNEVASWLLRDETSPIPDKFFIQLKQPLRNKRVCVCGIDPYPKDGTGVPFE
SPNFTKKSIKEIASSISRLTGVIDYKGYNLNIIDGVIPWNYYLSCKLGETKSHAIYWDKISKLLLQHITKHVSVLYCLGK
TDFSNIRAKLESPVTTIVGYHPAARDHQFEKDRSFEIINVLLELDNKTPINWAQGFIY
;
C
4 'polypeptide(L)'
;MAWSITNKADTSSFTKMAEIRAHLRNSAENKDKNEDIFPEDVIIPSTKPKTKRTTTPRKPAATKRSTKKDKEKEEVEEVV
IEEYHQTTEENSPPPSSSPGVGDIVESVAAVELDDSDGDDEPMVQVEAGKVNHSARSDLSDLKVATDNIVKDLKKIITRI
SAVSTVLEDVQAAGISRQFTSMTKAITTLSDLVTEGKSKVVRKKVKTCKK
;
D,E,F,G
5 'polydeoxyribonucleotide'
;(DA)(DT)(DT)(DT)(DC)(DG)(DC)(DG)(DG)(DG)(DA)(DG)(DC)(DT)(DA)(DT)(DG)(DA)(DC)(DC)
(DA)(DT)(DG)(DA)(DT)(DT)(DA)(DC)(DG)(DA)(DA)(DT)(DT)(DG)(DC)
;
H
6 'polydeoxyribonucleotide'
;(DC)(DT)(DG)(DC)(DA)(DC)(DG)(DA)(DA)(DT)(DT)(DA)(DA)(DG)(DC)(DA)(DA)(DT)(DT)(DC)
(DG)(DT)(DA)(DA)(DT)(DC)(DA)(DT)(DG)(DG)(DT)(DC)(DA)(DT)(DA)(DG)(DC)(DT)(DC)(DC)
(DC)(DG)(DC)(DG)(DA)(DA)(DA)(DT)
;
I
#
loop_
_chem_comp.id
_chem_comp.type
_chem_comp.name
_chem_comp.formula
DA DNA linking 2'-DEOXYADENOSINE-5'-MONOPHOSPHATE 'C10 H14 N5 O6 P'
DC DNA linking 2'-DEOXYCYTIDINE-5'-MONOPHOSPHATE 'C9 H14 N3 O7 P'
DG DNA linking 2'-DEOXYGUANOSINE-5'-MONOPHOSPHATE 'C10 H14 N5 O7 P'
DT DNA linking THYMIDINE-5'-MONOPHOSPHATE 'C10 H15 N2 O8 P'
#
# COMPACT_ATOMS: atom_id res chain seq x y z
N MET A 1 11.51 43.25 35.80
CA MET A 1 12.55 43.36 34.78
C MET A 1 12.00 42.81 33.47
N ASP A 2 11.85 43.69 32.48
CA ASP A 2 11.05 43.39 31.29
C ASP A 2 11.91 42.70 30.24
N VAL A 3 11.55 41.46 29.88
CA VAL A 3 12.21 40.73 28.82
C VAL A 3 11.17 40.21 27.84
N ARG A 4 11.61 39.95 26.62
CA ARG A 4 10.82 39.25 25.62
C ARG A 4 11.62 38.04 25.15
N CYS A 5 10.98 36.87 25.14
CA CYS A 5 11.68 35.62 24.90
C CYS A 5 12.05 35.47 23.43
N ILE A 6 13.34 35.21 23.18
CA ILE A 6 13.85 35.01 21.82
C ILE A 6 13.83 33.53 21.49
N ASN A 7 14.47 32.73 22.33
CA ASN A 7 14.63 31.30 22.06
C ASN A 7 14.78 30.55 23.37
N TRP A 8 14.38 29.28 23.34
CA TRP A 8 14.60 28.35 24.44
C TRP A 8 15.43 27.19 23.92
N PHE A 9 16.37 26.73 24.73
CA PHE A 9 17.37 25.80 24.25
C PHE A 9 18.00 25.08 25.43
N GLU A 10 18.49 23.87 25.18
CA GLU A 10 18.90 22.95 26.23
C GLU A 10 20.42 22.75 26.20
N SER A 11 20.97 22.39 27.35
CA SER A 11 22.40 22.15 27.47
C SER A 11 22.77 20.82 26.84
N HIS A 12 23.96 20.77 26.22
CA HIS A 12 24.40 19.62 25.45
C HIS A 12 25.17 18.67 26.36
N GLY A 13 24.43 17.85 27.09
CA GLY A 13 25.04 16.88 27.97
C GLY A 13 25.55 17.49 29.26
N GLU A 14 26.33 16.69 30.00
CA GLU A 14 26.86 16.97 31.34
C GLU A 14 25.66 17.26 32.25
N ASN A 15 25.64 18.38 32.96
CA ASN A 15 24.44 18.77 33.68
C ASN A 15 23.39 19.25 32.69
N ARG A 16 22.17 18.72 32.82
CA ARG A 16 21.11 18.99 31.86
C ARG A 16 20.43 20.29 32.27
N PHE A 17 20.72 21.36 31.55
CA PHE A 17 20.17 22.68 31.84
C PHE A 17 19.30 23.14 30.68
N LEU A 18 18.30 23.95 31.02
CA LEU A 18 17.45 24.61 30.03
C LEU A 18 17.69 26.10 30.11
N TYR A 19 17.97 26.71 28.98
CA TYR A 19 18.27 28.14 28.93
C TYR A 19 17.18 28.88 28.18
N LEU A 20 17.08 30.17 28.48
CA LEU A 20 16.17 31.08 27.79
C LEU A 20 16.99 32.25 27.26
N LYS A 21 16.95 32.46 25.95
CA LYS A 21 17.47 33.67 25.35
C LYS A 21 16.34 34.71 25.33
N SER A 22 16.61 35.87 25.91
CA SER A 22 15.58 36.89 26.05
C SER A 22 16.16 38.26 25.76
N ARG A 23 15.29 39.18 25.38
CA ARG A 23 15.67 40.53 24.98
C ARG A 23 14.88 41.55 25.77
N CYS A 24 15.58 42.53 26.34
CA CYS A 24 14.95 43.61 27.07
C CYS A 24 14.49 44.71 26.12
N ARG A 25 13.96 45.79 26.70
CA ARG A 25 13.53 46.93 25.89
C ARG A 25 14.71 47.73 25.36
N ASN A 26 15.78 47.84 26.14
CA ASN A 26 16.94 48.61 25.71
C ASN A 26 17.85 47.82 24.75
N GLY A 27 17.56 46.55 24.50
CA GLY A 27 18.32 45.76 23.56
C GLY A 27 19.37 44.86 24.16
N GLU A 28 19.48 44.78 25.48
CA GLU A 28 20.48 43.93 26.11
C GLU A 28 19.93 42.51 26.22
N THR A 29 20.70 41.55 25.73
CA THR A 29 20.26 40.16 25.69
C THR A 29 20.44 39.52 27.06
N VAL A 30 19.36 38.93 27.58
CA VAL A 30 19.32 38.35 28.91
C VAL A 30 19.15 36.84 28.78
N PHE A 31 20.07 36.09 29.41
CA PHE A 31 20.01 34.65 29.43
C PHE A 31 19.58 34.17 30.82
N ILE A 32 18.61 33.26 30.86
CA ILE A 32 18.13 32.69 32.11
C ILE A 32 18.28 31.18 32.02
N ARG A 33 19.04 30.60 32.95
CA ARG A 33 19.27 29.16 32.98
C ARG A 33 18.31 28.51 33.96
N PHE A 34 17.65 27.44 33.53
CA PHE A 34 16.77 26.69 34.39
C PHE A 34 17.29 25.27 34.57
N PRO A 35 17.05 24.64 35.72
CA PRO A 35 17.33 23.20 35.84
C PRO A 35 16.24 22.42 35.13
N HIS A 36 16.61 21.76 34.03
CA HIS A 36 15.66 21.03 33.22
C HIS A 36 15.45 19.64 33.82
N TYR A 37 14.22 19.33 34.15
CA TYR A 37 13.88 18.09 34.83
C TYR A 37 13.16 17.13 33.90
N PHE A 38 13.22 15.85 34.25
CA PHE A 38 12.39 14.83 33.61
C PHE A 38 11.09 14.78 34.39
N TYR A 39 10.05 15.39 33.83
CA TYR A 39 8.79 15.50 34.53
C TYR A 39 7.97 14.24 34.37
N TYR A 40 7.36 13.79 35.47
CA TYR A 40 6.54 12.58 35.48
C TYR A 40 5.27 12.86 36.27
N VAL A 41 4.17 12.22 35.85
CA VAL A 41 2.89 12.34 36.53
C VAL A 41 2.50 10.97 37.05
N VAL A 42 2.33 10.87 38.37
CA VAL A 42 1.89 9.67 39.04
C VAL A 42 0.72 10.04 39.94
N THR A 43 0.01 9.01 40.41
CA THR A 43 -1.04 9.26 41.39
C THR A 43 -0.45 9.47 42.77
N ASP A 44 -1.33 9.65 43.76
CA ASP A 44 -0.87 9.86 45.13
C ASP A 44 -0.20 8.62 45.70
N GLU A 45 -0.81 7.44 45.50
CA GLU A 45 -0.28 6.22 46.08
C GLU A 45 1.01 5.77 45.39
N ILE A 46 1.15 6.07 44.10
CA ILE A 46 2.41 5.80 43.41
C ILE A 46 3.49 6.75 43.90
N TYR A 47 3.11 8.01 44.19
CA TYR A 47 4.06 9.01 44.67
C TYR A 47 4.60 8.65 46.05
N GLN A 48 3.73 8.15 46.93
CA GLN A 48 4.23 7.68 48.23
C GLN A 48 4.88 6.30 48.11
N SER A 49 4.60 5.57 47.03
CA SER A 49 5.17 4.24 46.88
C SER A 49 6.59 4.29 46.33
N LEU A 50 7.05 5.47 45.91
CA LEU A 50 8.40 5.61 45.37
C LEU A 50 9.45 5.43 46.46
N SER A 51 10.28 4.39 46.30
CA SER A 51 11.36 4.16 47.26
C SER A 51 12.42 5.27 47.25
N PRO A 52 12.90 5.78 46.11
CA PRO A 52 13.67 7.04 46.17
C PRO A 52 12.74 8.24 46.19
N PRO A 53 13.00 9.22 47.05
CA PRO A 53 12.16 10.41 47.09
C PRO A 53 12.36 11.27 45.86
N PRO A 54 11.31 11.92 45.36
CA PRO A 54 11.46 12.82 44.20
C PRO A 54 12.24 14.07 44.58
N PHE A 55 12.90 14.66 43.57
CA PHE A 55 13.59 15.93 43.78
C PHE A 55 12.57 17.04 44.05
N ASN A 56 11.47 17.05 43.30
CA ASN A 56 10.41 18.02 43.50
C ASN A 56 9.09 17.34 43.16
N ALA A 57 8.02 17.79 43.84
CA ALA A 57 6.68 17.25 43.63
C ALA A 57 5.68 18.35 43.97
N ARG A 58 5.02 18.88 42.95
CA ARG A 58 4.03 19.92 43.14
C ARG A 58 2.63 19.32 43.08
N PRO A 59 1.75 19.68 44.01
CA PRO A 59 0.40 19.09 44.03
C PRO A 59 -0.43 19.58 42.85
N MET A 60 -0.86 18.63 42.01
CA MET A 60 -1.52 18.93 40.75
C MET A 60 -3.04 18.89 40.87
N GLY A 61 -3.57 18.61 42.06
CA GLY A 61 -4.99 18.56 42.27
C GLY A 61 -5.60 17.23 41.85
N LYS A 62 -6.91 17.15 42.03
CA LYS A 62 -7.66 15.95 41.65
C LYS A 62 -7.84 15.93 40.14
N MET A 63 -7.07 15.08 39.46
CA MET A 63 -7.14 14.96 38.01
C MET A 63 -7.65 13.58 37.64
N ARG A 64 -8.66 13.56 36.77
CA ARG A 64 -9.28 12.30 36.36
C ARG A 64 -8.40 11.58 35.35
N THR A 65 -8.24 10.27 35.54
CA THR A 65 -7.51 9.42 34.61
C THR A 65 -8.53 8.54 33.89
N ILE A 66 -8.59 8.68 32.56
CA ILE A 66 -9.59 7.99 31.75
C ILE A 66 -8.87 7.04 30.80
N ASP A 67 -9.31 5.79 30.76
CA ASP A 67 -8.70 4.77 29.91
C ASP A 67 -9.34 4.87 28.53
N ILE A 68 -8.63 5.49 27.58
CA ILE A 68 -9.17 5.71 26.23
C ILE A 68 -8.81 4.47 25.40
N ASP A 69 -9.70 3.48 25.45
CA ASP A 69 -9.54 2.24 24.72
C ASP A 69 -10.77 2.02 23.84
N GLU A 70 -10.54 1.90 22.54
CA GLU A 70 -11.63 1.62 21.61
C GLU A 70 -11.90 0.12 21.58
N THR A 71 -12.72 -0.36 22.52
CA THR A 71 -13.11 -1.76 22.58
C THR A 71 -14.50 -1.88 21.95
N ILE A 72 -14.60 -2.67 20.90
CA ILE A 72 -15.89 -2.86 20.24
C ILE A 72 -16.81 -3.69 21.11
N SER A 73 -18.09 -3.36 21.08
CA SER A 73 -19.12 -4.07 21.84
C SER A 73 -20.16 -4.60 20.88
N TYR A 74 -20.44 -5.89 20.96
CA TYR A 74 -21.43 -6.50 20.09
C TYR A 74 -22.84 -6.40 20.67
N ASN A 75 -22.97 -5.84 21.87
CA ASN A 75 -24.25 -5.56 22.49
C ASN A 75 -24.17 -4.22 23.21
N LEU A 76 -25.30 -3.81 23.80
CA LEU A 76 -25.34 -2.53 24.51
C LEU A 76 -24.92 -2.66 25.97
N ASP A 77 -24.50 -3.85 26.42
CA ASP A 77 -23.97 -4.02 27.77
C ASP A 77 -22.53 -3.52 27.76
N ILE A 78 -22.38 -2.20 27.76
CA ILE A 78 -21.08 -1.54 27.67
C ILE A 78 -20.71 -1.05 29.05
N LYS A 79 -19.55 -1.49 29.54
CA LYS A 79 -19.03 -0.99 30.80
C LYS A 79 -18.62 0.47 30.65
N ASP A 80 -18.76 1.22 31.74
CA ASP A 80 -18.37 2.62 31.76
C ASP A 80 -16.86 2.75 31.64
N ARG A 81 -16.43 3.87 31.06
CA ARG A 81 -15.01 4.13 30.87
C ARG A 81 -14.31 4.32 32.21
N LYS A 82 -13.11 3.76 32.33
CA LYS A 82 -12.44 3.66 33.62
C LYS A 82 -11.90 5.01 34.07
N CYS A 83 -12.74 5.80 34.72
CA CYS A 83 -12.37 7.11 35.24
C CYS A 83 -11.95 6.96 36.70
N SER A 84 -10.72 7.36 37.01
CA SER A 84 -10.16 7.25 38.35
C SER A 84 -9.58 8.59 38.77
N VAL A 85 -10.29 9.29 39.64
CA VAL A 85 -9.86 10.61 40.11
C VAL A 85 -8.93 10.42 41.31
N ALA A 86 -7.75 11.01 41.25
CA ALA A 86 -6.77 10.87 42.32
C ALA A 86 -5.93 12.13 42.42
N ASP A 87 -5.34 12.33 43.60
CA ASP A 87 -4.35 13.38 43.77
C ASP A 87 -3.09 13.03 43.00
N MET A 88 -2.58 13.98 42.23
CA MET A 88 -1.50 13.73 41.28
C MET A 88 -0.34 14.65 41.58
N TRP A 89 0.88 14.18 41.31
CA TRP A 89 2.08 14.93 41.63
C TRP A 89 2.99 14.98 40.41
N LEU A 90 3.68 16.11 40.24
CA LEU A 90 4.62 16.29 39.15
C LEU A 90 6.01 15.91 39.64
N ILE A 91 6.47 14.72 39.25
CA ILE A 91 7.75 14.19 39.70
C ILE A 91 8.83 14.81 38.80
N GLU A 92 9.49 15.85 39.30
CA GLU A 92 10.56 16.50 38.58
C GLU A 92 11.88 15.82 38.92
N GLU A 93 12.51 15.21 37.92
CA GLU A 93 13.70 14.40 38.13
C GLU A 93 14.86 14.95 37.32
N PRO A 94 16.02 15.23 37.94
CA PRO A 94 17.18 15.68 37.16
C PRO A 94 17.73 14.64 36.21
N LYS A 95 17.63 13.36 36.53
CA LYS A 95 18.02 12.27 35.66
C LYS A 95 16.78 11.48 35.24
N LYS A 96 16.92 10.74 34.14
CA LYS A 96 15.79 9.97 33.62
C LYS A 96 15.51 8.79 34.54
N ARG A 97 14.26 8.71 35.02
CA ARG A 97 13.86 7.71 36.00
C ARG A 97 12.67 6.94 35.45
N SER A 98 12.79 5.61 35.42
CA SER A 98 11.73 4.75 34.95
C SER A 98 10.77 4.49 36.11
N ILE A 99 9.57 5.06 36.02
CA ILE A 99 8.55 4.93 37.06
C ILE A 99 7.42 4.07 36.51
N GLN A 100 7.10 3.00 37.24
CA GLN A 100 6.01 2.11 36.82
C GLN A 100 4.67 2.79 37.02
N ASN A 101 3.79 2.61 36.03
CA ASN A 101 2.44 3.17 35.98
C ASN A 101 2.44 4.70 36.08
N ALA A 102 3.44 5.34 35.47
CA ALA A 102 3.50 6.79 35.43
C ALA A 102 2.73 7.30 34.22
N THR A 103 1.74 8.14 34.46
CA THR A 103 0.85 8.60 33.41
C THR A 103 1.37 9.87 32.76
N MET A 104 0.77 10.20 31.61
CA MET A 104 1.05 11.40 30.81
C MET A 104 2.52 11.47 30.39
N ASP A 105 3.09 10.31 30.06
CA ASP A 105 4.49 10.22 29.68
C ASP A 105 4.74 10.56 28.23
N GLU A 106 3.69 10.79 27.44
CA GLU A 106 3.86 11.12 26.03
C GLU A 106 4.37 12.53 25.80
N PHE A 107 4.18 13.44 26.75
CA PHE A 107 4.48 14.84 26.55
C PHE A 107 5.97 15.12 26.72
N PHE A 108 6.41 16.20 26.08
CA PHE A 108 7.79 16.63 26.16
C PHE A 108 8.09 17.24 27.53
N ASN A 109 9.36 17.16 27.93
CA ASN A 109 9.77 17.81 29.16
C ASN A 109 9.80 19.33 29.02
N ILE A 110 10.04 19.82 27.80
CA ILE A 110 9.98 21.26 27.56
C ILE A 110 8.55 21.78 27.67
N SER A 111 7.58 21.00 27.19
CA SER A 111 6.17 21.36 27.35
C SER A 111 5.76 21.29 28.82
N TRP A 112 6.30 20.31 29.56
CA TRP A 112 6.01 20.23 30.99
C TRP A 112 6.64 21.36 31.77
N PHE A 113 7.79 21.85 31.31
CA PHE A 113 8.35 23.09 31.86
C PHE A 113 7.44 24.27 31.57
N TYR A 114 6.83 24.29 30.38
CA TYR A 114 6.05 25.44 29.96
C TYR A 114 4.72 25.54 30.71
N ILE A 115 3.92 24.47 30.67
CA ILE A 115 2.55 24.59 31.16
C ILE A 115 2.51 24.67 32.68
N SER A 116 3.35 23.88 33.36
CA SER A 116 3.32 23.82 34.81
C SER A 116 3.84 25.10 35.44
N ASN A 117 4.79 25.76 34.80
CA ASN A 117 5.32 27.02 35.30
C ASN A 117 4.58 28.23 34.76
N GLY A 118 3.54 28.01 33.96
CA GLY A 118 2.75 29.11 33.43
C GLY A 118 3.44 29.95 32.38
N ILE A 119 4.49 29.45 31.75
CA ILE A 119 5.30 30.24 30.85
C ILE A 119 4.83 30.01 29.42
N SER A 120 4.47 31.08 28.74
CA SER A 120 4.31 31.05 27.30
C SER A 120 5.65 31.30 26.64
N PRO A 121 6.06 30.48 25.67
CA PRO A 121 7.38 30.67 25.05
C PRO A 121 7.49 31.93 24.22
N ASP A 122 6.38 32.40 23.64
CA ASP A 122 6.32 33.73 23.04
C ASP A 122 5.54 34.61 23.99
N GLY A 123 6.23 35.14 24.98
CA GLY A 123 5.60 35.98 25.98
C GLY A 123 6.57 36.99 26.54
N CYS A 124 6.03 38.13 26.93
CA CYS A 124 6.80 39.19 27.56
C CYS A 124 6.55 39.15 29.05
N TYR A 125 7.63 39.10 29.84
CA TYR A 125 7.55 38.77 31.24
C TYR A 125 8.38 39.73 32.07
N SER A 126 7.80 40.21 33.17
CA SER A 126 8.52 41.01 34.16
C SER A 126 9.11 40.06 35.19
N LEU A 127 10.43 39.93 35.18
CA LEU A 127 11.12 38.96 36.01
C LEU A 127 11.33 39.52 37.41
N ASP A 128 11.05 38.70 38.42
CA ASP A 128 11.43 39.01 39.78
C ASP A 128 12.88 38.61 39.95
N GLU A 129 13.75 39.60 40.19
CA GLU A 129 15.18 39.36 40.21
C GLU A 129 15.66 38.63 41.46
N GLN A 130 14.80 38.49 42.48
CA GLN A 130 15.18 37.72 43.66
C GLN A 130 15.26 36.23 43.37
N TYR A 131 14.49 35.75 42.38
CA TYR A 131 14.61 34.37 41.94
C TYR A 131 15.70 34.17 40.90
N LEU A 132 16.21 35.25 40.32
CA LEU A 132 17.29 35.16 39.34
C LEU A 132 18.63 35.22 40.05
N THR A 133 19.47 34.21 39.82
CA THR A 133 20.81 34.14 40.38
C THR A 133 21.81 34.32 39.25
N LYS A 134 22.63 35.38 39.34
CA LYS A 134 23.54 35.73 38.26
C LYS A 134 24.72 34.77 38.24
N ILE A 135 25.01 34.23 37.06
CA ILE A 135 26.13 33.31 36.85
C ILE A 135 27.33 34.11 36.36
N ASN A 136 27.17 34.80 35.25
CA ASN A 136 28.17 35.72 34.73
C ASN A 136 27.43 36.86 34.03
N ASN A 137 28.15 37.60 33.19
CA ASN A 137 27.60 38.79 32.54
C ASN A 137 26.53 38.38 31.52
N GLY A 138 25.28 38.76 31.80
CA GLY A 138 24.18 38.50 30.88
C GLY A 138 23.46 37.19 31.09
N CYS A 139 23.91 36.34 32.00
CA CYS A 139 23.28 35.04 32.24
C CYS A 139 22.82 34.95 33.68
N TYR A 140 21.62 34.40 33.89
CA TYR A 140 21.02 34.26 35.20
C TYR A 140 20.54 32.83 35.40
N HIS A 141 20.26 32.48 36.66
CA HIS A 141 19.73 31.18 37.02
C HIS A 141 18.43 31.38 37.78
N CYS A 142 17.37 30.71 37.32
CA CYS A 142 16.06 30.78 37.97
C CYS A 142 15.65 29.40 38.44
N ASP A 143 15.71 29.18 39.76
CA ASP A 143 15.30 27.90 40.33
C ASP A 143 13.81 27.82 40.58
N ASP A 144 13.09 28.94 40.54
CA ASP A 144 11.65 28.99 40.77
C ASP A 144 10.97 29.69 39.60
N PRO A 145 10.68 28.97 38.51
CA PRO A 145 10.01 29.60 37.37
C PRO A 145 8.54 29.90 37.57
N ARG A 146 7.94 29.45 38.68
CA ARG A 146 6.55 29.79 38.96
C ARG A 146 6.38 31.27 39.29
N ASN A 147 7.00 31.71 40.38
CA ASN A 147 6.79 33.07 40.87
C ASN A 147 7.56 34.10 40.05
N CYS A 148 8.70 33.71 39.48
CA CYS A 148 9.46 34.65 38.65
C CYS A 148 8.75 34.95 37.34
N PHE A 149 8.22 33.92 36.69
CA PHE A 149 7.54 34.09 35.40
C PHE A 149 6.03 34.17 35.63
N ALA A 150 5.63 35.15 36.44
CA ALA A 150 4.24 35.30 36.84
C ALA A 150 3.55 36.51 36.25
N LYS A 151 4.28 37.57 35.92
CA LYS A 151 3.71 38.79 35.38
C LYS A 151 3.85 38.77 33.87
N GLU A 152 2.72 38.63 33.17
CA GLU A 152 2.69 38.61 31.71
C GLU A 152 2.32 40.01 31.23
N ILE A 153 3.34 40.84 31.01
CA ILE A 153 3.14 42.16 30.43
C ILE A 153 2.84 41.98 28.94
N PRO A 154 2.16 42.94 28.29
CA PRO A 154 1.88 42.78 26.86
C PRO A 154 3.13 42.89 26.00
N ARG A 155 2.94 42.60 24.71
CA ARG A 155 4.06 42.47 23.79
C ARG A 155 4.66 43.83 23.46
N PHE A 156 5.99 43.91 23.51
CA PHE A 156 6.73 45.09 23.11
C PHE A 156 7.73 44.70 22.02
N ASP A 157 8.02 45.66 21.13
CA ASP A 157 8.93 45.41 20.03
C ASP A 157 10.37 45.27 20.52
N ILE A 158 11.14 44.47 19.80
CA ILE A 158 12.51 44.13 20.20
C ILE A 158 13.47 44.32 19.04
N PRO A 159 14.71 44.74 19.30
CA PRO A 159 15.73 44.81 18.23
C PRO A 159 16.44 43.46 17.99
N ARG A 160 15.80 42.62 17.17
CA ARG A 160 16.36 41.31 16.90
C ARG A 160 17.56 41.38 15.98
N SER A 161 18.58 40.60 16.30
CA SER A 161 19.81 40.52 15.51
C SER A 161 19.69 39.39 14.49
N TYR A 162 20.35 39.58 13.36
CA TYR A 162 20.28 38.63 12.25
C TYR A 162 21.64 38.50 11.57
N LEU A 163 21.85 37.33 10.97
CA LEU A 163 22.98 37.09 10.07
C LEU A 163 22.44 36.25 8.91
N PHE A 164 22.01 36.92 7.85
CA PHE A 164 21.68 36.25 6.61
C PHE A 164 22.95 36.12 5.79
N LEU A 165 23.28 34.90 5.37
CA LEU A 165 24.49 34.69 4.60
C LEU A 165 24.22 33.70 3.48
N ASP A 166 25.19 33.62 2.56
CA ASP A 166 25.24 32.65 1.48
C ASP A 166 26.67 32.68 0.98
N ILE A 167 27.16 31.52 0.52
CA ILE A 167 28.54 31.45 0.06
C ILE A 167 28.56 30.98 -1.39
N GLU A 168 29.68 31.28 -2.05
CA GLU A 168 29.99 30.74 -3.36
C GLU A 168 31.31 29.99 -3.29
N CYS A 169 31.36 28.83 -3.95
CA CYS A 169 32.56 28.02 -3.99
C CYS A 169 32.99 27.82 -5.43
N HIS A 170 34.31 27.72 -5.63
CA HIS A 170 34.85 27.42 -6.95
C HIS A 170 34.51 25.99 -7.33
N PHE A 171 34.23 25.76 -8.61
CA PHE A 171 34.04 24.40 -9.12
C PHE A 171 34.37 24.36 -10.59
N ASP A 172 35.15 23.36 -10.99
CA ASP A 172 35.33 23.04 -12.41
C ASP A 172 34.42 21.91 -12.88
N LYS A 173 34.08 20.98 -11.98
CA LYS A 173 33.12 19.93 -12.25
C LYS A 173 31.71 20.45 -11.92
N LYS A 174 30.73 19.55 -11.81
CA LYS A 174 29.35 19.96 -11.59
C LYS A 174 29.14 20.58 -10.22
N PHE A 175 29.73 20.01 -9.17
CA PHE A 175 29.53 20.47 -7.80
C PHE A 175 30.87 20.66 -7.11
N PRO A 176 30.99 21.66 -6.23
CA PRO A 176 32.25 21.82 -5.47
C PRO A 176 32.46 20.71 -4.47
N SER A 177 33.73 20.41 -4.23
CA SER A 177 34.14 19.57 -3.13
C SER A 177 34.86 20.43 -2.09
N VAL A 178 34.78 20.02 -0.83
CA VAL A 178 35.33 20.84 0.24
C VAL A 178 36.86 20.81 0.22
N PHE A 179 37.43 19.65 -0.09
CA PHE A 179 38.85 19.43 0.11
C PHE A 179 39.73 19.97 -1.00
N ILE A 180 39.21 20.12 -2.21
CA ILE A 180 40.01 20.51 -3.36
C ILE A 180 39.59 21.84 -3.96
N ASN A 181 38.47 22.42 -3.52
CA ASN A 181 37.98 23.65 -4.08
C ASN A 181 37.90 24.73 -3.01
N PRO A 182 38.53 25.88 -3.22
CA PRO A 182 38.48 26.95 -2.22
C PRO A 182 37.16 27.69 -2.26
N ILE A 183 36.88 28.41 -1.16
CA ILE A 183 35.73 29.31 -1.11
C ILE A 183 36.11 30.62 -1.77
N SER A 184 35.25 31.08 -2.68
CA SER A 184 35.50 32.33 -3.41
C SER A 184 34.86 33.51 -2.70
N HIS A 185 33.63 33.37 -2.23
CA HIS A 185 32.87 34.48 -1.70
C HIS A 185 32.03 34.03 -0.51
N THR A 186 32.04 34.84 0.55
CA THR A 186 31.12 34.68 1.68
C THR A 186 30.46 36.03 1.91
N SER A 187 29.20 36.14 1.53
CA SER A 187 28.42 37.35 1.72
C SER A 187 27.62 37.24 3.00
N TYR A 188 27.35 38.39 3.62
CA TYR A 188 26.61 38.43 4.88
C TYR A 188 25.64 39.59 4.87
N CYS A 189 24.60 39.46 5.68
CA CYS A 189 23.66 40.55 5.98
C CYS A 189 23.65 40.68 7.49
N TYR A 190 24.56 41.53 7.99
CA TYR A 190 24.81 41.68 9.42
C TYR A 190 23.82 42.70 9.98
N ILE A 191 22.68 42.21 10.45
CA ILE A 191 21.73 43.04 11.17
C ILE A 191 22.01 42.84 12.66
N ASP A 192 22.58 43.86 13.30
CA ASP A 192 22.98 43.73 14.70
C ASP A 192 21.88 44.24 15.61
N LEU A 193 22.22 44.42 16.89
CA LEU A 193 21.27 44.88 17.90
C LEU A 193 20.85 46.33 17.71
N SER A 194 21.62 47.12 16.98
CA SER A 194 21.29 48.51 16.73
C SER A 194 20.44 48.70 15.48
N GLY A 195 20.14 47.63 14.74
CA GLY A 195 19.38 47.74 13.51
C GLY A 195 20.19 48.12 12.29
N LYS A 196 21.51 48.24 12.42
CA LYS A 196 22.37 48.65 11.31
C LYS A 196 22.56 47.48 10.36
N ARG A 197 21.74 47.44 9.32
CA ARG A 197 21.76 46.35 8.33
C ARG A 197 22.99 46.51 7.44
N LEU A 198 24.02 45.71 7.71
CA LEU A 198 25.27 45.77 6.96
C LEU A 198 25.32 44.60 5.98
N LEU A 199 25.53 44.90 4.71
CA LEU A 199 25.59 43.89 3.64
C LEU A 199 27.03 43.89 3.12
N PHE A 200 27.85 42.97 3.63
CA PHE A 200 29.25 42.94 3.28
C PHE A 200 29.64 41.57 2.75
N THR A 201 30.48 41.57 1.72
CA THR A 201 30.90 40.37 1.00
C THR A 201 32.41 40.24 1.10
N LEU A 202 32.88 39.07 1.51
CA LEU A 202 34.32 38.81 1.60
C LEU A 202 34.81 38.25 0.27
N ILE A 203 35.93 38.77 -0.21
CA ILE A 203 36.53 38.37 -1.47
C ILE A 203 37.73 37.49 -1.14
N ASN A 204 37.84 36.35 -1.83
CA ASN A 204 39.01 35.50 -1.67
C ASN A 204 40.16 36.06 -2.51
N GLU A 205 41.27 36.41 -1.86
CA GLU A 205 42.41 36.97 -2.56
C GLU A 205 43.35 35.91 -3.12
N GLU A 206 43.20 34.64 -2.72
CA GLU A 206 44.06 33.59 -3.26
C GLU A 206 43.65 33.18 -4.68
N MET A 207 42.44 33.53 -5.10
CA MET A 207 42.00 33.31 -6.47
C MET A 207 42.27 34.50 -7.37
N LEU A 208 42.93 35.53 -6.86
CA LEU A 208 43.31 36.70 -7.63
C LEU A 208 44.82 36.84 -7.62
N THR A 209 45.36 37.37 -8.72
CA THR A 209 46.78 37.69 -8.75
C THR A 209 47.04 39.00 -8.02
N GLU A 210 48.33 39.28 -7.76
CA GLU A 210 48.71 40.41 -6.91
C GLU A 210 48.36 41.75 -7.56
N GLN A 211 48.60 41.89 -8.86
CA GLN A 211 48.19 43.09 -9.58
C GLN A 211 46.68 43.19 -9.65
N GLU A 212 45.99 42.06 -9.70
CA GLU A 212 44.53 42.05 -9.64
C GLU A 212 44.03 42.43 -8.25
N ILE A 213 44.76 42.02 -7.19
CA ILE A 213 44.42 42.42 -5.83
C ILE A 213 44.58 43.94 -5.66
N GLN A 214 45.68 44.51 -6.15
CA GLN A 214 45.85 45.95 -5.98
C GLN A 214 44.91 46.75 -6.90
N GLU A 215 44.50 46.16 -8.03
CA GLU A 215 43.45 46.76 -8.84
C GLU A 215 42.11 46.76 -8.08
N ALA A 216 41.83 45.69 -7.34
CA ALA A 216 40.62 45.64 -6.53
C ALA A 216 40.68 46.64 -5.37
N VAL A 217 41.87 46.85 -4.81
CA VAL A 217 42.04 47.86 -3.77
C VAL A 217 41.83 49.26 -4.35
N ASP A 218 42.36 49.53 -5.54
CA ASP A 218 42.15 50.82 -6.19
C ASP A 218 40.71 51.03 -6.63
N ARG A 219 39.98 49.94 -6.86
CA ARG A 219 38.56 50.06 -7.21
C ARG A 219 37.67 50.32 -6.01
N GLY A 220 38.20 50.26 -4.79
CA GLY A 220 37.45 50.58 -3.60
C GLY A 220 37.18 49.43 -2.65
N CYS A 221 37.79 48.26 -2.86
CA CYS A 221 37.59 47.11 -2.01
C CYS A 221 38.83 46.91 -1.14
N LEU A 222 38.68 47.17 0.16
CA LEU A 222 39.84 47.16 1.06
C LEU A 222 40.30 45.72 1.32
N ARG A 223 41.60 45.58 1.54
CA ARG A 223 42.24 44.28 1.72
C ARG A 223 42.75 44.14 3.15
N ILE A 224 42.49 42.99 3.76
CA ILE A 224 42.89 42.72 5.13
C ILE A 224 43.76 41.47 5.15
N GLN A 225 44.50 41.32 6.26
CA GLN A 225 45.38 40.18 6.45
C GLN A 225 45.09 39.41 7.73
N SER A 226 44.17 39.88 8.57
CA SER A 226 43.86 39.22 9.83
C SER A 226 42.44 39.56 10.23
N LEU A 227 42.06 39.11 11.43
CA LEU A 227 40.73 39.38 11.96
C LEU A 227 40.58 40.80 12.50
N MET A 228 41.63 41.35 13.08
CA MET A 228 41.54 42.67 13.70
C MET A 228 41.42 43.78 12.66
N GLU A 229 41.86 43.55 11.43
CA GLU A 229 41.74 44.54 10.37
C GLU A 229 40.37 44.52 9.70
N MET A 230 39.52 43.56 10.03
CA MET A 230 38.26 43.38 9.32
C MET A 230 37.26 44.44 9.74
N ASP A 231 36.64 45.09 8.76
CA ASP A 231 35.58 46.07 8.98
C ASP A 231 34.32 45.59 8.28
N TYR A 232 33.22 45.51 9.02
CA TYR A 232 31.96 45.05 8.46
C TYR A 232 31.23 46.15 7.68
N GLU A 233 31.69 47.40 7.78
CA GLU A 233 31.00 48.51 7.13
C GLU A 233 31.22 48.52 5.62
N ARG A 234 32.41 48.16 5.16
CA ARG A 234 32.68 48.14 3.73
C ARG A 234 32.14 46.87 3.11
N GLU A 235 31.48 47.03 1.95
CA GLU A 235 30.68 45.96 1.37
C GLU A 235 31.55 44.87 0.75
N LEU A 236 32.70 45.23 0.18
CA LEU A 236 33.56 44.30 -0.53
C LEU A 236 34.95 44.34 0.10
N VAL A 237 35.38 43.22 0.67
CA VAL A 237 36.64 43.13 1.39
C VAL A 237 37.43 41.93 0.88
N LEU A 238 38.68 42.16 0.47
CA LEU A 238 39.57 41.09 0.03
C LEU A 238 40.34 40.51 1.21
N CYS A 239 40.50 39.19 1.19
CA CYS A 239 41.26 38.48 2.23
C CYS A 239 41.65 37.11 1.69
N SER A 240 42.59 36.49 2.40
CA SER A 240 42.89 35.09 2.14
C SER A 240 41.75 34.21 2.67
N GLU A 241 41.75 32.94 2.25
CA GLU A 241 40.66 32.05 2.61
C GLU A 241 40.69 31.67 4.09
N ILE A 242 41.88 31.66 4.70
CA ILE A 242 41.98 31.39 6.14
C ILE A 242 41.39 32.56 6.94
N VAL A 243 41.69 33.79 6.53
CA VAL A 243 41.13 34.97 7.18
C VAL A 243 39.62 35.06 6.90
N LEU A 244 39.21 34.68 5.70
CA LEU A 244 37.80 34.59 5.33
C LEU A 244 37.04 33.60 6.22
N LEU A 245 37.63 32.42 6.46
CA LEU A 245 36.98 31.43 7.30
C LEU A 245 37.01 31.82 8.76
N ARG A 246 38.04 32.55 9.20
CA ARG A 246 38.05 33.03 10.57
C ARG A 246 37.01 34.12 10.79
N ILE A 247 36.75 34.94 9.76
CA ILE A 247 35.64 35.89 9.80
C ILE A 247 34.30 35.15 9.86
N ALA A 248 34.17 34.08 9.07
CA ALA A 248 32.97 33.25 9.10
C ALA A 248 32.76 32.61 10.46
N LYS A 249 33.84 32.12 11.07
CA LYS A 249 33.78 31.52 12.40
C LYS A 249 33.41 32.56 13.45
N GLN A 250 33.99 33.76 13.36
CA GLN A 250 33.68 34.83 14.29
C GLN A 250 32.22 35.28 14.18
N LEU A 251 31.70 35.33 12.95
CA LEU A 251 30.30 35.72 12.76
C LEU A 251 29.35 34.63 13.23
N LEU A 252 29.67 33.36 12.97
CA LEU A 252 28.78 32.29 13.39
C LEU A 252 28.84 32.05 14.89
N GLU A 253 29.97 32.39 15.53
CA GLU A 253 30.07 32.28 16.98
C GLU A 253 29.34 33.40 17.71
N LEU A 254 28.99 34.48 17.01
CA LEU A 254 28.23 35.56 17.61
C LEU A 254 26.81 35.10 17.92
N THR A 255 26.29 35.54 19.06
CA THR A 255 24.97 35.12 19.52
C THR A 255 23.91 35.96 18.84
N PHE A 256 23.68 35.67 17.56
CA PHE A 256 22.56 36.26 16.85
C PHE A 256 21.25 35.65 17.32
N ASP A 257 20.15 36.32 17.03
CA ASP A 257 18.86 35.70 17.27
C ASP A 257 18.54 34.68 16.19
N TYR A 258 18.92 34.96 14.95
CA TYR A 258 18.63 34.06 13.83
C TYR A 258 19.78 34.16 12.84
N VAL A 259 20.51 33.07 12.63
CA VAL A 259 21.42 32.97 11.49
C VAL A 259 20.70 32.16 10.42
N VAL A 260 20.38 32.81 9.31
CA VAL A 260 19.51 32.25 8.29
C VAL A 260 20.30 32.08 7.01
N THR A 261 20.25 30.88 6.43
CA THR A 261 20.99 30.64 5.20
C THR A 261 20.18 29.67 4.34
N PHE A 262 20.07 29.95 3.06
CA PHE A 262 19.34 29.09 2.14
C PHE A 262 20.25 27.95 1.71
N ASN A 263 19.80 26.71 1.99
CA ASN A 263 20.58 25.47 1.78
C ASN A 263 21.93 25.54 2.47
N GLY A 264 21.93 26.06 3.69
CA GLY A 264 23.16 26.39 4.34
C GLY A 264 23.71 25.36 5.29
N HIS A 265 22.82 24.71 6.03
CA HIS A 265 23.24 23.62 6.89
C HIS A 265 23.77 22.45 6.06
N ASN A 266 23.09 22.16 4.95
CA ASN A 266 23.54 21.10 4.05
C ASN A 266 24.83 21.49 3.33
N PHE A 267 24.89 22.71 2.80
CA PHE A 267 26.01 23.09 1.94
C PHE A 267 26.88 24.19 2.55
N ASP A 268 26.31 25.37 2.85
CA ASP A 268 27.13 26.56 3.08
C ASP A 268 27.84 26.51 4.42
N LEU A 269 27.09 26.31 5.51
CA LEU A 269 27.70 26.29 6.83
C LEU A 269 28.56 25.05 7.04
N ARG A 270 28.16 23.92 6.45
CA ARG A 270 28.97 22.72 6.49
C ARG A 270 30.29 22.89 5.74
N TYR A 271 30.23 23.56 4.58
CA TYR A 271 31.44 23.84 3.81
C TYR A 271 32.35 24.81 4.57
N ILE A 272 31.75 25.79 5.25
CA ILE A 272 32.51 26.75 6.04
C ILE A 272 33.24 26.05 7.18
N THR A 273 32.51 25.23 7.95
CA THR A 273 33.16 24.59 9.10
C THR A 273 34.16 23.51 8.68
N ASN A 274 33.89 22.81 7.57
CA ASN A 274 34.80 21.75 7.15
C ASN A 274 36.06 22.34 6.55
N ARG A 275 35.95 23.39 5.72
CA ARG A 275 37.12 24.08 5.20
C ARG A 275 37.88 24.80 6.31
N LEU A 276 37.19 25.19 7.39
CA LEU A 276 37.87 25.76 8.55
C LEU A 276 38.70 24.70 9.28
N GLU A 277 38.19 23.47 9.40
CA GLU A 277 39.05 22.39 9.90
C GLU A 277 40.17 22.05 8.92
N LEU A 278 39.96 22.26 7.62
CA LEU A 278 40.99 21.93 6.64
C LEU A 278 42.16 22.90 6.72
N LEU A 279 41.93 24.19 6.44
CA LEU A 279 43.06 25.08 6.21
C LEU A 279 43.76 25.48 7.51
N THR A 280 43.00 25.72 8.58
CA THR A 280 43.62 26.17 9.82
C THR A 280 43.33 25.26 11.02
N GLY A 281 42.42 24.31 10.91
CA GLY A 281 42.14 23.40 11.99
C GLY A 281 41.23 23.95 13.08
N GLU A 282 40.78 25.19 12.95
CA GLU A 282 39.91 25.80 13.95
C GLU A 282 38.50 25.25 13.81
N LYS A 283 37.69 25.49 14.83
CA LYS A 283 36.33 25.00 14.89
C LYS A 283 35.41 26.12 15.35
N ILE A 284 34.21 26.16 14.77
CA ILE A 284 33.21 27.15 15.15
C ILE A 284 32.64 26.70 16.51
N ILE A 285 33.13 27.31 17.58
CA ILE A 285 32.85 26.86 18.93
C ILE A 285 31.63 27.61 19.46
N PHE A 286 30.53 26.89 19.65
CA PHE A 286 29.34 27.45 20.28
C PHE A 286 29.45 27.27 21.78
N ARG A 287 29.43 28.38 22.51
CA ARG A 287 29.56 28.34 23.96
C ARG A 287 28.20 28.56 24.61
N SER A 288 28.03 27.90 25.75
CA SER A 288 26.81 28.04 26.52
C SER A 288 26.74 29.45 27.12
N PRO A 289 25.52 29.95 27.40
CA PRO A 289 25.41 31.28 28.04
C PRO A 289 26.06 31.38 29.41
N ASP A 290 26.11 30.30 30.17
CA ASP A 290 26.87 30.29 31.43
C ASP A 290 28.31 29.87 31.24
N LYS A 291 28.71 29.56 30.00
CA LYS A 291 30.08 29.23 29.57
C LYS A 291 30.63 27.98 30.26
N LYS A 292 29.77 27.08 30.75
CA LYS A 292 30.26 25.83 31.31
C LYS A 292 30.69 24.85 30.21
N GLU A 293 29.92 24.80 29.13
CA GLU A 293 30.20 23.86 28.05
C GLU A 293 30.38 24.61 26.74
N ALA A 294 31.13 23.99 25.83
CA ALA A 294 31.44 24.58 24.54
C ALA A 294 31.47 23.47 23.51
N VAL A 295 30.61 23.56 22.49
CA VAL A 295 30.51 22.54 21.46
C VAL A 295 30.91 23.15 20.12
N HIS A 296 31.35 22.30 19.22
CA HIS A 296 31.75 22.69 17.88
C HIS A 296 30.59 22.52 16.91
N LEU A 297 30.67 23.20 15.77
CA LEU A 297 29.58 23.17 14.81
C LEU A 297 29.71 21.85 14.05
N CYS A 298 28.71 20.98 14.21
CA CYS A 298 28.64 19.73 13.47
C CYS A 298 27.23 19.59 12.93
N ILE A 299 27.11 19.60 11.60
CA ILE A 299 25.81 19.49 10.97
C ILE A 299 25.32 18.05 11.14
N TYR A 300 24.31 17.86 11.96
CA TYR A 300 23.71 16.54 12.16
C TYR A 300 22.54 16.37 11.21
N GLU A 301 22.54 15.26 10.49
CA GLU A 301 21.54 14.97 9.47
C GLU A 301 20.31 14.37 10.14
N ARG A 302 19.22 15.12 10.18
CA ARG A 302 17.97 14.62 10.75
C ARG A 302 17.07 14.13 9.63
N ASN A 303 16.73 12.84 9.68
CA ASN A 303 15.90 12.21 8.66
C ASN A 303 14.52 11.93 9.25
N GLN A 304 13.48 12.29 8.50
CA GLN A 304 12.10 12.05 8.90
C GLN A 304 11.60 10.83 8.12
N SER A 305 11.50 9.69 8.81
CA SER A 305 10.94 8.50 8.20
C SER A 305 9.45 8.67 8.00
N SER A 306 8.94 8.13 6.91
CA SER A 306 7.52 8.21 6.64
C SER A 306 6.75 7.23 7.51
N HIS A 307 5.43 7.41 7.56
CA HIS A 307 4.55 6.59 8.37
C HIS A 307 3.57 5.77 7.52
N LYS A 308 3.75 5.76 6.20
CA LYS A 308 2.87 5.02 5.30
C LYS A 308 3.67 4.00 4.52
N GLY A 309 3.03 2.87 4.22
CA GLY A 309 3.65 1.83 3.41
C GLY A 309 4.73 1.05 4.13
N VAL A 310 5.96 1.16 3.62
CA VAL A 310 7.10 0.44 4.21
C VAL A 310 7.71 1.23 5.37
N CYS A 311 7.19 2.43 5.67
CA CYS A 311 7.73 3.37 6.65
C CYS A 311 9.19 3.69 6.37
N GLY A 312 9.50 3.93 5.10
CA GLY A 312 10.84 4.29 4.70
C GLY A 312 11.17 5.73 5.01
N MET A 313 12.43 6.09 4.80
CA MET A 313 12.89 7.44 5.09
C MET A 313 12.42 8.40 4.02
N ALA A 314 11.72 9.45 4.44
CA ALA A 314 11.01 10.33 3.51
C ALA A 314 11.69 11.66 3.27
N ASN A 315 12.11 12.35 4.32
CA ASN A 315 12.66 13.70 4.18
C ASN A 315 13.89 13.78 5.05
N THR A 316 14.82 14.65 4.67
CA THR A 316 16.05 14.89 5.40
C THR A 316 16.27 16.38 5.55
N THR A 317 16.35 16.85 6.80
CA THR A 317 16.65 18.24 7.10
C THR A 317 17.95 18.29 7.89
N PHE A 318 18.77 19.29 7.59
CA PHE A 318 20.07 19.47 8.23
C PHE A 318 20.01 20.65 9.18
N HIS A 319 20.64 20.50 10.35
CA HIS A 319 20.56 21.47 11.43
C HIS A 319 21.94 21.69 12.04
N VAL A 320 22.02 22.63 12.97
CA VAL A 320 23.26 23.04 13.62
C VAL A 320 23.15 22.75 15.11
N ASN A 321 24.21 22.17 15.68
CA ASN A 321 24.24 21.80 17.10
C ASN A 321 24.77 22.95 17.97
N ASN A 322 24.10 24.09 17.88
CA ASN A 322 24.51 25.27 18.64
C ASN A 322 23.74 25.34 19.95
N ASN A 323 24.45 25.75 21.01
CA ASN A 323 23.85 25.93 22.33
C ASN A 323 24.00 27.36 22.84
N ASN A 324 24.29 28.30 21.96
CA ASN A 324 24.36 29.71 22.34
C ASN A 324 23.02 30.42 22.21
N GLY A 325 21.99 29.74 21.72
CA GLY A 325 20.68 30.32 21.60
C GLY A 325 20.34 30.85 20.24
N THR A 326 21.27 30.83 19.30
CA THR A 326 21.00 31.28 17.95
C THR A 326 20.13 30.28 17.22
N ILE A 327 19.04 30.75 16.63
CA ILE A 327 18.22 29.87 15.82
C ILE A 327 18.82 29.82 14.43
N PHE A 328 19.74 28.88 14.24
CA PHE A 328 20.31 28.63 12.91
C PHE A 328 19.21 28.06 12.03
N PHE A 329 18.76 28.86 11.07
CA PHE A 329 17.56 28.58 10.30
C PHE A 329 17.98 28.28 8.86
N ASP A 330 17.56 27.14 8.36
CA ASP A 330 17.73 26.83 6.95
C ASP A 330 16.41 27.14 6.24
N LEU A 331 16.43 28.12 5.34
CA LEU A 331 15.22 28.46 4.61
C LEU A 331 14.86 27.40 3.59
N TYR A 332 15.84 26.62 3.13
CA TYR A 332 15.58 25.55 2.18
C TYR A 332 14.67 24.48 2.78
N SER A 333 14.97 24.07 4.02
CA SER A 333 14.14 23.10 4.72
C SER A 333 12.75 23.66 5.01
N PHE A 334 12.67 24.94 5.36
CA PHE A 334 11.39 25.56 5.71
C PHE A 334 10.47 25.67 4.50
N ILE A 335 11.00 26.13 3.37
CA ILE A 335 10.16 26.25 2.18
C ILE A 335 9.92 24.88 1.54
N GLN A 336 10.80 23.90 1.78
CA GLN A 336 10.50 22.52 1.43
C GLN A 336 9.30 21.99 2.22
N LYS A 337 9.24 22.33 3.51
CA LYS A 337 8.13 21.87 4.33
C LYS A 337 6.83 22.61 3.99
N SER A 338 6.92 23.91 3.67
CA SER A 338 5.71 24.73 3.55
C SER A 338 5.19 24.80 2.12
N GLU A 339 6.00 25.32 1.19
CA GLU A 339 5.52 25.61 -0.16
C GLU A 339 5.55 24.37 -1.03
N LYS A 340 4.75 24.41 -2.10
CA LYS A 340 4.67 23.35 -3.10
C LYS A 340 5.13 23.94 -4.43
N LEU A 341 6.43 23.83 -4.70
CA LEU A 341 7.03 24.35 -5.91
C LEU A 341 7.83 23.26 -6.60
N ASP A 342 8.09 23.45 -7.90
CA ASP A 342 8.68 22.41 -8.73
C ASP A 342 10.11 22.09 -8.32
N SER A 343 10.93 23.12 -8.11
CA SER A 343 12.25 22.96 -7.52
C SER A 343 12.39 23.97 -6.40
N TYR A 344 13.09 23.57 -5.35
CA TYR A 344 13.24 24.40 -4.17
C TYR A 344 14.59 25.11 -4.11
N LYS A 345 15.33 25.12 -5.21
CA LYS A 345 16.54 25.94 -5.27
C LYS A 345 16.16 27.41 -5.36
N LEU A 346 17.14 28.26 -5.03
CA LEU A 346 16.90 29.67 -4.71
C LEU A 346 16.33 30.46 -5.89
N ASP A 347 16.67 30.05 -7.11
CA ASP A 347 16.18 30.75 -8.30
C ASP A 347 14.68 30.59 -8.49
N SER A 348 14.17 29.36 -8.35
CA SER A 348 12.74 29.12 -8.51
C SER A 348 11.95 29.68 -7.35
N ILE A 349 12.52 29.63 -6.13
CA ILE A 349 11.84 30.19 -4.96
C ILE A 349 11.73 31.70 -5.08
N SER A 350 12.79 32.35 -5.57
CA SER A 350 12.74 33.80 -5.77
C SER A 350 11.87 34.18 -6.95
N LYS A 351 11.75 33.29 -7.95
CA LYS A 351 10.84 33.53 -9.05
C LYS A 351 9.38 33.47 -8.61
N ASN A 352 9.05 32.49 -7.78
CA ASN A 352 7.68 32.37 -7.28
C ASN A 352 7.35 33.46 -6.27
N ALA A 353 8.32 33.82 -5.43
CA ALA A 353 8.06 34.75 -4.34
C ALA A 353 7.98 36.20 -4.83
N PHE A 354 9.05 36.70 -5.44
CA PHE A 354 9.16 38.11 -5.79
C PHE A 354 8.79 38.32 -7.25
N SER A 355 7.49 38.18 -7.51
CA SER A 355 6.91 38.42 -8.81
C SER A 355 6.11 39.71 -8.77
N CYS A 356 6.29 40.57 -9.77
CA CYS A 356 5.59 41.85 -9.80
C CYS A 356 5.22 42.18 -11.24
N MET A 357 4.20 43.04 -11.38
CA MET A 357 3.79 43.57 -12.67
C MET A 357 4.58 44.83 -12.96
N GLY A 358 5.15 44.91 -14.15
CA GLY A 358 5.90 46.09 -14.53
C GLY A 358 5.46 46.66 -15.87
N LYS A 359 4.98 47.91 -15.86
CA LYS A 359 4.64 48.56 -17.11
C LYS A 359 5.87 49.22 -17.71
N VAL A 360 5.82 49.44 -19.02
CA VAL A 360 6.97 49.94 -19.78
C VAL A 360 6.71 51.39 -20.14
N LEU A 361 7.62 52.27 -19.70
CA LEU A 361 7.56 53.68 -20.06
C LEU A 361 8.58 54.04 -21.14
N ASN A 362 9.75 53.42 -21.14
CA ASN A 362 10.78 53.67 -22.13
C ASN A 362 11.23 52.36 -22.76
N ARG A 363 11.31 52.33 -24.08
CA ARG A 363 11.79 51.17 -24.82
C ARG A 363 13.07 51.53 -25.56
N GLY A 364 14.02 50.61 -25.59
CA GLY A 364 15.28 50.81 -26.27
C GLY A 364 15.63 49.61 -27.14
N VAL A 365 16.79 49.73 -27.79
CA VAL A 365 17.29 48.63 -28.61
C VAL A 365 17.70 47.45 -27.74
N ARG A 366 18.43 47.73 -26.66
CA ARG A 366 18.82 46.70 -25.71
C ARG A 366 18.47 47.03 -24.27
N GLU A 367 18.16 48.29 -23.94
CA GLU A 367 17.80 48.70 -22.59
C GLU A 367 16.32 49.00 -22.55
N MET A 368 15.54 48.13 -21.92
CA MET A 368 14.09 48.25 -21.86
C MET A 368 13.71 48.56 -20.42
N THR A 369 13.03 49.69 -20.22
CA THR A 369 12.80 50.25 -18.90
C THR A 369 11.44 49.79 -18.38
N PHE A 370 11.42 49.21 -17.19
CA PHE A 370 10.19 48.74 -16.56
C PHE A 370 9.87 49.57 -15.32
N ILE A 371 8.60 49.93 -15.17
CA ILE A 371 8.11 50.66 -14.02
C ILE A 371 7.02 49.84 -13.36
N GLY A 372 7.17 49.60 -12.07
CA GLY A 372 6.14 48.91 -11.29
C GLY A 372 5.78 49.71 -10.06
N ASP A 373 4.49 49.78 -9.79
CA ASP A 373 3.98 50.55 -8.66
C ASP A 373 2.66 49.92 -8.19
N ASP A 374 1.90 50.66 -7.38
CA ASP A 374 0.63 50.16 -6.86
C ASP A 374 -0.45 50.09 -7.93
N THR A 375 -0.28 50.79 -9.05
CA THR A 375 -1.24 50.67 -10.15
C THR A 375 -1.05 49.39 -10.93
N THR A 376 0.20 48.95 -11.11
CA THR A 376 0.48 47.77 -11.93
C THR A 376 0.09 46.49 -11.21
N ASP A 377 0.44 46.37 -9.93
CA ASP A 377 0.19 45.15 -9.18
C ASP A 377 -0.52 45.45 -7.86
N ALA A 378 -0.61 44.46 -6.98
CA ALA A 378 -1.27 44.65 -5.70
C ALA A 378 -0.40 45.50 -4.77
N LYS A 379 -1.00 45.92 -3.65
CA LYS A 379 -0.31 46.79 -2.70
C LYS A 379 0.77 46.01 -1.96
N GLY A 380 1.99 46.55 -1.96
CA GLY A 380 3.11 45.92 -1.30
C GLY A 380 3.93 44.98 -2.15
N LYS A 381 3.41 44.59 -3.32
CA LYS A 381 4.16 43.70 -4.20
C LYS A 381 5.29 44.44 -4.90
N ALA A 382 5.03 45.67 -5.35
CA ALA A 382 6.08 46.47 -5.99
C ALA A 382 7.12 46.95 -4.99
N ASP A 383 6.70 47.23 -3.75
CA ASP A 383 7.66 47.58 -2.70
C ASP A 383 8.56 46.40 -2.36
N THR A 384 7.99 45.20 -2.33
CA THR A 384 8.79 43.99 -2.12
C THR A 384 9.75 43.76 -3.29
N PHE A 385 9.29 44.01 -4.52
CA PHE A 385 10.16 43.85 -5.69
C PHE A 385 11.30 44.88 -5.67
N ALA A 386 11.01 46.10 -5.21
CA ALA A 386 12.08 47.10 -5.07
C ALA A 386 13.06 46.72 -3.98
N LYS A 387 12.56 46.13 -2.89
CA LYS A 387 13.42 45.66 -1.81
C LYS A 387 14.36 44.56 -2.28
N VAL A 388 13.86 43.63 -3.09
CA VAL A 388 14.73 42.59 -3.65
C VAL A 388 15.65 43.18 -4.72
N LEU A 389 15.17 44.16 -5.49
CA LEU A 389 15.94 44.78 -6.56
C LEU A 389 17.04 45.69 -6.03
N THR A 390 16.99 46.04 -4.74
CA THR A 390 18.06 46.83 -4.12
C THR A 390 19.42 46.12 -4.22
N THR A 391 19.45 44.81 -3.99
CA THR A 391 20.66 44.03 -4.18
C THR A 391 20.58 43.07 -5.36
N GLY A 392 19.48 43.08 -6.11
CA GLY A 392 19.32 42.15 -7.21
C GLY A 392 20.14 42.52 -8.43
N ASN A 393 20.34 41.54 -9.30
CA ASN A 393 21.19 41.72 -10.47
C ASN A 393 20.52 41.27 -11.76
N TYR A 394 19.63 40.29 -11.69
CA TYR A 394 18.97 39.73 -12.85
C TYR A 394 17.48 39.63 -12.64
N VAL A 395 16.71 40.06 -13.64
CA VAL A 395 15.25 39.99 -13.61
C VAL A 395 14.79 39.13 -14.77
N THR A 396 13.95 38.14 -14.48
CA THR A 396 13.36 37.28 -15.50
C THR A 396 12.03 37.87 -15.94
N VAL A 397 11.89 38.11 -17.25
CA VAL A 397 10.71 38.76 -17.81
C VAL A 397 9.86 37.72 -18.53
N ASP A 398 8.57 37.66 -18.16
CA ASP A 398 7.55 36.80 -18.77
C ASP A 398 7.93 35.32 -18.75
N GLU A 399 8.56 34.88 -17.66
CA GLU A 399 8.99 33.51 -17.36
C GLU A 399 9.99 32.93 -18.36
N ASP A 400 10.48 33.70 -19.33
CA ASP A 400 11.29 33.11 -20.38
C ASP A 400 12.57 33.87 -20.64
N ILE A 401 12.55 35.19 -20.47
CA ILE A 401 13.65 36.06 -20.88
C ILE A 401 14.32 36.59 -19.61
N ILE A 402 15.60 36.27 -19.46
CA ILE A 402 16.38 36.65 -18.29
C ILE A 402 17.27 37.83 -18.65
N CYS A 403 17.18 38.91 -17.88
CA CYS A 403 17.77 40.18 -18.24
C CYS A 403 18.66 40.69 -17.11
N LYS A 404 19.87 41.10 -17.46
CA LYS A 404 20.78 41.71 -16.50
C LYS A 404 20.35 43.14 -16.20
N VAL A 405 20.46 43.53 -14.93
CA VAL A 405 20.12 44.89 -14.51
C VAL A 405 21.33 45.78 -14.77
N ILE A 406 21.12 46.83 -15.56
CA ILE A 406 22.17 47.82 -15.81
C ILE A 406 22.13 48.93 -14.77
N ARG A 407 20.96 49.52 -14.56
CA ARG A 407 20.76 50.59 -13.59
C ARG A 407 19.44 50.37 -12.88
N LYS A 408 19.44 50.56 -11.57
CA LYS A 408 18.26 50.34 -10.74
C LYS A 408 18.00 51.58 -9.88
N ASP A 409 16.77 52.08 -9.92
CA ASP A 409 16.35 53.22 -9.13
C ASP A 409 15.18 52.81 -8.25
N ILE A 410 15.28 53.08 -6.96
CA ILE A 410 14.27 52.72 -5.98
C ILE A 410 13.35 53.91 -5.78
N LEU A 411 12.07 53.72 -6.11
CA LEU A 411 11.08 54.78 -5.99
C LEU A 411 10.49 54.80 -4.58
N GLU A 412 9.57 55.74 -4.35
CA GLU A 412 8.92 55.83 -3.04
C GLU A 412 7.91 54.71 -2.83
N ASN A 413 7.18 54.34 -3.88
CA ASN A 413 6.17 53.29 -3.82
C ASN A 413 6.33 52.34 -5.00
N GLY A 414 7.56 51.96 -5.29
CA GLY A 414 7.80 51.07 -6.42
C GLY A 414 9.27 51.04 -6.78
N PHE A 415 9.53 50.70 -8.04
CA PHE A 415 10.89 50.51 -8.53
C PHE A 415 11.02 51.05 -9.95
N LYS A 416 12.25 51.38 -10.32
CA LYS A 416 12.58 51.78 -11.69
C LYS A 416 13.87 51.07 -12.08
N VAL A 417 13.79 50.23 -13.11
CA VAL A 417 14.93 49.41 -13.52
C VAL A 417 14.96 49.33 -15.05
N VAL A 418 16.15 49.47 -15.62
CA VAL A 418 16.39 49.18 -17.03
C VAL A 418 16.95 47.76 -17.12
N LEU A 419 16.58 47.06 -18.19
CA LEU A 419 16.92 45.66 -18.34
C LEU A 419 17.55 45.39 -19.69
N SER A 420 18.48 44.43 -19.71
CA SER A 420 19.10 43.97 -20.95
C SER A 420 18.09 43.07 -21.67
N CYS A 421 17.14 43.71 -22.35
CA CYS A 421 16.00 43.03 -22.92
C CYS A 421 15.83 43.41 -24.39
N PRO A 422 15.41 42.47 -25.23
CA PRO A 422 14.96 42.84 -26.58
C PRO A 422 13.64 43.59 -26.52
N THR A 423 13.35 44.30 -27.62
CA THR A 423 12.14 45.10 -27.70
C THR A 423 10.92 44.19 -27.79
N LEU A 424 9.94 44.45 -26.93
CA LEU A 424 8.77 43.60 -26.79
C LEU A 424 7.48 44.42 -26.97
N PRO A 425 6.44 43.85 -27.56
CA PRO A 425 5.28 44.68 -27.93
C PRO A 425 4.39 45.10 -26.77
N ASN A 426 4.10 44.21 -25.83
CA ASN A 426 3.09 44.47 -24.82
C ASN A 426 3.58 45.46 -23.77
N ASP A 427 2.63 46.06 -23.05
CA ASP A 427 2.94 47.09 -22.07
C ASP A 427 3.17 46.54 -20.67
N ILE A 428 2.32 45.61 -20.22
CA ILE A 428 2.40 45.07 -18.87
C ILE A 428 2.99 43.67 -18.96
N TYR A 429 4.07 43.45 -18.22
CA TYR A 429 4.75 42.16 -18.18
C TYR A 429 5.01 41.75 -16.74
N LYS A 430 5.18 40.45 -16.54
CA LYS A 430 5.51 39.91 -15.23
C LYS A 430 7.02 39.98 -15.03
N LEU A 431 7.44 40.66 -13.97
CA LEU A 431 8.84 40.74 -13.59
C LEU A 431 9.08 39.86 -12.37
N SER A 432 10.09 39.00 -12.45
CA SER A 432 10.42 38.10 -11.35
C SER A 432 11.91 37.84 -11.36
N PHE A 433 12.39 37.30 -10.25
CA PHE A 433 13.82 36.98 -10.10
C PHE A 433 13.97 35.47 -10.28
N GLY A 434 14.10 35.05 -11.53
CA GLY A 434 14.18 33.63 -11.82
C GLY A 434 15.60 33.11 -11.91
N LYS A 435 15.92 32.46 -13.01
CA LYS A 435 17.24 31.88 -13.21
C LYS A 435 18.26 32.98 -13.53
N ASP A 436 19.51 32.56 -13.67
CA ASP A 436 20.61 33.48 -13.94
C ASP A 436 21.35 32.96 -15.17
N ASP A 437 21.35 33.75 -16.26
CA ASP A 437 21.90 33.28 -17.53
C ASP A 437 23.42 33.48 -17.57
N ILE A 438 24.09 32.74 -16.68
CA ILE A 438 25.55 32.60 -16.70
C ILE A 438 25.88 31.14 -16.56
N ASP A 439 27.07 30.78 -17.01
CA ASP A 439 27.61 29.42 -16.87
C ASP A 439 28.73 29.49 -15.85
N LEU A 440 28.42 29.14 -14.60
CA LEU A 440 29.30 29.44 -13.47
C LEU A 440 30.59 28.63 -13.48
N ALA A 441 30.58 27.44 -14.09
CA ALA A 441 31.80 26.65 -14.18
C ALA A 441 32.81 27.30 -15.12
N GLN A 442 32.36 27.69 -16.32
CA GLN A 442 33.23 28.42 -17.25
C GLN A 442 33.57 29.81 -16.71
N MET A 443 32.64 30.42 -15.99
CA MET A 443 32.87 31.71 -15.36
C MET A 443 33.94 31.63 -14.27
N TYR A 444 34.00 30.50 -13.56
CA TYR A 444 35.11 30.27 -12.64
C TYR A 444 36.39 29.87 -13.37
N LYS A 445 36.25 29.32 -14.59
CA LYS A 445 37.42 28.83 -15.32
C LYS A 445 38.30 29.96 -15.81
N ASP A 446 37.70 31.06 -16.26
CA ASP A 446 38.43 32.21 -16.79
C ASP A 446 38.39 33.40 -15.82
N TYR A 447 38.53 33.08 -14.53
CA TYR A 447 38.26 33.95 -13.40
C TYR A 447 39.13 35.21 -13.36
N ASN A 448 38.52 36.37 -13.59
CA ASN A 448 39.22 37.64 -13.41
C ASN A 448 38.41 38.55 -12.49
N LEU A 449 38.84 39.81 -12.34
CA LEU A 449 38.31 40.66 -11.28
C LEU A 449 36.88 41.11 -11.54
N ASN A 450 36.53 41.35 -12.81
CA ASN A 450 35.15 41.69 -13.15
C ASN A 450 34.22 40.52 -12.85
N ILE A 451 34.66 39.30 -13.15
CA ILE A 451 33.94 38.10 -12.74
C ILE A 451 33.82 38.00 -11.23
N ALA A 452 34.90 38.29 -10.50
CA ALA A 452 34.89 38.22 -9.04
C ALA A 452 33.90 39.22 -8.46
N LEU A 453 33.85 40.43 -9.01
CA LEU A 453 32.91 41.43 -8.50
C LEU A 453 31.47 41.11 -8.90
N ASP A 454 31.25 40.55 -10.09
CA ASP A 454 29.90 40.16 -10.50
C ASP A 454 29.36 39.02 -9.63
N MET A 455 30.19 38.01 -9.34
CA MET A 455 29.67 36.98 -8.46
C MET A 455 29.70 37.38 -6.99
N ALA A 456 30.45 38.42 -6.63
CA ALA A 456 30.25 39.05 -5.32
C ALA A 456 28.88 39.71 -5.24
N ARG A 457 28.45 40.35 -6.34
CA ARG A 457 27.11 40.91 -6.40
C ARG A 457 26.05 39.82 -6.36
N TYR A 458 26.28 38.70 -7.04
CA TYR A 458 25.32 37.59 -6.99
C TYR A 458 25.30 36.94 -5.61
N CYS A 459 26.45 36.86 -4.95
CA CYS A 459 26.53 36.30 -3.60
C CYS A 459 25.84 37.19 -2.58
N ILE A 460 26.01 38.52 -2.68
CA ILE A 460 25.30 39.41 -1.77
C ILE A 460 23.82 39.45 -2.12
N HIS A 461 23.47 39.19 -3.39
CA HIS A 461 22.06 39.05 -3.74
C HIS A 461 21.45 37.81 -3.10
N ASP A 462 22.20 36.70 -3.06
CA ASP A 462 21.69 35.50 -2.41
C ASP A 462 21.61 35.65 -0.90
N ALA A 463 22.61 36.31 -0.29
CA ALA A 463 22.60 36.54 1.14
C ALA A 463 21.47 37.46 1.56
N CYS A 464 21.22 38.54 0.80
CA CYS A 464 20.07 39.38 1.07
C CYS A 464 18.77 38.72 0.63
N LEU A 465 18.84 37.78 -0.31
CA LEU A 465 17.67 37.03 -0.75
C LEU A 465 17.15 36.13 0.36
N CYS A 466 18.05 35.64 1.21
CA CYS A 466 17.64 34.99 2.45
C CYS A 466 16.82 35.93 3.33
N GLN A 467 17.22 37.21 3.43
CA GLN A 467 16.46 38.19 4.20
C GLN A 467 15.10 38.48 3.55
N TYR A 468 15.08 38.59 2.23
CA TYR A 468 13.83 38.93 1.54
C TYR A 468 12.85 37.77 1.58
N LEU A 469 13.35 36.53 1.58
CA LEU A 469 12.50 35.36 1.77
C LEU A 469 12.08 35.22 3.23
N TRP A 470 12.92 35.66 4.16
CA TRP A 470 12.57 35.68 5.58
C TRP A 470 11.42 36.63 5.83
N GLU A 471 11.50 37.83 5.26
CA GLU A 471 10.44 38.83 5.44
C GLU A 471 9.22 38.54 4.59
N TYR A 472 9.41 37.85 3.45
CA TYR A 472 8.28 37.52 2.58
C TYR A 472 7.36 36.49 3.22
N TYR A 473 7.92 35.45 3.81
CA TYR A 473 7.13 34.40 4.43
C TYR A 473 6.73 34.74 5.85
N GLY A 474 7.25 35.83 6.42
CA GLY A 474 6.94 36.24 7.78
C GLY A 474 7.41 35.25 8.80
N VAL A 475 8.67 34.82 8.68
CA VAL A 475 9.12 33.65 9.42
C VAL A 475 9.33 33.99 10.89
N GLU A 476 9.71 35.23 11.23
CA GLU A 476 9.79 35.61 12.63
C GLU A 476 8.41 35.65 13.29
N THR A 477 7.40 36.12 12.58
CA THR A 477 6.05 36.16 13.14
C THR A 477 5.43 34.78 13.20
N LYS A 478 5.69 33.94 12.19
CA LYS A 478 5.25 32.55 12.22
C LYS A 478 5.98 31.78 13.31
N THR A 479 7.23 32.11 13.57
CA THR A 479 8.01 31.47 14.63
C THR A 479 7.46 31.82 16.01
N ASP A 480 7.15 33.11 16.22
CA ASP A 480 6.55 33.52 17.49
C ASP A 480 5.14 32.95 17.65
N ALA A 481 4.38 32.89 16.56
CA ALA A 481 3.04 32.34 16.62
C ALA A 481 3.05 30.84 16.89
N GLY A 482 4.03 30.12 16.31
CA GLY A 482 4.17 28.72 16.62
C GLY A 482 4.69 28.47 18.02
N ALA A 483 5.52 29.38 18.52
CA ALA A 483 6.00 29.25 19.90
C ALA A 483 4.87 29.47 20.90
N ALA A 484 3.99 30.43 20.62
CA ALA A 484 2.88 30.68 21.54
C ALA A 484 1.79 29.63 21.40
N THR A 485 1.51 29.20 20.17
CA THR A 485 0.37 28.31 19.94
C THR A 485 0.73 26.86 20.25
N TYR A 486 1.77 26.33 19.60
CA TYR A 486 2.18 24.95 19.81
C TYR A 486 2.88 24.73 21.15
N VAL A 487 3.23 25.83 21.84
CA VAL A 487 3.91 25.88 23.13
C VAL A 487 5.20 25.08 23.00
N LEU A 488 6.06 25.54 22.11
CA LEU A 488 7.35 24.96 21.78
C LEU A 488 8.39 26.07 21.82
N PRO A 489 9.67 25.73 21.94
CA PRO A 489 10.71 26.75 21.76
C PRO A 489 10.70 27.26 20.33
N GLN A 490 11.20 28.50 20.17
CA GLN A 490 11.15 29.17 18.87
C GLN A 490 12.02 28.46 17.83
N SER A 491 13.07 27.78 18.28
CA SER A 491 13.86 26.97 17.36
C SER A 491 13.11 25.71 16.96
N MET A 492 12.21 25.24 17.81
CA MET A 492 11.56 23.94 17.64
C MET A 492 10.24 24.02 16.91
N VAL A 493 9.88 25.19 16.37
CA VAL A 493 8.54 25.42 15.85
C VAL A 493 8.31 24.68 14.54
N PHE A 494 9.22 24.85 13.59
CA PHE A 494 9.07 24.24 12.26
C PHE A 494 9.75 22.89 12.14
N GLU A 495 10.68 22.58 13.04
CA GLU A 495 11.42 21.32 12.98
C GLU A 495 10.59 20.12 13.44
N TYR A 496 9.38 20.33 13.96
CA TYR A 496 8.51 19.26 14.40
C TYR A 496 7.21 19.28 13.61
N ARG A 497 6.70 18.08 13.34
CA ARG A 497 5.44 17.90 12.62
C ARG A 497 4.30 17.86 13.64
N ALA A 498 3.14 17.36 13.22
CA ALA A 498 1.85 17.67 13.85
C ALA A 498 1.73 17.16 15.28
N SER A 499 2.36 16.02 15.60
CA SER A 499 2.17 15.39 16.90
C SER A 499 2.83 16.20 18.02
N THR A 500 4.08 16.61 17.81
CA THR A 500 4.76 17.39 18.84
C THR A 500 4.15 18.78 18.99
N ILE A 501 3.72 19.38 17.88
CA ILE A 501 3.08 20.69 17.96
C ILE A 501 1.65 20.64 18.47
N ILE A 502 1.04 19.45 18.57
CA ILE A 502 -0.23 19.36 19.29
C ILE A 502 -0.02 18.99 20.76
N LYS A 503 1.13 18.40 21.11
CA LYS A 503 1.32 17.94 22.49
C LYS A 503 1.49 19.09 23.49
N GLY A 504 1.69 20.32 23.03
CA GLY A 504 1.74 21.48 23.91
C GLY A 504 0.38 22.00 24.35
N PRO A 505 -0.45 22.45 23.39
CA PRO A 505 -1.82 22.86 23.75
C PRO A 505 -2.68 21.74 24.30
N LEU A 506 -2.42 20.47 23.96
CA LEU A 506 -3.09 19.37 24.64
C LEU A 506 -2.67 19.28 26.10
N LEU A 507 -1.40 19.59 26.39
CA LEU A 507 -0.95 19.63 27.79
C LEU A 507 -1.63 20.75 28.56
N LYS A 508 -1.75 21.94 27.92
CA LYS A 508 -2.54 23.04 28.47
C LYS A 508 -3.96 22.60 28.78
N LEU A 509 -4.60 21.97 27.80
CA LEU A 509 -5.98 21.52 27.91
C LEU A 509 -6.16 20.49 29.01
N LEU A 510 -5.23 19.53 29.10
CA LEU A 510 -5.31 18.51 30.12
C LEU A 510 -5.06 19.05 31.52
N LEU A 511 -4.31 20.15 31.64
CA LEU A 511 -4.13 20.71 32.97
C LEU A 511 -5.25 21.68 33.38
N GLU A 512 -5.94 22.33 32.43
CA GLU A 512 -7.15 23.05 32.84
C GLU A 512 -8.30 22.10 33.11
N THR A 513 -8.47 21.06 32.29
CA THR A 513 -9.63 20.19 32.42
C THR A 513 -9.48 19.12 33.49
N LYS A 514 -8.28 18.98 34.09
CA LYS A 514 -7.95 17.96 35.09
C LYS A 514 -8.23 16.55 34.56
N THR A 515 -7.72 16.27 33.36
CA THR A 515 -7.99 15.02 32.66
C THR A 515 -6.69 14.33 32.31
N ILE A 516 -6.65 13.02 32.44
CA ILE A 516 -5.53 12.20 32.00
C ILE A 516 -6.08 11.14 31.06
N LEU A 517 -5.48 11.04 29.87
CA LEU A 517 -5.86 10.03 28.88
C LEU A 517 -4.74 8.99 28.79
N VAL A 518 -5.10 7.73 29.04
CA VAL A 518 -4.14 6.63 29.02
C VAL A 518 -4.65 5.55 28.09
N ARG A 519 -3.71 4.79 27.52
CA ARG A 519 -4.01 3.70 26.58
C ARG A 519 -3.30 2.44 27.09
N SER A 520 -4.05 1.61 27.83
CA SER A 520 -3.46 0.41 28.40
C SER A 520 -3.21 -0.66 27.35
N GLU A 521 -4.18 -0.90 26.48
CA GLU A 521 -4.04 -1.92 25.44
C GLU A 521 -3.22 -1.39 24.27
N THR A 522 -2.71 -2.31 23.46
CA THR A 522 -1.95 -1.94 22.28
C THR A 522 -2.89 -1.37 21.21
N LYS A 523 -2.28 -0.64 20.28
CA LYS A 523 -3.04 0.04 19.22
C LYS A 523 -2.96 -0.78 17.94
N GLN A 524 -4.11 -1.27 17.49
CA GLN A 524 -4.19 -2.13 16.32
C GLN A 524 -4.67 -1.33 15.11
N LYS A 525 -4.61 -1.96 13.94
CA LYS A 525 -4.64 -1.27 12.66
C LYS A 525 -5.99 -1.45 11.98
N PHE A 526 -6.60 -0.34 11.55
CA PHE A 526 -7.78 -0.39 10.71
C PHE A 526 -7.69 0.68 9.64
N PRO A 527 -8.11 0.40 8.41
CA PRO A 527 -8.44 1.48 7.48
C PRO A 527 -9.87 1.97 7.70
N TYR A 528 -10.14 3.18 7.23
CA TYR A 528 -11.48 3.74 7.33
C TYR A 528 -11.75 4.63 6.12
N GLU A 529 -12.93 5.25 6.12
CA GLU A 529 -13.38 6.07 5.01
C GLU A 529 -13.27 7.54 5.36
N GLY A 530 -12.69 8.33 4.48
CA GLY A 530 -12.56 9.76 4.64
C GLY A 530 -13.77 10.52 4.15
N GLY A 531 -13.52 11.71 3.61
CA GLY A 531 -14.61 12.54 3.12
C GLY A 531 -15.20 12.02 1.82
N LYS A 532 -16.43 12.44 1.56
CA LYS A 532 -17.18 12.00 0.39
C LYS A 532 -16.98 13.02 -0.73
N VAL A 533 -16.22 12.63 -1.74
CA VAL A 533 -16.02 13.46 -2.92
C VAL A 533 -17.04 13.05 -3.97
N PHE A 534 -17.96 13.95 -4.29
CA PHE A 534 -19.05 13.65 -5.21
C PHE A 534 -18.55 13.59 -6.65
N ALA A 535 -19.26 12.84 -7.47
CA ALA A 535 -19.00 12.85 -8.90
C ALA A 535 -19.53 14.14 -9.49
N PRO A 536 -18.73 14.86 -10.30
CA PRO A 536 -19.27 16.03 -11.02
C PRO A 536 -20.31 15.60 -12.03
N LYS A 537 -21.51 16.18 -11.90
CA LYS A 537 -22.65 15.75 -12.71
C LYS A 537 -22.53 16.18 -14.16
N GLN A 538 -21.86 17.30 -14.41
CA GLN A 538 -21.53 17.71 -15.77
C GLN A 538 -20.04 17.97 -15.87
N LYS A 539 -19.46 17.56 -16.99
CA LYS A 539 -18.04 17.79 -17.22
C LYS A 539 -17.75 19.27 -17.48
N MET A 540 -18.69 19.97 -18.09
CA MET A 540 -18.57 21.39 -18.37
C MET A 540 -19.74 22.15 -17.79
N PHE A 541 -19.51 23.39 -17.37
CA PHE A 541 -20.57 24.30 -16.96
C PHE A 541 -20.42 25.62 -17.69
N SER A 542 -21.44 25.98 -18.47
CA SER A 542 -21.53 27.34 -19.00
C SER A 542 -22.13 28.31 -18.01
N ASN A 543 -22.73 27.79 -16.94
CA ASN A 543 -23.37 28.61 -15.91
C ASN A 543 -22.41 28.83 -14.74
N ASN A 544 -22.80 29.76 -13.86
CA ASN A 544 -22.02 30.04 -12.67
C ASN A 544 -22.22 28.92 -11.64
N VAL A 545 -21.16 28.60 -10.92
CA VAL A 545 -21.17 27.57 -9.88
C VAL A 545 -20.84 28.24 -8.56
N LEU A 546 -21.74 28.11 -7.59
CA LEU A 546 -21.57 28.74 -6.29
C LEU A 546 -20.81 27.81 -5.37
N ILE A 547 -19.85 28.36 -4.63
CA ILE A 547 -18.97 27.57 -3.78
C ILE A 547 -19.33 27.86 -2.33
N PHE A 548 -19.94 26.89 -1.66
CA PHE A 548 -20.31 27.00 -0.25
C PHE A 548 -19.40 26.08 0.54
N ASP A 549 -18.40 26.65 1.19
CA ASP A 549 -17.40 25.90 1.94
C ASP A 549 -17.67 26.05 3.43
N TYR A 550 -17.64 24.93 4.14
CA TYR A 550 -17.82 24.95 5.59
C TYR A 550 -16.65 25.65 6.27
N ASN A 551 -16.96 26.49 7.25
CA ASN A 551 -15.92 27.18 8.03
C ASN A 551 -15.28 26.18 8.99
N SER A 552 -14.15 25.59 8.55
CA SER A 552 -13.36 24.63 9.33
C SER A 552 -14.21 23.45 9.76
N LEU A 553 -14.58 22.64 8.76
CA LEU A 553 -15.67 21.66 8.89
C LEU A 553 -15.40 20.65 9.99
N TYR A 554 -14.27 19.96 9.94
CA TYR A 554 -13.99 18.87 10.86
C TYR A 554 -13.70 19.32 12.30
N PRO A 555 -13.09 20.49 12.56
CA PRO A 555 -13.21 21.05 13.91
C PRO A 555 -14.63 21.27 14.39
N ASN A 556 -15.53 21.77 13.53
CA ASN A 556 -16.92 21.93 13.93
C ASN A 556 -17.62 20.59 14.11
N VAL A 557 -17.18 19.58 13.38
CA VAL A 557 -17.65 18.21 13.54
C VAL A 557 -17.27 17.67 14.92
N CYS A 558 -16.01 17.86 15.31
CA CYS A 558 -15.56 17.35 16.60
C CYS A 558 -16.20 18.12 17.76
N ILE A 559 -16.34 19.44 17.63
CA ILE A 559 -16.96 20.23 18.69
C ILE A 559 -18.45 19.93 18.79
N PHE A 560 -19.12 19.76 17.66
CA PHE A 560 -20.54 19.41 17.66
C PHE A 560 -20.79 18.02 18.23
N GLY A 561 -20.09 17.02 17.72
CA GLY A 561 -20.37 15.66 18.09
C GLY A 561 -19.74 15.18 19.37
N ASN A 562 -18.95 16.03 20.04
CA ASN A 562 -18.13 15.68 21.20
C ASN A 562 -17.25 14.47 20.91
N LEU A 563 -16.58 14.52 19.76
CA LEU A 563 -15.80 13.39 19.24
C LEU A 563 -14.40 13.44 19.82
N SER A 564 -14.30 13.05 21.09
CA SER A 564 -13.06 12.91 21.82
C SER A 564 -12.89 11.45 22.20
N PRO A 565 -11.65 10.99 22.42
CA PRO A 565 -11.47 9.60 22.86
C PRO A 565 -12.12 9.24 24.19
N GLU A 566 -12.23 10.16 25.14
CA GLU A 566 -12.80 9.77 26.42
C GLU A 566 -14.31 9.96 26.46
N THR A 567 -14.88 10.77 25.57
CA THR A 567 -16.33 10.90 25.51
C THR A 567 -16.96 9.78 24.71
N LEU A 568 -16.15 8.95 24.06
CA LEU A 568 -16.63 7.73 23.41
C LEU A 568 -17.17 6.78 24.49
N VAL A 569 -18.50 6.65 24.54
CA VAL A 569 -19.11 5.75 25.51
C VAL A 569 -18.81 4.30 25.14
N GLY A 570 -18.95 3.96 23.87
CA GLY A 570 -18.59 2.65 23.40
C GLY A 570 -18.76 2.60 21.90
N VAL A 571 -18.25 1.52 21.31
CA VAL A 571 -18.38 1.26 19.89
C VAL A 571 -19.27 0.05 19.74
N VAL A 572 -20.46 0.24 19.18
CA VAL A 572 -21.43 -0.83 19.00
C VAL A 572 -21.27 -1.36 17.59
N VAL A 573 -20.93 -2.64 17.47
CA VAL A 573 -20.73 -3.30 16.19
C VAL A 573 -21.68 -4.47 16.08
N SER A 574 -21.95 -4.88 14.84
CA SER A 574 -22.87 -5.98 14.59
C SER A 574 -22.37 -6.76 13.38
N THR A 575 -22.27 -8.07 13.53
CA THR A 575 -21.90 -8.94 12.42
C THR A 575 -23.09 -9.26 11.52
N ASN A 576 -24.31 -9.00 11.97
CA ASN A 576 -25.52 -9.37 11.24
C ASN A 576 -26.52 -8.22 11.32
N ARG A 577 -27.52 -8.28 10.45
CA ARG A 577 -28.54 -7.24 10.39
C ARG A 577 -29.51 -7.32 11.56
N LEU A 578 -29.73 -8.52 12.11
CA LEU A 578 -30.67 -8.69 13.20
C LEU A 578 -30.13 -8.08 14.49
N GLU A 579 -28.86 -8.36 14.80
CA GLU A 579 -28.19 -7.68 15.90
C GLU A 579 -28.04 -6.19 15.63
N GLU A 580 -27.91 -5.81 14.36
CA GLU A 580 -27.85 -4.39 14.01
C GLU A 580 -29.15 -3.68 14.36
N GLU A 581 -30.29 -4.30 14.07
CA GLU A 581 -31.58 -3.68 14.38
C GLU A 581 -31.88 -3.70 15.87
N ILE A 582 -31.49 -4.78 16.57
CA ILE A 582 -31.62 -4.83 18.03
C ILE A 582 -30.77 -3.73 18.67
N ASN A 583 -29.54 -3.57 18.19
CA ASN A 583 -28.66 -2.53 18.72
C ASN A 583 -29.14 -1.14 18.34
N ASN A 584 -29.78 -0.98 17.18
CA ASN A 584 -30.37 0.31 16.81
C ASN A 584 -31.50 0.69 17.76
N GLN A 585 -32.39 -0.25 18.06
CA GLN A 585 -33.48 0.03 18.99
C GLN A 585 -32.96 0.29 20.40
N LEU A 586 -31.99 -0.50 20.87
CA LEU A 586 -31.43 -0.28 22.19
C LEU A 586 -30.56 0.96 22.26
N LEU A 587 -30.05 1.44 21.13
CA LEU A 587 -29.38 2.73 21.09
C LEU A 587 -30.36 3.88 21.14
N LEU A 588 -31.54 3.70 20.54
CA LEU A 588 -32.58 4.72 20.66
C LEU A 588 -33.11 4.82 22.08
N GLN A 589 -33.27 3.69 22.78
CA GLN A 589 -33.77 3.78 24.15
C GLN A 589 -32.68 4.14 25.16
N LYS A 590 -31.52 3.48 25.08
CA LYS A 590 -30.51 3.60 26.14
C LYS A 590 -29.84 4.97 26.14
N TYR A 591 -29.43 5.44 24.98
CA TYR A 591 -28.72 6.71 24.89
C TYR A 591 -29.60 7.73 24.18
N PRO A 592 -30.11 8.75 24.88
CA PRO A 592 -31.04 9.69 24.26
C PRO A 592 -30.35 10.53 23.20
N PRO A 593 -31.07 10.94 22.15
CA PRO A 593 -30.48 11.71 21.05
C PRO A 593 -29.91 13.07 21.43
N PRO A 594 -30.47 13.85 22.40
CA PRO A 594 -29.77 15.11 22.73
C PRO A 594 -28.47 14.91 23.50
N ARG A 595 -28.44 14.04 24.51
CA ARG A 595 -27.22 13.87 25.30
C ARG A 595 -26.16 13.07 24.55
N TYR A 596 -26.58 12.03 23.82
CA TYR A 596 -25.65 11.18 23.10
C TYR A 596 -25.97 11.23 21.61
N ILE A 597 -24.93 11.27 20.78
CA ILE A 597 -25.08 11.21 19.33
C ILE A 597 -24.58 9.86 18.85
N THR A 598 -25.40 9.20 18.04
CA THR A 598 -25.05 7.90 17.48
C THR A 598 -24.54 8.11 16.06
N VAL A 599 -23.28 7.74 15.83
CA VAL A 599 -22.62 7.97 14.55
C VAL A 599 -22.55 6.65 13.81
N HIS A 600 -23.38 6.49 12.78
CA HIS A 600 -23.35 5.30 11.96
C HIS A 600 -22.15 5.36 11.03
N CYS A 601 -21.13 4.57 11.33
CA CYS A 601 -19.88 4.57 10.58
C CYS A 601 -19.80 3.33 9.70
N GLU A 602 -18.73 3.25 8.92
CA GLU A 602 -18.40 2.05 8.19
C GLU A 602 -17.90 0.98 9.16
N PRO A 603 -17.98 -0.30 8.79
CA PRO A 603 -17.39 -1.33 9.64
C PRO A 603 -15.86 -1.28 9.60
N ARG A 604 -15.25 -1.46 10.78
CA ARG A 604 -13.79 -1.50 10.84
C ARG A 604 -13.25 -2.85 10.44
N LEU A 605 -14.07 -3.89 10.47
CA LEU A 605 -13.74 -5.25 10.14
C LEU A 605 -14.65 -5.76 9.02
N PRO A 606 -14.19 -6.68 8.16
CA PRO A 606 -15.04 -7.10 7.05
C PRO A 606 -16.24 -7.96 7.45
N ASN A 607 -16.17 -8.64 8.59
CA ASN A 607 -17.33 -9.43 9.02
C ASN A 607 -18.46 -8.56 9.58
N LEU A 608 -18.11 -7.38 10.10
CA LEU A 608 -19.12 -6.47 10.64
C LEU A 608 -19.91 -5.82 9.51
N ILE A 609 -21.19 -5.57 9.77
CA ILE A 609 -22.03 -4.84 8.82
C ILE A 609 -22.30 -3.41 9.27
N SER A 610 -22.29 -3.14 10.58
CA SER A 610 -22.51 -1.81 11.10
C SER A 610 -21.52 -1.53 12.22
N GLU A 611 -21.23 -0.25 12.42
CA GLU A 611 -20.36 0.19 13.51
C GLU A 611 -20.84 1.56 13.94
N ILE A 612 -21.41 1.65 15.14
CA ILE A 612 -21.96 2.89 15.68
C ILE A 612 -21.16 3.29 16.90
N ALA A 613 -20.67 4.52 16.90
CA ALA A 613 -19.92 5.08 18.01
C ALA A 613 -20.79 6.10 18.74
N ILE A 614 -20.77 6.05 20.06
CA ILE A 614 -21.63 6.86 20.92
C ILE A 614 -20.76 7.84 21.66
N PHE A 615 -21.16 9.11 21.66
CA PHE A 615 -20.38 10.16 22.29
C PHE A 615 -21.23 10.94 23.27
N ASP A 616 -20.77 11.04 24.51
CA ASP A 616 -21.49 11.76 25.56
C ASP A 616 -21.24 13.25 25.42
N ARG A 617 -22.31 14.03 25.30
CA ARG A 617 -22.23 15.47 25.16
C ARG A 617 -22.66 16.20 26.43
N SER A 618 -22.72 15.51 27.56
CA SER A 618 -23.00 16.18 28.83
C SER A 618 -21.83 17.08 29.23
N ILE A 619 -20.61 16.57 29.12
CA ILE A 619 -19.41 17.38 29.25
C ILE A 619 -18.61 17.24 27.96
N GLU A 620 -17.88 18.29 27.62
CA GLU A 620 -17.09 18.28 26.39
C GLU A 620 -15.73 17.65 26.64
N GLY A 621 -15.20 17.00 25.61
CA GLY A 621 -13.99 16.22 25.71
C GLY A 621 -12.74 17.02 25.45
N THR A 622 -11.64 16.30 25.24
CA THR A 622 -10.36 16.93 24.94
C THR A 622 -10.35 17.51 23.53
N ILE A 623 -10.78 16.73 22.54
CA ILE A 623 -10.83 17.22 21.16
C ILE A 623 -11.79 18.40 20.98
N PRO A 624 -13.03 18.40 21.51
CA PRO A 624 -13.88 19.58 21.30
C PRO A 624 -13.42 20.81 22.06
N ARG A 625 -12.93 20.67 23.29
CA ARG A 625 -12.47 21.87 24.01
C ARG A 625 -11.17 22.40 23.44
N LEU A 626 -10.29 21.50 22.97
CA LEU A 626 -9.06 21.93 22.29
C LEU A 626 -9.38 22.65 20.98
N LEU A 627 -10.33 22.12 20.21
CA LEU A 627 -10.68 22.77 18.95
C LEU A 627 -11.50 24.03 19.17
N ARG A 628 -12.30 24.09 20.23
CA ARG A 628 -13.00 25.32 20.59
C ARG A 628 -12.03 26.39 21.02
N THR A 629 -10.98 26.00 21.77
CA THR A 629 -9.92 26.93 22.12
C THR A 629 -9.18 27.42 20.88
N PHE A 630 -8.89 26.51 19.94
CA PHE A 630 -8.18 26.88 18.71
C PHE A 630 -9.01 27.82 17.85
N LEU A 631 -10.30 27.53 17.66
CA LEU A 631 -11.14 28.36 16.82
C LEU A 631 -11.44 29.70 17.49
N ALA A 632 -11.65 29.69 18.82
CA ALA A 632 -11.88 30.94 19.54
C ALA A 632 -10.63 31.82 19.53
N GLU A 633 -9.44 31.24 19.67
CA GLU A 633 -8.23 32.04 19.62
C GLU A 633 -7.91 32.49 18.21
N ARG A 634 -8.27 31.70 17.20
CA ARG A 634 -8.09 32.16 15.82
C ARG A 634 -9.02 33.31 15.49
N ALA A 635 -10.28 33.24 15.95
CA ALA A 635 -11.21 34.35 15.77
C ALA A 635 -10.76 35.58 16.57
N ARG A 636 -10.20 35.37 17.75
CA ARG A 636 -9.71 36.47 18.57
C ARG A 636 -8.52 37.16 17.92
N TYR A 637 -7.56 36.38 17.41
CA TYR A 637 -6.39 36.98 16.77
C TYR A 637 -6.75 37.59 15.41
N LYS A 638 -7.76 37.05 14.72
CA LYS A 638 -8.26 37.69 13.51
C LYS A 638 -8.97 39.00 13.84
N LYS A 639 -9.67 39.05 14.97
CA LYS A 639 -10.30 40.30 15.41
C LYS A 639 -9.25 41.36 15.76
N MET A 640 -8.18 40.97 16.48
CA MET A 640 -7.10 41.91 16.73
C MET A 640 -6.31 42.26 15.48
N LEU A 641 -6.29 41.37 14.48
CA LEU A 641 -5.75 41.73 13.17
C LEU A 641 -6.62 42.78 12.49
N LYS A 642 -7.93 42.71 12.68
CA LYS A 642 -8.83 43.72 12.14
C LYS A 642 -8.66 45.06 12.84
N GLN A 643 -8.34 45.05 14.15
CA GLN A 643 -8.09 46.27 14.91
C GLN A 643 -6.61 46.62 14.99
N ALA A 644 -5.81 46.22 14.00
CA ALA A 644 -4.40 46.57 13.94
C ALA A 644 -4.15 47.52 12.79
N THR A 645 -3.22 48.45 13.00
CA THR A 645 -2.88 49.45 11.99
C THR A 645 -1.45 49.31 11.48
N SER A 646 -0.49 49.04 12.36
CA SER A 646 0.89 48.87 11.95
C SER A 646 1.06 47.54 11.23
N SER A 647 2.01 47.51 10.29
CA SER A 647 2.24 46.30 9.50
C SER A 647 2.90 45.21 10.31
N THR A 648 3.70 45.58 11.32
CA THR A 648 4.35 44.58 12.18
C THR A 648 3.34 43.83 13.03
N GLU A 649 2.45 44.57 13.70
CA GLU A 649 1.40 43.97 14.51
C GLU A 649 0.40 43.19 13.66
N LYS A 650 0.11 43.69 12.46
CA LYS A 650 -0.71 42.95 11.50
C LYS A 650 -0.07 41.64 11.10
N ALA A 651 1.27 41.65 10.89
CA ALA A 651 1.97 40.42 10.53
C ALA A 651 1.96 39.43 11.68
N ILE A 652 2.14 39.91 12.91
CA ILE A 652 2.12 39.04 14.10
C ILE A 652 0.75 38.40 14.27
N TYR A 653 -0.32 39.19 14.15
CA TYR A 653 -1.65 38.63 14.36
C TYR A 653 -2.11 37.77 13.19
N ASP A 654 -1.66 38.08 11.97
CA ASP A 654 -1.96 37.23 10.82
C ASP A 654 -1.26 35.88 10.95
N SER A 655 0.00 35.88 11.40
CA SER A 655 0.68 34.61 11.66
C SER A 655 0.06 33.86 12.83
N MET A 656 -0.48 34.59 13.83
CA MET A 656 -1.13 33.96 14.96
C MET A 656 -2.40 33.23 14.53
N GLN A 657 -3.26 33.89 13.76
CA GLN A 657 -4.48 33.25 13.29
C GLN A 657 -4.17 32.15 12.27
N TYR A 658 -3.12 32.32 11.46
CA TYR A 658 -2.72 31.26 10.55
C TYR A 658 -2.23 30.02 11.29
N THR A 659 -1.44 30.23 12.36
CA THR A 659 -0.92 29.12 13.13
C THR A 659 -2.02 28.38 13.88
N TYR A 660 -3.00 29.13 14.40
CA TYR A 660 -4.16 28.49 15.02
C TYR A 660 -5.00 27.74 14.00
N LYS A 661 -5.09 28.26 12.76
CA LYS A 661 -5.77 27.55 11.69
C LYS A 661 -5.06 26.24 11.33
N ILE A 662 -3.73 26.27 11.27
CA ILE A 662 -2.95 25.08 10.95
C ILE A 662 -3.11 24.02 12.04
N VAL A 663 -3.05 24.43 13.31
CA VAL A 663 -3.15 23.43 14.38
C VAL A 663 -4.58 22.90 14.51
N ALA A 664 -5.59 23.74 14.23
CA ALA A 664 -6.97 23.25 14.25
C ALA A 664 -7.27 22.32 13.10
N ASN A 665 -6.64 22.53 11.95
CA ASN A 665 -6.75 21.55 10.87
C ASN A 665 -5.95 20.29 11.19
N SER A 666 -4.90 20.41 12.00
CA SER A 666 -4.04 19.29 12.35
C SER A 666 -4.70 18.32 13.33
N VAL A 667 -5.63 18.83 14.16
CA VAL A 667 -6.32 17.98 15.14
C VAL A 667 -7.09 16.84 14.47
N TYR A 668 -7.70 17.09 13.30
CA TYR A 668 -8.31 16.04 12.49
C TYR A 668 -7.34 14.92 12.16
N GLY A 669 -6.20 15.27 11.59
CA GLY A 669 -5.27 14.27 11.11
C GLY A 669 -4.57 13.50 12.21
N LEU A 670 -4.46 14.10 13.39
CA LEU A 670 -3.83 13.38 14.48
C LEU A 670 -4.77 12.39 15.17
N MET A 671 -6.08 12.53 14.98
CA MET A 671 -6.99 11.53 15.52
C MET A 671 -6.92 10.23 14.73
N GLY A 672 -6.79 10.33 13.41
CA GLY A 672 -6.65 9.14 12.59
C GLY A 672 -5.27 8.52 12.61
N PHE A 673 -4.25 9.30 12.98
CA PHE A 673 -2.89 8.78 13.06
C PHE A 673 -2.75 7.93 14.32
N ARG A 674 -2.22 6.72 14.13
CA ARG A 674 -2.24 5.71 15.18
C ARG A 674 -1.31 6.06 16.34
N ASN A 675 -0.13 6.59 16.04
CA ASN A 675 0.90 6.80 17.04
C ASN A 675 0.82 8.16 17.72
N SER A 676 -0.21 8.95 17.40
CA SER A 676 -0.34 10.28 17.95
C SER A 676 -0.90 10.23 19.38
N ALA A 677 -0.70 11.34 20.11
CA ALA A 677 -1.28 11.48 21.43
C ALA A 677 -2.77 11.82 21.38
N LEU A 678 -3.29 12.17 20.22
CA LEU A 678 -4.69 12.46 20.00
C LEU A 678 -5.43 11.29 19.35
N TYR A 679 -4.82 10.11 19.33
CA TYR A 679 -5.35 9.01 18.53
C TYR A 679 -6.66 8.48 19.09
N SER A 680 -7.66 8.45 18.23
CA SER A 680 -8.92 7.78 18.53
C SER A 680 -9.53 7.39 17.18
N TYR A 681 -9.46 6.10 16.86
CA TYR A 681 -9.99 5.60 15.60
C TYR A 681 -11.50 5.80 15.51
N ALA A 682 -12.20 5.57 16.62
CA ALA A 682 -13.64 5.78 16.65
C ALA A 682 -13.99 7.25 16.48
N SER A 683 -13.25 8.15 17.14
CA SER A 683 -13.55 9.58 17.03
C SER A 683 -13.16 10.14 15.67
N ALA A 684 -12.05 9.69 15.10
CA ALA A 684 -11.67 10.13 13.76
C ALA A 684 -12.63 9.61 12.69
N LYS A 685 -13.02 8.34 12.82
CA LYS A 685 -13.94 7.76 11.84
C LYS A 685 -15.33 8.36 11.99
N SER A 686 -15.72 8.69 13.21
CA SER A 686 -16.97 9.41 13.44
C SER A 686 -16.89 10.85 12.95
N CYS A 687 -15.70 11.46 12.99
CA CYS A 687 -15.52 12.79 12.45
C CYS A 687 -15.72 12.79 10.93
N THR A 688 -15.11 11.83 10.25
CA THR A 688 -15.33 11.70 8.81
C THR A 688 -16.77 11.32 8.49
N SER A 689 -17.41 10.50 9.32
CA SER A 689 -18.79 10.09 9.07
C SER A 689 -19.77 11.25 9.25
N ILE A 690 -19.60 12.04 10.31
CA ILE A 690 -20.47 13.18 10.54
C ILE A 690 -20.22 14.28 9.51
N GLY A 691 -18.95 14.48 9.12
CA GLY A 691 -18.65 15.44 8.06
C GLY A 691 -19.21 15.02 6.71
N ARG A 692 -19.16 13.71 6.42
CA ARG A 692 -19.81 13.17 5.22
C ARG A 692 -21.32 13.39 5.28
N ARG A 693 -21.91 13.19 6.46
CA ARG A 693 -23.35 13.38 6.62
C ARG A 693 -23.75 14.85 6.43
N MET A 694 -22.92 15.77 6.92
CA MET A 694 -23.17 17.19 6.68
C MET A 694 -23.01 17.56 5.22
N ILE A 695 -22.05 16.93 4.53
CA ILE A 695 -21.89 17.14 3.09
C ILE A 695 -23.11 16.63 2.32
N LEU A 696 -23.60 15.44 2.67
CA LEU A 696 -24.82 14.91 2.06
C LEU A 696 -26.03 15.79 2.37
N TYR A 697 -26.09 16.33 3.59
CA TYR A 697 -27.22 17.16 3.98
C TYR A 697 -27.23 18.48 3.22
N LEU A 698 -26.08 19.15 3.15
CA LEU A 698 -25.98 20.42 2.43
C LEU A 698 -26.13 20.24 0.92
N GLU A 699 -25.67 19.10 0.39
CA GLU A 699 -25.90 18.80 -1.02
C GLU A 699 -27.37 18.48 -1.29
N SER A 700 -28.01 17.76 -0.37
CA SER A 700 -29.38 17.31 -0.58
C SER A 700 -30.38 18.45 -0.45
N VAL A 701 -30.11 19.43 0.41
CA VAL A 701 -30.98 20.60 0.44
C VAL A 701 -30.77 21.47 -0.79
N LEU A 702 -29.55 21.52 -1.32
CA LEU A 702 -29.23 22.37 -2.45
C LEU A 702 -29.43 21.67 -3.80
N ASN A 703 -29.71 20.38 -3.81
CA ASN A 703 -30.03 19.69 -5.05
C ASN A 703 -31.47 20.01 -5.44
N GLY A 704 -31.63 20.69 -6.57
CA GLY A 704 -32.96 21.08 -7.01
C GLY A 704 -33.58 22.19 -6.20
N ALA A 705 -32.77 23.01 -5.54
CA ALA A 705 -33.30 24.16 -4.80
C ALA A 705 -33.79 25.22 -5.77
N GLU A 706 -34.99 25.74 -5.53
CA GLU A 706 -35.63 26.71 -6.41
C GLU A 706 -35.93 27.96 -5.62
N LEU A 707 -35.36 29.09 -6.06
CA LEU A 707 -35.61 30.40 -5.47
C LEU A 707 -36.67 31.08 -6.32
N SER A 708 -37.93 31.00 -5.89
CA SER A 708 -39.06 31.43 -6.69
C SER A 708 -39.86 32.48 -5.94
N ASN A 709 -40.20 33.57 -6.66
CA ASN A 709 -41.03 34.68 -6.15
C ASN A 709 -40.45 35.31 -4.89
N GLY A 710 -39.12 35.43 -4.84
CA GLY A 710 -38.46 35.95 -3.67
C GLY A 710 -38.47 35.03 -2.47
N MET A 711 -38.73 33.74 -2.68
CA MET A 711 -38.83 32.77 -1.61
C MET A 711 -38.00 31.55 -2.00
N LEU A 712 -37.22 31.04 -1.06
CA LEU A 712 -36.31 29.93 -1.31
C LEU A 712 -36.98 28.63 -0.91
N ARG A 713 -37.09 27.71 -1.86
CA ARG A 713 -37.71 26.41 -1.63
C ARG A 713 -36.64 25.33 -1.75
N PHE A 714 -36.27 24.75 -0.62
CA PHE A 714 -35.37 23.61 -0.59
C PHE A 714 -36.15 22.35 -0.96
N ALA A 715 -35.50 21.44 -1.69
CA ALA A 715 -36.20 20.26 -2.19
C ALA A 715 -36.49 19.26 -1.07
N ASN A 716 -35.51 19.01 -0.21
CA ASN A 716 -35.66 18.08 0.90
C ASN A 716 -36.00 18.80 2.19
N THR A 717 -36.61 18.06 3.11
CA THR A 717 -37.00 18.59 4.41
C THR A 717 -35.77 18.97 5.23
N LEU A 718 -35.83 20.13 5.89
CA LEU A 718 -34.68 20.70 6.58
C LEU A 718 -34.50 20.06 7.97
N SER A 719 -34.20 18.77 7.96
CA SER A 719 -34.08 18.01 9.19
C SER A 719 -32.63 17.82 9.58
N ASN A 720 -32.36 17.92 10.87
CA ASN A 720 -31.06 17.54 11.42
C ASN A 720 -30.95 16.02 11.29
N PRO A 721 -29.94 15.50 10.58
CA PRO A 721 -29.91 14.05 10.32
C PRO A 721 -29.52 13.21 11.52
N PHE A 722 -28.73 13.75 12.44
CA PHE A 722 -28.25 12.96 13.56
C PHE A 722 -29.31 12.78 14.65
N TYR A 723 -30.14 13.79 14.88
CA TYR A 723 -31.15 13.70 15.94
C TYR A 723 -32.29 14.65 15.61
N MET A 724 -33.41 14.48 16.30
CA MET A 724 -34.51 15.44 16.19
C MET A 724 -34.12 16.73 16.91
N ASP A 725 -34.26 17.85 16.21
CA ASP A 725 -33.82 19.13 16.73
C ASP A 725 -35.02 20.06 16.84
N ASP A 726 -34.92 21.02 17.76
CA ASP A 726 -36.03 21.92 18.08
C ASP A 726 -36.26 22.93 16.97
N ARG A 727 -35.24 23.19 16.14
CA ARG A 727 -35.31 24.22 15.12
C ARG A 727 -36.28 23.86 13.99
N ASP A 728 -36.64 24.86 13.20
CA ASP A 728 -37.64 24.70 12.16
C ASP A 728 -37.12 23.82 11.02
N ILE A 729 -37.99 22.96 10.51
CA ILE A 729 -37.66 22.03 9.43
C ILE A 729 -38.39 22.37 8.15
N ASN A 730 -39.00 23.54 8.06
CA ASN A 730 -39.75 23.93 6.87
C ASN A 730 -38.81 24.25 5.72
N PRO A 731 -38.92 23.57 4.58
CA PRO A 731 -37.96 23.81 3.49
C PRO A 731 -38.19 25.11 2.74
N ILE A 732 -39.42 25.62 2.73
CA ILE A 732 -39.72 26.85 2.00
C ILE A 732 -39.38 28.03 2.89
N VAL A 733 -38.38 28.81 2.50
CA VAL A 733 -37.73 29.81 3.34
C VAL A 733 -37.87 31.19 2.70
N LYS A 734 -38.30 32.17 3.49
CA LYS A 734 -38.32 33.56 3.05
C LYS A 734 -36.90 34.08 2.82
N THR A 735 -36.76 34.94 1.82
CA THR A 735 -35.49 35.57 1.47
C THR A 735 -35.57 37.07 1.66
N SER A 736 -34.47 37.74 1.39
CA SER A 736 -34.38 39.20 1.32
C SER A 736 -34.00 39.62 -0.09
N LEU A 737 -34.62 39.01 -1.09
CA LEU A 737 -34.29 39.15 -2.50
C LEU A 737 -35.51 39.65 -3.26
N PRO A 738 -35.31 40.29 -4.42
CA PRO A 738 -36.45 40.72 -5.24
C PRO A 738 -37.26 39.55 -5.78
N ILE A 739 -38.54 39.83 -6.03
CA ILE A 739 -39.52 38.81 -6.36
C ILE A 739 -39.30 38.22 -7.76
N ASP A 740 -38.72 38.99 -8.68
CA ASP A 740 -38.60 38.57 -10.08
C ASP A 740 -37.59 37.45 -10.31
N TYR A 741 -36.80 37.09 -9.30
CA TYR A 741 -35.81 36.03 -9.43
C TYR A 741 -36.48 34.67 -9.38
N ARG A 742 -36.36 33.90 -10.47
CA ARG A 742 -36.86 32.53 -10.54
C ARG A 742 -35.73 31.67 -11.07
N PHE A 743 -34.89 31.18 -10.16
CA PHE A 743 -33.64 30.51 -10.51
C PHE A 743 -33.57 29.13 -9.85
N ARG A 744 -32.88 28.22 -10.51
CA ARG A 744 -32.79 26.82 -10.11
C ARG A 744 -31.36 26.54 -9.68
N PHE A 745 -31.21 25.84 -8.56
CA PHE A 745 -29.90 25.52 -8.00
C PHE A 745 -29.66 24.01 -8.10
N ARG A 746 -28.49 23.64 -8.61
CA ARG A 746 -28.15 22.24 -8.80
C ARG A 746 -26.78 21.98 -8.18
N SER A 747 -26.73 21.09 -7.19
CA SER A 747 -25.49 20.77 -6.48
C SER A 747 -24.73 19.76 -7.34
N VAL A 748 -23.82 20.26 -8.16
CA VAL A 748 -23.19 19.42 -9.18
C VAL A 748 -21.97 18.69 -8.64
N TYR A 749 -21.30 19.24 -7.63
CA TYR A 749 -20.07 18.67 -7.11
C TYR A 749 -20.02 18.88 -5.61
N GLY A 750 -19.30 18.00 -4.92
CA GLY A 750 -19.08 18.15 -3.49
C GLY A 750 -17.74 17.65 -3.05
N ASP A 751 -17.00 18.49 -2.34
CA ASP A 751 -15.67 18.15 -1.86
C ASP A 751 -15.76 17.55 -0.46
N THR A 752 -14.61 17.46 0.22
CA THR A 752 -14.59 17.00 1.61
C THR A 752 -15.35 17.96 2.52
N ASP A 753 -15.18 19.27 2.31
CA ASP A 753 -15.88 20.28 3.08
C ASP A 753 -16.61 21.31 2.23
N SER A 754 -16.52 21.24 0.91
CA SER A 754 -17.12 22.21 0.02
C SER A 754 -18.23 21.55 -0.79
N VAL A 755 -19.31 22.30 -1.00
CA VAL A 755 -20.43 21.86 -1.83
C VAL A 755 -20.55 22.84 -2.99
N PHE A 756 -20.48 22.33 -4.21
CA PHE A 756 -20.50 23.17 -5.40
C PHE A 756 -21.93 23.20 -5.92
N THR A 757 -22.54 24.38 -5.93
CA THR A 757 -23.93 24.54 -6.35
C THR A 757 -23.96 25.34 -7.64
N GLU A 758 -24.58 24.77 -8.67
CA GLU A 758 -24.66 25.43 -9.97
C GLU A 758 -25.98 26.16 -10.08
N ILE A 759 -25.93 27.48 -10.09
CA ILE A 759 -27.10 28.31 -10.38
C ILE A 759 -27.19 28.46 -11.90
N ASP A 760 -28.43 28.44 -12.42
CA ASP A 760 -28.63 28.51 -13.86
C ASP A 760 -28.34 29.89 -14.44
N SER A 761 -28.18 30.92 -13.61
CA SER A 761 -27.89 32.26 -14.09
C SER A 761 -26.45 32.35 -14.59
N GLN A 762 -26.21 33.34 -15.45
CA GLN A 762 -24.87 33.64 -15.94
C GLN A 762 -24.40 35.03 -15.54
N ASP A 763 -25.24 35.84 -14.91
CA ASP A 763 -24.83 37.15 -14.44
C ASP A 763 -24.02 36.97 -13.16
N VAL A 764 -22.93 37.73 -13.06
CA VAL A 764 -21.95 37.49 -11.99
C VAL A 764 -22.40 38.15 -10.69
N ASP A 765 -22.74 39.43 -10.74
CA ASP A 765 -23.12 40.16 -9.53
C ASP A 765 -24.44 39.67 -8.96
N LYS A 766 -25.38 39.28 -9.84
CA LYS A 766 -26.61 38.67 -9.39
C LYS A 766 -26.35 37.34 -8.68
N SER A 767 -25.45 36.53 -9.23
CA SER A 767 -25.09 35.26 -8.60
C SER A 767 -24.41 35.48 -7.25
N ILE A 768 -23.57 36.52 -7.15
CA ILE A 768 -22.90 36.81 -5.88
C ILE A 768 -23.89 37.27 -4.82
N GLU A 769 -24.85 38.13 -5.21
CA GLU A 769 -25.86 38.61 -4.25
C GLU A 769 -26.79 37.48 -3.80
N ILE A 770 -27.26 36.66 -4.76
CA ILE A 770 -28.14 35.55 -4.44
C ILE A 770 -27.40 34.50 -3.61
N ALA A 771 -26.12 34.30 -3.88
CA ALA A 771 -25.32 33.34 -3.12
C ALA A 771 -24.99 33.83 -1.72
N LYS A 772 -24.82 35.14 -1.52
CA LYS A 772 -24.69 35.68 -0.17
C LYS A 772 -25.98 35.50 0.61
N GLU A 773 -27.12 35.68 -0.07
CA GLU A 773 -28.42 35.37 0.52
C GLU A 773 -28.52 33.89 0.89
N LEU A 774 -28.04 33.01 0.02
CA LEU A 774 -28.06 31.57 0.31
C LEU A 774 -27.14 31.24 1.49
N GLU A 775 -25.99 31.88 1.58
CA GLU A 775 -25.06 31.64 2.69
C GLU A 775 -25.68 32.05 4.02
N ARG A 776 -26.31 33.23 4.06
CA ARG A 776 -26.89 33.68 5.33
C ARG A 776 -28.14 32.87 5.67
N LEU A 777 -28.93 32.48 4.66
CA LEU A 777 -30.10 31.65 4.91
C LEU A 777 -29.71 30.25 5.35
N ILE A 778 -28.62 29.71 4.80
CA ILE A 778 -28.15 28.39 5.23
C ILE A 778 -27.63 28.44 6.66
N ASN A 779 -26.83 29.46 6.98
CA ASN A 779 -26.31 29.62 8.33
C ASN A 779 -27.39 29.95 9.35
N SER A 780 -28.53 30.49 8.92
CA SER A 780 -29.63 30.76 9.86
C SER A 780 -30.60 29.59 9.99
N ARG A 781 -30.92 28.89 8.90
CA ARG A 781 -31.97 27.88 8.93
C ARG A 781 -31.46 26.47 8.64
N VAL A 782 -30.60 26.30 7.64
CA VAL A 782 -30.20 24.95 7.23
C VAL A 782 -29.26 24.35 8.25
N LEU A 783 -28.23 25.10 8.63
CA LEU A 783 -27.24 24.59 9.56
C LEU A 783 -27.67 24.86 11.01
N PHE A 784 -26.85 24.38 11.93
CA PHE A 784 -27.23 24.20 13.32
C PHE A 784 -25.99 24.09 14.18
N ASN A 785 -26.11 24.60 15.41
CA ASN A 785 -25.05 24.65 16.43
C ASN A 785 -23.86 25.40 15.88
N ASN A 786 -22.66 24.82 15.85
CA ASN A 786 -21.46 25.53 15.42
C ASN A 786 -21.24 25.49 13.92
N PHE A 787 -22.07 24.77 13.18
CA PHE A 787 -21.85 24.59 11.75
C PHE A 787 -22.20 25.87 11.01
N LYS A 788 -21.21 26.47 10.36
CA LYS A 788 -21.41 27.64 9.51
C LYS A 788 -20.65 27.42 8.22
N ILE A 789 -21.28 27.77 7.10
CA ILE A 789 -20.58 27.79 5.82
C ILE A 789 -20.13 29.20 5.53
N GLU A 790 -19.03 29.31 4.80
CA GLU A 790 -18.55 30.58 4.28
C GLU A 790 -18.58 30.50 2.76
N PHE A 791 -19.28 31.44 2.13
CA PHE A 791 -19.24 31.53 0.67
C PHE A 791 -17.87 31.97 0.21
N GLU A 792 -17.24 31.13 -0.61
CA GLU A 792 -15.87 31.37 -1.07
C GLU A 792 -15.83 32.12 -2.39
N ALA A 793 -16.46 31.58 -3.43
CA ALA A 793 -16.32 32.16 -4.76
C ALA A 793 -17.48 31.77 -5.65
N VAL A 794 -17.62 32.50 -6.75
CA VAL A 794 -18.45 32.10 -7.89
C VAL A 794 -17.51 31.58 -8.96
N TYR A 795 -17.76 30.35 -9.43
CA TYR A 795 -16.91 29.73 -10.43
C TYR A 795 -17.52 29.97 -11.81
N LYS A 796 -16.89 30.85 -12.58
CA LYS A 796 -17.33 31.17 -13.93
C LYS A 796 -16.61 30.27 -14.92
N ASN A 797 -17.40 29.58 -15.75
CA ASN A 797 -16.94 28.57 -16.71
C ASN A 797 -16.10 27.49 -16.03
N LEU A 798 -16.71 26.85 -15.05
CA LEU A 798 -16.04 25.80 -14.29
C LEU A 798 -15.86 24.57 -15.17
N ILE A 799 -14.61 24.14 -15.34
CA ILE A 799 -14.27 23.02 -16.20
C ILE A 799 -13.70 21.93 -15.32
N MET A 800 -14.46 20.86 -15.12
CA MET A 800 -14.08 19.75 -14.27
C MET A 800 -13.68 18.58 -15.16
N GLN A 801 -12.39 18.23 -15.14
CA GLN A 801 -11.95 17.01 -15.80
C GLN A 801 -12.51 15.78 -15.10
N SER A 802 -12.47 15.77 -13.77
CA SER A 802 -12.80 14.62 -12.95
C SER A 802 -12.97 15.09 -11.52
N LYS A 803 -13.06 14.14 -10.58
CA LYS A 803 -13.09 14.48 -9.16
C LYS A 803 -11.75 15.07 -8.73
N LYS A 804 -11.82 16.15 -7.95
CA LYS A 804 -10.70 16.90 -7.37
C LYS A 804 -9.78 17.54 -8.41
N LYS A 805 -10.21 17.58 -9.69
CA LYS A 805 -9.43 18.21 -10.76
C LYS A 805 -10.35 19.15 -11.50
N TYR A 806 -10.17 20.46 -11.30
CA TYR A 806 -10.99 21.43 -12.01
C TYR A 806 -10.19 22.70 -12.28
N THR A 807 -10.66 23.45 -13.27
CA THR A 807 -10.04 24.72 -13.67
C THR A 807 -11.16 25.74 -13.86
N THR A 808 -11.00 26.91 -13.27
CA THR A 808 -12.06 27.91 -13.26
C THR A 808 -11.48 29.30 -13.02
N MET A 809 -12.37 30.29 -13.08
CA MET A 809 -12.07 31.67 -12.72
C MET A 809 -12.72 32.00 -11.38
N LYS A 810 -12.03 32.77 -10.55
CA LYS A 810 -12.52 33.12 -9.23
C LYS A 810 -13.33 34.40 -9.28
N TYR A 811 -14.55 34.35 -8.76
CA TYR A 811 -15.37 35.52 -8.47
C TYR A 811 -15.79 35.41 -7.01
N SER A 812 -14.96 35.95 -6.11
CA SER A 812 -15.18 35.79 -4.69
C SER A 812 -16.31 36.69 -4.20
N ALA A 813 -16.61 36.58 -2.90
CA ALA A 813 -17.68 37.40 -2.31
C ALA A 813 -17.30 38.86 -2.26
N SER A 814 -16.02 39.16 -1.99
CA SER A 814 -15.56 40.54 -2.02
C SER A 814 -15.45 41.08 -3.44
N SER A 815 -15.21 40.21 -4.42
CA SER A 815 -15.08 40.62 -5.81
C SER A 815 -16.46 40.83 -6.43
N ASN A 816 -16.46 41.34 -7.65
CA ASN A 816 -17.68 41.60 -8.41
C ASN A 816 -17.41 41.29 -9.88
N SER A 817 -18.36 41.69 -10.73
CA SER A 817 -18.20 41.45 -12.16
C SER A 817 -17.19 42.39 -12.78
N LYS A 818 -17.04 43.59 -12.22
CA LYS A 818 -16.08 44.56 -12.75
C LYS A 818 -14.65 44.21 -12.43
N SER A 819 -14.42 43.38 -11.42
CA SER A 819 -13.07 42.94 -11.08
C SER A 819 -12.55 41.96 -12.11
N VAL A 820 -11.23 41.87 -12.20
CA VAL A 820 -10.56 40.97 -13.16
C VAL A 820 -10.74 39.53 -12.69
N PRO A 821 -11.04 38.59 -13.58
CA PRO A 821 -11.02 37.18 -13.22
C PRO A 821 -9.66 36.75 -12.69
N GLU A 822 -9.68 35.93 -11.64
CA GLU A 822 -8.47 35.35 -11.08
C GLU A 822 -8.51 33.84 -11.26
N ARG A 823 -7.43 33.28 -11.78
CA ARG A 823 -7.41 31.89 -12.22
C ARG A 823 -7.15 30.98 -11.04
N ILE A 824 -8.17 30.24 -10.62
CA ILE A 824 -8.02 29.13 -9.67
C ILE A 824 -7.98 27.83 -10.44
N ASN A 825 -6.86 27.14 -10.33
CA ASN A 825 -6.69 25.81 -10.91
C ASN A 825 -6.42 24.85 -9.76
N LYS A 826 -7.20 23.78 -9.68
CA LYS A 826 -7.13 22.87 -8.54
C LYS A 826 -7.04 21.44 -9.07
N GLY A 827 -5.89 20.80 -8.84
CA GLY A 827 -5.74 19.39 -9.08
C GLY A 827 -5.39 18.98 -10.49
N THR A 828 -5.46 19.89 -11.47
CA THR A 828 -5.13 19.54 -12.83
C THR A 828 -3.64 19.76 -13.07
N SER A 829 -3.22 19.71 -14.34
CA SER A 829 -1.80 19.57 -14.66
C SER A 829 -0.99 20.84 -14.43
N GLU A 830 -1.63 22.00 -14.25
CA GLU A 830 -0.86 23.20 -13.94
C GLU A 830 -0.32 23.16 -12.51
N THR A 831 -1.08 22.62 -11.56
CA THR A 831 -0.56 22.44 -10.21
C THR A 831 0.31 21.20 -10.10
N ARG A 832 0.14 20.26 -11.04
CA ARG A 832 0.91 19.02 -11.03
C ARG A 832 2.38 19.29 -11.27
N ARG A 833 3.23 18.75 -10.41
CA ARG A 833 4.67 18.91 -10.57
C ARG A 833 5.30 17.80 -11.39
N ASP A 834 4.55 16.75 -11.71
CA ASP A 834 4.97 15.72 -12.66
C ASP A 834 4.51 16.03 -14.09
N VAL A 835 4.34 17.31 -14.41
CA VAL A 835 3.83 17.76 -15.70
C VAL A 835 4.75 18.88 -16.19
N SER A 836 5.21 18.77 -17.42
CA SER A 836 6.10 19.77 -18.00
C SER A 836 5.38 21.10 -18.23
N LYS A 837 6.18 22.17 -18.31
CA LYS A 837 5.63 23.51 -18.52
C LYS A 837 5.03 23.66 -19.91
N PHE A 838 5.54 22.91 -20.89
CA PHE A 838 4.93 22.87 -22.22
C PHE A 838 3.51 22.33 -22.15
N HIS A 839 3.32 21.24 -21.39
CA HIS A 839 2.00 20.62 -21.22
C HIS A 839 1.07 21.60 -20.51
N LYS A 840 1.56 22.28 -19.47
CA LYS A 840 0.75 23.25 -18.72
C LYS A 840 0.32 24.41 -19.61
N ASN A 841 1.26 24.95 -20.40
CA ASN A 841 0.97 26.08 -21.26
C ASN A 841 -0.03 25.71 -22.35
N MET A 842 0.13 24.53 -22.96
CA MET A 842 -0.80 24.16 -24.03
C MET A 842 -2.16 23.75 -23.49
N ILE A 843 -2.23 23.12 -22.32
CA ILE A 843 -3.55 22.80 -21.75
C ILE A 843 -4.24 24.09 -21.29
N LYS A 844 -3.47 25.11 -20.87
CA LYS A 844 -4.06 26.39 -20.52
C LYS A 844 -4.63 27.10 -21.74
N THR A 845 -3.85 27.16 -22.83
CA THR A 845 -4.32 27.84 -24.04
C THR A 845 -5.50 27.11 -24.68
N TYR A 846 -5.46 25.78 -24.73
CA TYR A 846 -6.56 25.04 -25.34
C TYR A 846 -7.80 25.01 -24.45
N LYS A 847 -7.64 25.03 -23.13
CA LYS A 847 -8.80 25.14 -22.26
C LYS A 847 -9.40 26.54 -22.32
N THR A 848 -8.56 27.56 -22.52
CA THR A 848 -9.07 28.91 -22.76
C THR A 848 -9.84 28.99 -24.08
N ARG A 849 -9.35 28.29 -25.10
CA ARG A 849 -10.04 28.25 -26.40
C ARG A 849 -11.38 27.52 -26.30
N LEU A 850 -11.44 26.42 -25.54
CA LEU A 850 -12.71 25.74 -25.33
C LEU A 850 -13.64 26.57 -24.43
N SER A 851 -13.07 27.33 -23.48
CA SER A 851 -13.88 28.28 -22.71
C SER A 851 -14.44 29.37 -23.61
N GLU A 852 -13.68 29.78 -24.62
CA GLU A 852 -14.16 30.77 -25.58
C GLU A 852 -15.27 30.21 -26.46
N MET A 853 -15.18 28.94 -26.88
CA MET A 853 -16.31 28.36 -27.62
C MET A 853 -17.54 28.21 -26.74
N LEU A 854 -17.35 27.93 -25.44
CA LEU A 854 -18.50 27.88 -24.54
C LEU A 854 -19.08 29.27 -24.28
N SER A 855 -18.26 30.31 -24.30
CA SER A 855 -18.75 31.67 -24.09
C SER A 855 -19.37 32.26 -25.35
N GLU A 856 -18.97 31.80 -26.54
CA GLU A 856 -19.57 32.34 -27.77
C GLU A 856 -21.01 31.86 -27.96
N GLY A 857 -21.28 30.61 -27.65
CA GLY A 857 -22.62 30.09 -27.79
C GLY A 857 -22.63 28.58 -27.97
N ARG A 858 -23.82 28.06 -28.22
CA ARG A 858 -24.03 26.62 -28.39
C ARG A 858 -23.67 26.23 -29.82
N MET A 859 -22.59 25.46 -29.97
CA MET A 859 -22.15 24.98 -31.26
C MET A 859 -21.52 23.60 -31.07
N ASN A 860 -21.65 22.76 -32.11
CA ASN A 860 -21.50 21.31 -31.99
C ASN A 860 -20.06 20.90 -31.66
N SER A 861 -19.95 19.79 -30.93
CA SER A 861 -18.66 19.33 -30.44
C SER A 861 -17.87 18.50 -31.46
N ASN A 862 -18.50 18.05 -32.55
CA ASN A 862 -17.77 17.28 -33.56
C ASN A 862 -16.80 18.17 -34.32
N GLN A 863 -17.28 19.33 -34.78
CA GLN A 863 -16.45 20.28 -35.51
C GLN A 863 -15.32 20.84 -34.64
N VAL A 864 -15.64 21.15 -33.38
CA VAL A 864 -14.63 21.67 -32.45
C VAL A 864 -13.62 20.60 -32.07
N CYS A 865 -14.10 19.36 -31.94
CA CYS A 865 -13.21 18.21 -31.78
C CYS A 865 -12.25 18.10 -32.96
N ILE A 866 -12.76 18.29 -34.18
CA ILE A 866 -11.93 18.24 -35.39
C ILE A 866 -10.89 19.36 -35.38
N ASP A 867 -11.29 20.59 -35.07
CA ASP A 867 -10.33 21.70 -35.18
C ASP A 867 -9.32 21.71 -34.05
N ILE A 868 -9.70 21.28 -32.84
CA ILE A 868 -8.71 21.11 -31.76
C ILE A 868 -7.75 19.99 -32.11
N LEU A 869 -8.23 18.91 -32.72
CA LEU A 869 -7.32 17.83 -33.10
C LEU A 869 -6.38 18.27 -34.22
N ARG A 870 -6.86 19.09 -35.17
CA ARG A 870 -6.00 19.62 -36.23
C ARG A 870 -4.95 20.59 -35.68
N SER A 871 -5.38 21.51 -34.79
CA SER A 871 -4.46 22.47 -34.21
C SER A 871 -3.43 21.78 -33.32
N LEU A 872 -3.87 20.78 -32.55
CA LEU A 872 -2.97 19.98 -31.73
C LEU A 872 -1.97 19.21 -32.59
N GLU A 873 -2.46 18.63 -33.70
CA GLU A 873 -1.61 17.89 -34.63
C GLU A 873 -0.54 18.80 -35.23
N THR A 874 -0.93 20.02 -35.63
CA THR A 874 0.01 20.98 -36.19
C THR A 874 1.05 21.42 -35.15
N ASP A 875 0.60 21.73 -33.93
CA ASP A 875 1.52 22.19 -32.89
C ASP A 875 2.48 21.10 -32.44
N LEU A 876 1.99 19.86 -32.30
CA LEU A 876 2.86 18.77 -31.85
C LEU A 876 3.87 18.38 -32.93
N ARG A 877 3.46 18.38 -34.21
CA ARG A 877 4.44 18.13 -35.26
C ARG A 877 5.45 19.26 -35.40
N SER A 878 5.01 20.51 -35.22
CA SER A 878 5.95 21.63 -35.26
C SER A 878 6.93 21.58 -34.10
N GLU A 879 6.46 21.15 -32.92
CA GLU A 879 7.34 21.01 -31.76
C GLU A 879 8.32 19.85 -31.94
N PHE A 880 7.86 18.75 -32.56
CA PHE A 880 8.76 17.61 -32.76
C PHE A 880 9.81 17.90 -33.84
N ASP A 881 9.43 18.64 -34.89
CA ASP A 881 10.38 18.90 -35.97
C ASP A 881 11.31 20.06 -35.63
N SER A 882 10.76 21.18 -35.15
CA SER A 882 11.57 22.37 -34.95
C SER A 882 12.47 22.26 -33.72
N ARG A 883 11.91 21.73 -32.61
CA ARG A 883 12.53 21.73 -31.28
C ARG A 883 12.94 23.15 -30.85
N SER A 884 12.07 24.12 -31.13
CA SER A 884 12.39 25.50 -30.82
C SER A 884 12.23 25.80 -29.34
N SER A 885 11.33 25.09 -28.66
CA SER A 885 11.12 25.30 -27.24
C SER A 885 12.30 24.76 -26.44
N PRO A 886 12.72 25.45 -25.37
CA PRO A 886 13.97 25.11 -24.70
C PRO A 886 13.84 23.88 -23.81
N LEU A 887 14.96 23.56 -23.15
CA LEU A 887 15.03 22.39 -22.26
C LEU A 887 14.20 22.59 -21.01
N GLU A 888 14.07 23.84 -20.54
CA GLU A 888 13.40 24.10 -19.27
C GLU A 888 11.90 23.88 -19.36
N LEU A 889 11.31 24.08 -20.54
CA LEU A 889 9.87 23.94 -20.73
C LEU A 889 9.43 22.49 -20.80
N PHE A 890 10.36 21.54 -20.98
CA PHE A 890 10.06 20.13 -21.09
C PHE A 890 10.58 19.34 -19.90
N MET A 891 10.62 19.95 -18.72
CA MET A 891 11.40 19.43 -17.60
C MET A 891 10.47 19.14 -16.44
N LEU A 892 10.36 17.87 -16.07
CA LEU A 892 9.54 17.40 -14.97
C LEU A 892 10.32 17.46 -13.66
N SER A 893 9.64 17.11 -12.56
CA SER A 893 10.24 17.11 -11.24
C SER A 893 9.72 15.94 -10.42
N ARG A 894 10.48 15.56 -9.38
CA ARG A 894 10.07 14.48 -8.49
C ARG A 894 10.71 14.69 -7.13
N MET A 895 9.98 14.31 -6.08
CA MET A 895 10.51 14.31 -4.72
C MET A 895 11.21 12.98 -4.45
N HIS A 896 12.43 13.04 -3.93
CA HIS A 896 13.21 11.86 -3.64
C HIS A 896 13.01 11.43 -2.20
N HIS A 897 12.74 10.14 -2.00
CA HIS A 897 12.62 9.58 -0.67
C HIS A 897 13.06 8.12 -0.73
N SER A 898 12.83 7.39 0.35
CA SER A 898 13.13 5.95 0.41
C SER A 898 11.92 5.14 0.82
N ASN A 899 10.72 5.75 0.85
CA ASN A 899 9.48 5.04 1.17
C ASN A 899 9.08 4.23 -0.07
N TYR A 900 9.74 3.09 -0.23
CA TYR A 900 9.53 2.25 -1.40
C TYR A 900 9.30 0.81 -0.97
N LYS A 901 8.23 0.21 -1.47
CA LYS A 901 7.98 -1.21 -1.22
C LYS A 901 9.02 -2.08 -1.92
N SER A 902 9.34 -1.74 -3.16
CA SER A 902 10.33 -2.48 -3.94
C SER A 902 11.69 -1.82 -3.83
N ALA A 903 12.71 -2.60 -3.52
CA ALA A 903 14.06 -2.06 -3.41
C ALA A 903 14.66 -1.73 -4.78
N ASP A 904 14.17 -2.38 -5.84
CA ASP A 904 14.66 -2.17 -7.19
C ASP A 904 13.77 -1.23 -7.99
N ASN A 905 13.20 -0.22 -7.32
CA ASN A 905 12.43 0.80 -8.01
C ASN A 905 13.38 1.66 -8.86
N PRO A 906 13.06 1.88 -10.14
CA PRO A 906 13.93 2.76 -10.96
C PRO A 906 14.04 4.20 -10.49
N ASN A 907 13.10 4.70 -9.67
CA ASN A 907 13.29 6.03 -9.09
C ASN A 907 14.42 6.04 -8.08
N MET A 908 14.42 5.09 -7.15
CA MET A 908 15.48 4.99 -6.15
C MET A 908 16.82 4.66 -6.81
N TYR A 909 16.81 3.76 -7.79
CA TYR A 909 18.03 3.44 -8.53
C TYR A 909 18.52 4.62 -9.35
N LEU A 910 17.60 5.43 -9.88
CA LEU A 910 17.98 6.60 -10.66
C LEU A 910 18.65 7.65 -9.80
N VAL A 911 18.08 7.94 -8.63
CA VAL A 911 18.70 8.91 -7.72
C VAL A 911 20.00 8.35 -7.14
N THR A 912 20.07 7.02 -6.95
CA THR A 912 21.32 6.39 -6.52
C THR A 912 22.41 6.52 -7.59
N GLU A 913 22.05 6.34 -8.87
CA GLU A 913 23.01 6.51 -9.95
C GLU A 913 23.46 7.95 -10.10
N TYR A 914 22.56 8.91 -9.87
CA TYR A 914 22.94 10.32 -9.86
C TYR A 914 23.92 10.62 -8.73
N ASN A 915 23.61 10.15 -7.51
CA ASN A 915 24.47 10.44 -6.37
C ASN A 915 25.79 9.69 -6.46
N LYS A 916 25.81 8.58 -7.18
CA LYS A 916 27.03 7.80 -7.31
C LYS A 916 27.91 8.34 -8.42
N ASN A 917 27.31 8.85 -9.50
CA ASN A 917 28.05 9.36 -10.64
C ASN A 917 28.35 10.85 -10.51
N ASN A 918 27.31 11.68 -10.33
CA ASN A 918 27.45 13.12 -10.28
C ASN A 918 27.79 13.59 -8.86
N PRO A 919 28.59 14.66 -8.73
CA PRO A 919 28.98 15.12 -7.39
C PRO A 919 27.86 15.77 -6.59
N GLU A 920 26.77 16.18 -7.23
CA GLU A 920 25.61 16.67 -6.49
C GLU A 920 24.95 15.52 -5.75
N THR A 921 24.73 15.70 -4.45
CA THR A 921 24.08 14.71 -3.62
C THR A 921 22.63 15.10 -3.42
N ILE A 922 21.71 14.30 -3.97
CA ILE A 922 20.29 14.52 -3.76
C ILE A 922 19.89 13.86 -2.44
N GLU A 923 19.40 14.66 -1.51
CA GLU A 923 19.02 14.15 -0.21
C GLU A 923 17.59 13.61 -0.26
N LEU A 924 17.16 13.08 0.88
CA LEU A 924 15.78 12.62 1.01
C LEU A 924 14.88 13.81 1.22
N GLY A 925 13.80 13.90 0.44
CA GLY A 925 12.96 15.07 0.41
C GLY A 925 13.37 16.12 -0.59
N GLU A 926 14.52 15.94 -1.24
CA GLU A 926 14.96 16.88 -2.27
C GLU A 926 14.12 16.72 -3.52
N ARG A 927 13.76 17.84 -4.13
CA ARG A 927 13.00 17.84 -5.37
C ARG A 927 13.97 18.03 -6.53
N TYR A 928 14.05 17.04 -7.40
CA TYR A 928 15.00 17.04 -8.50
C TYR A 928 14.28 17.16 -9.84
N TYR A 929 14.81 18.03 -10.70
CA TYR A 929 14.34 18.14 -12.08
C TYR A 929 14.84 16.96 -12.91
N PHE A 930 13.91 16.25 -13.54
CA PHE A 930 14.27 15.16 -14.44
C PHE A 930 13.61 15.42 -15.80
N ALA A 931 14.17 14.82 -16.84
CA ALA A 931 13.56 14.83 -18.16
C ALA A 931 13.72 13.45 -18.78
N TYR A 932 13.06 13.26 -19.91
CA TYR A 932 13.12 12.03 -20.69
C TYR A 932 14.09 12.21 -21.84
N ILE A 933 15.19 11.47 -21.83
CA ILE A 933 16.27 11.62 -22.80
C ILE A 933 16.53 10.30 -23.50
N CYS A 934 16.51 10.32 -24.83
CA CYS A 934 16.92 9.23 -25.70
C CYS A 934 17.92 9.80 -26.70
N PRO A 935 18.75 8.94 -27.31
CA PRO A 935 19.61 9.43 -28.40
C PRO A 935 18.80 9.93 -29.59
N ALA A 936 19.33 10.96 -30.26
CA ALA A 936 18.62 11.64 -31.34
C ALA A 936 18.60 10.83 -32.64
N ASN A 937 19.38 9.76 -32.72
CA ASN A 937 19.44 8.98 -33.95
C ASN A 937 18.20 8.13 -34.19
N VAL A 938 17.40 7.89 -33.15
CA VAL A 938 16.21 7.06 -33.28
C VAL A 938 15.12 7.87 -33.99
N PRO A 939 14.21 7.24 -34.73
CA PRO A 939 13.12 7.98 -35.37
C PRO A 939 11.95 8.23 -34.42
N TRP A 940 10.86 8.76 -34.97
CA TRP A 940 9.62 8.93 -34.22
C TRP A 940 9.06 7.57 -33.82
N THR A 941 8.79 7.41 -32.53
CA THR A 941 8.41 6.12 -31.95
C THR A 941 6.94 6.16 -31.55
N LYS A 942 6.17 5.17 -32.03
CA LYS A 942 4.78 5.04 -31.61
C LYS A 942 4.68 4.25 -30.30
N LYS A 943 5.13 3.00 -30.32
CA LYS A 943 5.04 2.15 -29.13
C LYS A 943 6.09 2.55 -28.10
N LEU A 944 5.76 2.32 -26.83
CA LEU A 944 6.62 2.68 -25.72
C LEU A 944 6.97 1.45 -24.88
N VAL A 945 8.27 1.23 -24.70
CA VAL A 945 8.78 0.26 -23.73
C VAL A 945 9.90 0.93 -22.94
N ASN A 946 9.92 0.64 -21.62
CA ASN A 946 10.96 1.11 -20.69
C ASN A 946 11.04 2.64 -20.64
N ILE A 947 9.91 3.28 -20.31
CA ILE A 947 9.86 4.74 -20.23
C ILE A 947 10.63 5.24 -19.02
N LYS A 948 10.51 4.53 -17.89
CA LYS A 948 11.19 4.98 -16.66
C LYS A 948 12.69 4.78 -16.72
N THR A 949 13.20 3.95 -17.63
CA THR A 949 14.63 3.85 -17.85
C THR A 949 15.16 5.00 -18.69
N TYR A 950 14.28 5.76 -19.34
CA TYR A 950 14.68 6.96 -20.07
C TYR A 950 14.79 8.18 -19.16
N GLU A 951 14.48 8.04 -17.88
CA GLU A 951 14.58 9.15 -16.95
C GLU A 951 16.03 9.51 -16.69
N THR A 952 16.32 10.81 -16.76
CA THR A 952 17.64 11.32 -16.38
C THR A 952 17.44 12.63 -15.63
N ILE A 953 18.04 12.73 -14.44
CA ILE A 953 17.92 13.93 -13.63
C ILE A 953 18.75 15.06 -14.21
N ILE A 954 18.13 16.23 -14.32
CA ILE A 954 18.72 17.42 -14.94
C ILE A 954 19.01 18.43 -13.83
N ASP A 955 20.24 18.91 -13.77
CA ASP A 955 20.61 19.96 -12.84
C ASP A 955 21.05 21.21 -13.61
N ARG A 956 21.57 22.19 -12.88
CA ARG A 956 21.99 23.44 -13.49
C ARG A 956 23.21 23.27 -14.38
N SER A 957 24.06 22.29 -14.08
CA SER A 957 25.24 22.01 -14.89
C SER A 957 24.96 21.13 -16.09
N PHE A 958 23.76 20.57 -16.21
CA PHE A 958 23.43 19.68 -17.31
C PHE A 958 23.16 20.45 -18.58
N LYS A 959 23.75 19.99 -19.68
CA LYS A 959 23.50 20.53 -21.00
C LYS A 959 23.12 19.39 -21.93
N LEU A 960 22.15 19.65 -22.80
CA LEU A 960 21.71 18.64 -23.75
C LEU A 960 22.75 18.47 -24.85
N GLY A 961 23.21 17.23 -25.04
CA GLY A 961 24.22 16.95 -26.03
C GLY A 961 23.67 16.94 -27.45
N SER A 962 24.60 16.94 -28.41
CA SER A 962 24.22 16.89 -29.81
C SER A 962 23.67 15.52 -30.19
N ASN A 963 24.28 14.45 -29.67
CA ASN A 963 23.81 13.11 -29.95
C ASN A 963 22.55 12.76 -29.18
N GLN A 964 22.36 13.38 -28.02
CA GLN A 964 21.17 13.12 -27.20
C GLN A 964 20.04 14.05 -27.60
N ARG A 965 18.82 13.67 -27.22
CA ARG A 965 17.65 14.50 -27.48
C ARG A 965 16.63 14.25 -26.38
N ILE A 966 15.65 15.14 -26.30
CA ILE A 966 14.53 14.97 -25.39
C ILE A 966 13.56 13.97 -26.00
N PHE A 967 13.02 13.08 -25.17
CA PHE A 967 11.98 12.18 -25.64
C PHE A 967 10.63 12.90 -25.60
N TYR A 968 10.28 13.58 -26.69
CA TYR A 968 9.07 14.40 -26.70
C TYR A 968 7.79 13.58 -26.82
N GLU A 969 7.90 12.30 -27.18
CA GLU A 969 6.72 11.50 -27.54
C GLU A 969 5.84 11.21 -26.32
N VAL A 970 6.45 10.94 -25.17
CA VAL A 970 5.66 10.71 -23.97
C VAL A 970 5.02 12.01 -23.47
N TYR A 971 5.69 13.16 -23.71
CA TYR A 971 5.08 14.45 -23.39
C TYR A 971 3.85 14.70 -24.26
N PHE A 972 3.96 14.40 -25.56
CA PHE A 972 2.80 14.50 -26.43
C PHE A 972 1.72 13.49 -26.08
N LYS A 973 2.11 12.32 -25.58
CA LYS A 973 1.14 11.30 -25.19
C LYS A 973 0.31 11.74 -23.99
N ARG A 974 0.99 12.25 -22.95
CA ARG A 974 0.29 12.75 -21.77
C ARG A 974 -0.58 13.97 -22.11
N LEU A 975 -0.02 14.89 -22.91
CA LEU A 975 -0.75 16.10 -23.27
C LEU A 975 -1.97 15.79 -24.13
N THR A 976 -1.82 14.90 -25.12
CA THR A 976 -2.92 14.49 -25.98
C THR A 976 -3.98 13.73 -25.22
N SER A 977 -3.58 12.92 -24.23
CA SER A 977 -4.53 12.27 -23.35
C SER A 977 -5.35 13.29 -22.55
N GLU A 978 -4.70 14.35 -22.08
CA GLU A 978 -5.44 15.38 -21.36
C GLU A 978 -6.36 16.20 -22.27
N ILE A 979 -5.99 16.40 -23.54
CA ILE A 979 -6.93 17.03 -24.48
C ILE A 979 -8.13 16.13 -24.73
N VAL A 980 -7.90 14.85 -25.00
CA VAL A 980 -9.00 13.99 -25.41
C VAL A 980 -9.88 13.58 -24.24
N ASN A 981 -9.40 13.71 -22.99
CA ASN A 981 -10.28 13.52 -21.85
C ASN A 981 -11.29 14.66 -21.72
N LEU A 982 -10.89 15.88 -22.10
CA LEU A 982 -11.81 17.00 -22.06
C LEU A 982 -12.81 16.96 -23.21
N LEU A 983 -12.44 16.34 -24.32
CA LEU A 983 -13.29 16.30 -25.50
C LEU A 983 -14.45 15.33 -25.31
N ASP A 984 -15.50 15.53 -26.10
CA ASP A 984 -16.76 14.83 -25.86
C ASP A 984 -16.79 13.47 -26.53
N ASN A 985 -16.62 13.42 -27.85
CA ASN A 985 -16.81 12.19 -28.61
C ASN A 985 -15.55 11.33 -28.58
N LYS A 986 -15.73 10.05 -28.28
CA LYS A 986 -14.60 9.14 -28.10
C LYS A 986 -14.02 8.68 -29.44
N VAL A 987 -14.85 8.61 -30.48
CA VAL A 987 -14.50 7.87 -31.69
C VAL A 987 -13.38 8.55 -32.47
N LEU A 988 -13.45 9.87 -32.64
CA LEU A 988 -12.37 10.59 -33.30
C LEU A 988 -11.11 10.66 -32.45
N CYS A 989 -11.27 10.69 -31.12
CA CYS A 989 -10.13 10.77 -30.22
C CYS A 989 -9.31 9.49 -30.21
N ILE A 990 -9.98 8.33 -30.23
CA ILE A 990 -9.27 7.05 -30.29
C ILE A 990 -8.53 6.91 -31.62
N SER A 991 -9.16 7.37 -32.72
CA SER A 991 -8.52 7.32 -34.03
C SER A 991 -7.30 8.22 -34.09
N PHE A 992 -7.40 9.43 -33.52
CA PHE A 992 -6.24 10.33 -33.46
C PHE A 992 -5.13 9.75 -32.59
N PHE A 993 -5.48 9.16 -31.44
CA PHE A 993 -4.46 8.66 -30.53
C PHE A 993 -3.78 7.42 -31.11
N GLN A 994 -4.52 6.62 -31.89
CA GLN A 994 -3.93 5.48 -32.58
C GLN A 994 -3.10 5.90 -33.78
N ARG A 995 -3.49 6.96 -34.49
CA ARG A 995 -2.68 7.42 -35.62
C ARG A 995 -1.49 8.24 -35.18
N MET A 996 -1.46 8.71 -33.94
CA MET A 996 -0.34 9.50 -33.44
C MET A 996 0.62 8.72 -32.56
N PHE A 997 0.11 7.77 -31.76
CA PHE A 997 0.95 6.99 -30.85
C PHE A 997 0.70 5.49 -30.90
N GLY A 998 -0.36 5.02 -31.54
CA GLY A 998 -0.60 3.60 -31.67
C GLY A 998 -0.98 2.87 -30.40
N SER A 999 -1.83 3.46 -29.57
CA SER A 999 -2.30 2.83 -28.35
C SER A 999 -3.77 3.16 -28.14
N ARG A 1000 -4.38 2.50 -27.16
CA ARG A 1000 -5.74 2.84 -26.78
C ARG A 1000 -5.72 3.87 -25.66
N PRO A 1001 -6.32 5.04 -25.84
CA PRO A 1001 -6.26 6.07 -24.79
C PRO A 1001 -7.23 5.77 -23.65
N THR A 1002 -6.79 6.07 -22.44
CA THR A 1002 -7.62 5.90 -21.26
C THR A 1002 -8.55 7.10 -21.10
N PHE A 1003 -9.84 6.83 -20.92
CA PHE A 1003 -10.86 7.86 -20.81
C PHE A 1003 -11.48 7.83 -19.42
N TYR A 1004 -11.63 9.02 -18.82
CA TYR A 1004 -12.31 9.13 -17.54
C TYR A 1004 -13.80 8.89 -17.71
N GLU A 1005 -14.38 8.14 -16.77
CA GLU A 1005 -15.81 7.86 -16.75
C GLU A 1005 -16.44 8.60 -15.58
N ALA A 1006 -17.45 9.41 -15.88
CA ALA A 1006 -18.12 10.21 -14.85
C ALA A 1006 -19.12 9.37 -14.08
N MET B 1 19.48 20.04 19.36
CA MET B 1 18.38 19.13 19.63
C MET B 1 18.78 17.67 19.45
N HIS B 2 20.08 17.40 19.61
CA HIS B 2 20.59 16.03 19.61
C HIS B 2 20.47 15.36 20.98
N HIS B 3 19.57 15.86 21.83
CA HIS B 3 19.00 15.13 22.95
C HIS B 3 17.77 14.33 22.50
N HIS B 4 17.55 14.24 21.20
CA HIS B 4 16.39 13.62 20.60
C HIS B 4 16.75 12.69 19.46
N HIS B 5 18.06 12.42 19.26
CA HIS B 5 18.68 11.68 18.17
C HIS B 5 18.51 12.33 16.80
N HIS B 6 19.36 11.96 15.86
CA HIS B 6 19.23 12.44 14.49
C HIS B 6 18.04 11.77 13.82
N HIS B 7 18.06 10.45 13.73
CA HIS B 7 16.87 9.65 13.44
C HIS B 7 16.80 8.54 14.48
N GLY B 8 15.92 8.70 15.46
CA GLY B 8 15.84 7.79 16.60
C GLY B 8 15.49 6.36 16.28
N THR B 9 16.22 5.43 16.87
CA THR B 9 15.96 4.01 16.73
C THR B 9 15.37 3.45 18.02
N GLY B 10 14.53 2.43 17.88
CA GLY B 10 13.83 1.85 19.00
C GLY B 10 14.70 0.91 19.81
N SER B 11 14.07 0.27 20.78
CA SER B 11 14.73 -0.73 21.61
C SER B 11 14.64 -2.12 20.99
N MET B 12 15.03 -2.21 19.73
CA MET B 12 15.05 -3.47 18.99
C MET B 12 16.26 -4.32 19.28
N THR B 13 17.21 -3.81 20.06
CA THR B 13 18.31 -4.61 20.57
C THR B 13 17.98 -5.31 21.87
N SER B 14 16.81 -5.01 22.46
CA SER B 14 16.46 -5.52 23.77
C SER B 14 16.07 -7.01 23.72
N SER B 15 15.97 -7.61 24.90
CA SER B 15 15.65 -9.03 25.01
C SER B 15 14.18 -9.32 24.75
N ALA B 16 13.29 -8.35 24.98
CA ALA B 16 11.88 -8.53 24.68
C ALA B 16 11.65 -8.66 23.18
N ASP B 17 12.30 -7.80 22.39
CA ASP B 17 12.23 -7.92 20.95
C ASP B 17 13.02 -9.13 20.45
N LEU B 18 14.01 -9.61 21.21
CA LEU B 18 14.65 -10.88 20.90
C LEU B 18 13.68 -12.04 21.04
N THR B 19 12.90 -12.06 22.13
CA THR B 19 11.89 -13.11 22.30
C THR B 19 10.79 -13.00 21.26
N ASN B 20 10.46 -11.77 20.84
CA ASN B 20 9.49 -11.56 19.77
C ASN B 20 10.03 -12.09 18.44
N LEU B 21 11.33 -11.89 18.18
CA LEU B 21 11.95 -12.41 16.97
C LEU B 21 12.05 -13.93 17.00
N LYS B 22 12.30 -14.51 18.18
CA LYS B 22 12.31 -15.96 18.31
C LYS B 22 10.93 -16.55 18.10
N GLU B 23 9.89 -15.84 18.57
CA GLU B 23 8.52 -16.24 18.28
C GLU B 23 8.21 -16.15 16.79
N LEU B 24 8.75 -15.12 16.13
CA LEU B 24 8.63 -15.00 14.67
C LEU B 24 9.29 -16.16 13.96
N LEU B 25 10.48 -16.56 14.43
CA LEU B 25 11.19 -17.70 13.83
C LEU B 25 10.43 -19.00 14.03
N SER B 26 9.92 -19.23 15.25
CA SER B 26 9.19 -20.46 15.55
C SER B 26 7.87 -20.53 14.79
N LEU B 27 7.22 -19.38 14.58
CA LEU B 27 6.00 -19.35 13.80
C LEU B 27 6.26 -19.44 12.30
N TYR B 28 7.41 -18.95 11.84
CA TYR B 28 7.78 -19.12 10.44
C TYR B 28 8.11 -20.57 10.13
N LYS B 29 8.75 -21.29 11.08
CA LYS B 29 9.03 -22.70 10.87
C LYS B 29 7.77 -23.55 10.85
N SER B 30 6.69 -23.05 11.45
CA SER B 30 5.38 -23.71 11.40
C SER B 30 4.36 -22.83 10.67
N LEU B 31 4.77 -22.22 9.57
CA LEU B 31 3.88 -21.35 8.82
C LEU B 31 2.81 -22.14 8.08
N ARG B 32 3.18 -23.27 7.48
CA ARG B 32 2.21 -24.13 6.83
C ARG B 32 1.35 -24.89 7.82
N PHE B 33 1.83 -25.04 9.06
CA PHE B 33 1.11 -25.81 10.08
C PHE B 33 0.03 -24.99 10.77
N SER B 34 0.16 -23.66 10.77
CA SER B 34 -0.66 -22.79 11.59
C SER B 34 -1.94 -22.40 10.86
N ASP B 35 -2.86 -21.81 11.63
CA ASP B 35 -4.15 -21.35 11.13
C ASP B 35 -4.01 -19.98 10.48
N SER B 36 -5.17 -19.36 10.18
CA SER B 36 -5.18 -18.03 9.60
C SER B 36 -4.85 -16.96 10.64
N VAL B 37 -5.18 -17.20 11.92
CA VAL B 37 -4.92 -16.22 12.97
C VAL B 37 -3.42 -16.09 13.22
N ALA B 38 -2.71 -17.21 13.31
CA ALA B 38 -1.26 -17.15 13.47
C ALA B 38 -0.57 -16.68 12.19
N ILE B 39 -1.19 -16.89 11.03
CA ILE B 39 -0.66 -16.32 9.78
C ILE B 39 -0.78 -14.81 9.79
N GLU B 40 -1.91 -14.28 10.29
CA GLU B 40 -2.08 -12.83 10.41
C GLU B 40 -1.12 -12.25 11.45
N LYS B 41 -0.90 -12.97 12.56
CA LYS B 41 0.08 -12.57 13.55
C LYS B 41 1.49 -12.58 12.97
N TYR B 42 1.79 -13.57 12.14
CA TYR B 42 3.08 -13.64 11.45
C TYR B 42 3.26 -12.47 10.49
N ASN B 43 2.20 -12.10 9.77
CA ASN B 43 2.26 -10.95 8.86
C ASN B 43 2.48 -9.65 9.63
N SER B 44 1.79 -9.49 10.76
CA SER B 44 1.98 -8.29 11.58
C SER B 44 3.38 -8.26 12.18
N LEU B 45 3.94 -9.42 12.54
CA LEU B 45 5.27 -9.45 13.12
C LEU B 45 6.35 -9.26 12.06
N VAL B 46 6.11 -9.70 10.82
CA VAL B 46 7.01 -9.39 9.71
C VAL B 46 6.95 -7.90 9.39
N GLU B 47 5.76 -7.30 9.51
CA GLU B 47 5.64 -5.85 9.36
C GLU B 47 6.42 -5.11 10.44
N TRP B 48 6.38 -5.63 11.67
CA TRP B 48 7.20 -5.08 12.76
C TRP B 48 8.70 -5.23 12.47
N GLY B 49 9.10 -6.37 11.91
CA GLY B 49 10.49 -6.58 11.57
C GLY B 49 10.98 -5.66 10.47
N THR B 50 10.13 -5.41 9.47
CA THR B 50 10.48 -4.42 8.44
C THR B 50 10.48 -3.01 8.99
N SER B 51 9.63 -2.71 9.98
CA SER B 51 9.61 -1.38 10.57
C SER B 51 10.85 -1.13 11.42
N THR B 52 11.33 -2.17 12.12
CA THR B 52 12.48 -1.99 13.01
C THR B 52 13.82 -2.24 12.33
N TYR B 53 14.03 -3.44 11.79
CA TYR B 53 15.34 -3.81 11.27
C TYR B 53 15.51 -3.51 9.77
N TRP B 54 14.49 -2.90 9.14
CA TRP B 54 14.49 -2.35 7.77
C TRP B 54 14.48 -3.41 6.67
N LYS B 55 14.71 -4.68 7.04
CA LYS B 55 14.65 -5.79 6.10
C LYS B 55 14.59 -7.10 6.88
N ILE B 56 13.67 -7.97 6.50
CA ILE B 56 13.50 -9.28 7.14
C ILE B 56 13.66 -10.35 6.06
N GLY B 57 14.31 -11.46 6.44
CA GLY B 57 14.61 -12.51 5.48
C GLY B 57 13.36 -13.22 4.99
N VAL B 58 12.39 -13.40 5.87
CA VAL B 58 11.07 -13.95 5.52
C VAL B 58 10.23 -12.83 4.91
N GLN B 59 9.05 -13.18 4.39
CA GLN B 59 8.17 -12.19 3.79
C GLN B 59 6.74 -12.36 4.28
N LYS B 60 5.95 -11.32 4.10
CA LYS B 60 4.51 -11.41 4.38
C LYS B 60 3.84 -12.36 3.41
N VAL B 61 2.93 -13.17 3.92
CA VAL B 61 2.22 -14.17 3.13
C VAL B 61 0.75 -13.79 3.07
N THR B 62 0.11 -14.08 1.94
CA THR B 62 -1.32 -13.85 1.75
C THR B 62 -2.11 -15.16 1.79
N ASN B 63 -1.71 -16.14 0.99
CA ASN B 63 -2.32 -17.46 0.99
C ASN B 63 -1.23 -18.50 1.21
N VAL B 64 -1.44 -19.40 2.16
CA VAL B 64 -0.51 -20.47 2.49
C VAL B 64 -1.20 -21.80 2.27
N GLU B 65 -0.60 -22.65 1.45
CA GLU B 65 -1.12 -24.01 1.26
C GLU B 65 -0.82 -24.81 2.52
N THR B 66 -1.87 -25.26 3.20
CA THR B 66 -1.70 -26.03 4.43
C THR B 66 -1.38 -27.48 4.05
N SER B 67 -0.10 -27.83 4.12
CA SER B 67 0.35 -29.17 3.77
C SER B 67 1.42 -29.61 4.75
N ILE B 68 1.27 -30.81 5.31
CA ILE B 68 2.25 -31.37 6.22
C ILE B 68 3.03 -32.46 5.50
N SER B 69 3.04 -32.39 4.16
CA SER B 69 3.77 -33.34 3.34
C SER B 69 5.29 -33.16 3.39
N ASP B 70 5.78 -32.07 3.99
CA ASP B 70 7.21 -31.93 4.21
C ASP B 70 7.69 -32.92 5.27
N TYR B 71 6.84 -33.24 6.24
CA TYR B 71 7.13 -34.27 7.23
C TYR B 71 6.66 -35.65 6.78
N TYR B 72 6.18 -35.78 5.55
CA TYR B 72 5.77 -37.06 4.99
C TYR B 72 6.55 -37.31 3.71
N ASP B 73 6.22 -38.42 3.04
CA ASP B 73 6.94 -38.86 1.86
C ASP B 73 5.89 -39.36 0.86
N GLU B 74 6.31 -39.54 -0.39
CA GLU B 74 5.42 -40.00 -1.45
C GLU B 74 4.89 -41.40 -1.17
N VAL B 75 3.58 -41.57 -1.33
CA VAL B 75 2.92 -42.83 -1.03
C VAL B 75 3.10 -43.78 -2.22
N LYS B 76 3.23 -45.07 -1.93
CA LYS B 76 3.43 -46.09 -2.94
C LYS B 76 2.28 -47.09 -2.91
N ASN B 77 1.86 -47.55 -4.09
CA ASN B 77 0.80 -48.54 -4.20
C ASN B 77 1.30 -49.92 -4.60
N LYS B 78 2.61 -50.14 -4.59
CA LYS B 78 3.22 -51.42 -4.90
C LYS B 78 3.71 -52.09 -3.61
N PRO B 79 3.72 -53.42 -3.57
CA PRO B 79 4.38 -54.10 -2.45
C PRO B 79 5.88 -53.85 -2.45
N PHE B 80 6.43 -53.64 -1.25
CA PHE B 80 7.82 -53.25 -1.10
C PHE B 80 8.42 -53.95 0.10
N ASN B 81 9.73 -54.19 0.02
CA ASN B 81 10.46 -54.78 1.14
C ASN B 81 10.84 -53.71 2.14
N ILE B 82 10.72 -54.04 3.42
CA ILE B 82 10.98 -53.09 4.49
C ILE B 82 12.33 -53.42 5.12
N ASP B 83 12.95 -52.40 5.73
CA ASP B 83 14.21 -52.59 6.42
C ASP B 83 13.98 -53.25 7.77
N PRO B 84 14.96 -54.01 8.27
CA PRO B 84 14.85 -54.54 9.64
C PRO B 84 15.00 -53.43 10.68
N GLY B 85 14.30 -53.59 11.78
CA GLY B 85 14.37 -52.64 12.87
C GLY B 85 13.03 -52.55 13.59
N TYR B 86 13.01 -51.67 14.58
CA TYR B 86 11.79 -51.42 15.34
C TYR B 86 10.83 -50.55 14.54
N TYR B 87 9.55 -50.91 14.55
CA TYR B 87 8.54 -50.21 13.78
C TYR B 87 7.25 -50.10 14.58
N ILE B 88 6.67 -48.90 14.59
CA ILE B 88 5.38 -48.64 15.18
C ILE B 88 4.39 -48.38 14.05
N PHE B 89 3.24 -49.04 14.09
CA PHE B 89 2.28 -48.97 13.00
C PHE B 89 1.04 -48.20 13.45
N LEU B 90 0.70 -47.15 12.70
CA LEU B 90 -0.45 -46.32 12.99
C LEU B 90 -1.36 -46.27 11.76
N PRO B 91 -2.65 -46.55 11.90
CA PRO B 91 -3.54 -46.52 10.73
C PRO B 91 -3.87 -45.09 10.32
N VAL B 92 -4.01 -44.88 9.02
CA VAL B 92 -4.42 -43.59 8.47
C VAL B 92 -5.90 -43.70 8.11
N TYR B 93 -6.70 -42.79 8.67
CA TYR B 93 -8.15 -42.88 8.59
C TYR B 93 -8.71 -42.13 7.39
N PHE B 94 -9.97 -42.44 7.09
CA PHE B 94 -10.59 -42.02 5.83
C PHE B 94 -10.97 -40.55 5.84
N GLY B 95 -11.38 -40.02 6.99
CA GLY B 95 -12.04 -38.72 7.04
C GLY B 95 -11.12 -37.55 6.78
N SER B 96 -11.70 -36.35 6.92
CA SER B 96 -11.00 -35.11 6.58
C SER B 96 -9.83 -34.86 7.53
N VAL B 97 -8.69 -34.52 6.95
CA VAL B 97 -7.45 -34.40 7.72
C VAL B 97 -7.38 -33.01 8.33
N PHE B 98 -7.18 -32.97 9.65
CA PHE B 98 -7.03 -31.73 10.40
C PHE B 98 -5.78 -31.82 11.25
N ILE B 99 -5.22 -30.67 11.58
CA ILE B 99 -4.01 -30.58 12.41
C ILE B 99 -4.22 -29.54 13.49
N TYR B 100 -3.70 -29.82 14.69
CA TYR B 100 -3.74 -28.92 15.84
C TYR B 100 -2.31 -28.49 16.14
N SER B 101 -1.91 -27.35 15.58
CA SER B 101 -0.56 -26.83 15.75
C SER B 101 -0.46 -26.07 17.07
N LYS B 102 0.64 -25.33 17.25
CA LYS B 102 0.88 -24.59 18.48
C LYS B 102 0.09 -23.29 18.57
N GLY B 103 -0.65 -22.92 17.54
CA GLY B 103 -1.51 -21.75 17.58
C GLY B 103 -2.82 -21.94 18.29
N LYS B 104 -3.07 -23.15 18.82
CA LYS B 104 -4.21 -23.48 19.69
C LYS B 104 -5.55 -23.33 18.97
N ASN B 105 -5.54 -23.40 17.63
CA ASN B 105 -6.75 -23.52 16.83
C ASN B 105 -6.65 -24.78 15.98
N MET B 106 -7.77 -25.17 15.39
CA MET B 106 -7.85 -26.48 14.73
C MET B 106 -7.69 -26.23 13.24
N VAL B 107 -6.50 -26.48 12.72
CA VAL B 107 -6.18 -26.10 11.34
C VAL B 107 -6.63 -27.18 10.39
N GLU B 108 -7.24 -26.76 9.27
CA GLU B 108 -7.75 -27.67 8.25
C GLU B 108 -6.77 -27.73 7.08
N LEU B 109 -6.47 -28.94 6.62
CA LEU B 109 -5.58 -29.13 5.48
C LEU B 109 -6.28 -28.76 4.19
N GLY B 110 -5.56 -28.03 3.33
CA GLY B 110 -6.03 -27.69 2.00
C GLY B 110 -6.71 -26.34 1.90
N SER B 111 -7.21 -25.78 3.01
CA SER B 111 -7.85 -24.49 2.98
C SER B 111 -7.27 -23.57 4.06
N GLY B 112 -6.83 -24.15 5.17
CA GLY B 112 -6.26 -23.38 6.25
C GLY B 112 -7.25 -22.73 7.19
N ASN B 113 -8.54 -22.98 7.01
CA ASN B 113 -9.54 -22.37 7.88
C ASN B 113 -9.53 -23.02 9.26
N SER B 114 -9.75 -22.21 10.28
CA SER B 114 -9.81 -22.69 11.66
C SER B 114 -11.17 -23.30 11.92
N PHE B 115 -11.18 -24.58 12.28
CA PHE B 115 -12.42 -25.30 12.53
C PHE B 115 -12.85 -25.16 13.98
N GLN B 116 -14.15 -25.18 14.21
CA GLN B 116 -14.72 -25.05 15.54
C GLN B 116 -14.85 -26.44 16.17
N ILE B 117 -14.25 -26.61 17.34
CA ILE B 117 -14.21 -27.91 18.01
C ILE B 117 -14.92 -27.77 19.34
N PRO B 118 -15.45 -28.87 19.90
CA PRO B 118 -16.05 -28.80 21.24
C PRO B 118 -15.02 -28.51 22.32
N ASP B 119 -15.54 -28.06 23.47
CA ASP B 119 -14.69 -27.53 24.52
C ASP B 119 -13.85 -28.60 25.21
N GLU B 120 -14.37 -29.82 25.33
CA GLU B 120 -13.61 -30.87 26.00
C GLU B 120 -12.47 -31.37 25.13
N ILE B 121 -12.68 -31.44 23.81
CA ILE B 121 -11.61 -31.82 22.90
C ILE B 121 -10.55 -30.72 22.83
N ARG B 122 -10.99 -29.46 22.87
CA ARG B 122 -10.07 -28.32 22.92
C ARG B 122 -9.24 -28.35 24.20
N SER B 123 -9.87 -28.64 25.34
CA SER B 123 -9.14 -28.69 26.61
C SER B 123 -8.18 -29.86 26.66
N ALA B 124 -8.57 -31.01 26.09
CA ALA B 124 -7.67 -32.16 26.04
C ALA B 124 -6.47 -31.90 25.14
N CYS B 125 -6.69 -31.25 23.99
CA CYS B 125 -5.58 -30.89 23.11
C CYS B 125 -4.67 -29.85 23.74
N ASN B 126 -5.25 -28.89 24.48
CA ASN B 126 -4.43 -27.90 25.19
C ASN B 126 -3.61 -28.55 26.29
N LYS B 127 -4.17 -29.53 27.01
CA LYS B 127 -3.42 -30.23 28.04
C LYS B 127 -2.32 -31.10 27.44
N VAL B 128 -2.59 -31.68 26.26
CA VAL B 128 -1.56 -32.46 25.57
C VAL B 128 -0.41 -31.56 25.12
N LEU B 129 -0.74 -30.39 24.56
CA LEU B 129 0.31 -29.48 24.11
C LEU B 129 1.07 -28.84 25.26
N ASP B 130 0.40 -28.57 26.39
CA ASP B 130 1.07 -28.01 27.55
C ASP B 130 1.88 -29.04 28.31
N SER B 131 1.50 -30.33 28.23
CA SER B 131 2.28 -31.37 28.89
C SER B 131 3.62 -31.58 28.20
N ASP B 132 3.65 -31.48 26.88
CA ASP B 132 4.86 -31.75 26.10
C ASP B 132 5.02 -30.64 25.06
N ASN B 133 6.11 -29.87 25.20
CA ASN B 133 6.34 -28.70 24.35
C ASN B 133 6.84 -29.12 22.97
N GLY B 134 7.51 -30.26 22.87
CA GLY B 134 8.19 -30.65 21.64
C GLY B 134 7.30 -31.10 20.50
N ILE B 135 5.99 -31.17 20.70
CA ILE B 135 5.06 -31.57 19.65
C ILE B 135 4.86 -30.41 18.70
N ASP B 136 5.14 -30.62 17.41
CA ASP B 136 4.90 -29.58 16.42
C ASP B 136 3.41 -29.38 16.17
N PHE B 137 2.69 -30.47 15.94
CA PHE B 137 1.26 -30.40 15.67
C PHE B 137 0.62 -31.76 15.97
N LEU B 138 -0.71 -31.75 16.11
CA LEU B 138 -1.50 -32.94 16.39
C LEU B 138 -2.41 -33.20 15.20
N ARG B 139 -2.06 -34.20 14.38
CA ARG B 139 -2.87 -34.54 13.23
C ARG B 139 -4.14 -35.26 13.66
N PHE B 140 -5.29 -34.79 13.18
CA PHE B 140 -6.58 -35.34 13.55
C PHE B 140 -7.36 -35.71 12.30
N VAL B 141 -8.44 -36.47 12.51
CA VAL B 141 -9.33 -36.90 11.44
C VAL B 141 -10.77 -36.66 11.88
N LEU B 142 -11.54 -35.96 11.05
CA LEU B 142 -12.95 -35.66 11.32
C LEU B 142 -13.83 -36.53 10.43
N LEU B 143 -14.50 -37.51 11.04
CA LEU B 143 -15.59 -38.21 10.38
C LEU B 143 -16.60 -38.65 11.45
N ASN B 144 -17.89 -38.50 11.13
CA ASN B 144 -19.01 -38.98 11.95
C ASN B 144 -19.00 -38.39 13.36
N ASN B 145 -18.66 -37.09 13.44
CA ASN B 145 -18.63 -36.31 14.68
C ASN B 145 -17.70 -36.90 15.75
N ARG B 146 -16.58 -37.48 15.33
CA ARG B 146 -15.63 -38.06 16.27
C ARG B 146 -14.24 -37.53 15.92
N TRP B 147 -13.66 -36.74 16.82
CA TRP B 147 -12.32 -36.22 16.65
C TRP B 147 -11.32 -37.25 17.16
N ILE B 148 -10.63 -37.91 16.24
CA ILE B 148 -9.68 -38.97 16.56
C ILE B 148 -8.29 -38.54 16.08
N MET B 149 -7.29 -38.74 16.94
CA MET B 149 -5.92 -38.36 16.64
C MET B 149 -5.29 -39.42 15.75
N GLU B 150 -5.17 -39.12 14.46
CA GLU B 150 -4.55 -40.07 13.53
C GLU B 150 -3.06 -40.22 13.82
N ASP B 151 -2.37 -39.12 14.07
CA ASP B 151 -0.94 -39.17 14.35
C ASP B 151 -0.55 -37.95 15.17
N ALA B 152 0.57 -38.07 15.88
CA ALA B 152 1.15 -36.99 16.68
C ALA B 152 2.61 -36.87 16.25
N ILE B 153 2.86 -36.03 15.26
CA ILE B 153 4.20 -35.91 14.66
C ILE B 153 5.03 -34.96 15.51
N SER B 154 6.13 -35.48 16.06
CA SER B 154 7.06 -34.68 16.85
C SER B 154 8.48 -35.09 16.53
N LYS B 155 9.42 -34.18 16.80
CA LYS B 155 10.82 -34.41 16.42
C LYS B 155 11.53 -35.33 17.40
N TYR B 156 11.44 -35.03 18.70
CA TYR B 156 12.29 -35.70 19.69
C TYR B 156 11.73 -37.05 20.13
N GLN B 157 10.46 -37.10 20.50
CA GLN B 157 9.87 -38.23 21.20
C GLN B 157 8.99 -39.07 20.28
N SER B 158 8.78 -40.32 20.70
CA SER B 158 7.87 -41.21 19.98
C SER B 158 6.42 -40.77 20.20
N PRO B 159 5.52 -41.10 19.27
CA PRO B 159 4.10 -40.80 19.48
C PRO B 159 3.36 -41.78 20.38
N VAL B 160 4.03 -42.80 20.91
CA VAL B 160 3.34 -43.85 21.67
C VAL B 160 2.89 -43.34 23.02
N ASN B 161 3.81 -42.71 23.77
CA ASN B 161 3.42 -42.14 25.06
C ASN B 161 2.54 -40.91 24.90
N ILE B 162 2.66 -40.22 23.77
CA ILE B 162 1.76 -39.11 23.45
C ILE B 162 0.34 -39.62 23.25
N PHE B 163 0.19 -40.76 22.56
CA PHE B 163 -1.12 -41.37 22.39
C PHE B 163 -1.64 -41.91 23.72
N LYS B 164 -0.74 -42.38 24.59
CA LYS B 164 -1.15 -42.79 25.93
C LYS B 164 -1.69 -41.61 26.74
N LEU B 165 -1.02 -40.47 26.66
CA LEU B 165 -1.54 -39.26 27.31
C LEU B 165 -2.85 -38.82 26.69
N ALA B 166 -2.99 -38.93 25.37
CA ALA B 166 -4.25 -38.59 24.70
C ALA B 166 -5.38 -39.51 25.15
N SER B 167 -5.06 -40.77 25.44
CA SER B 167 -6.04 -41.65 26.06
C SER B 167 -6.34 -41.21 27.50
N GLU B 168 -5.36 -40.61 28.19
CA GLU B 168 -5.59 -40.18 29.57
C GLU B 168 -6.53 -38.96 29.66
N TYR B 169 -6.35 -37.95 28.82
CA TYR B 169 -7.25 -36.80 28.89
C TYR B 169 -8.52 -36.97 28.06
N GLY B 170 -8.74 -38.14 27.45
CA GLY B 170 -10.00 -38.45 26.82
C GLY B 170 -10.06 -38.32 25.31
N LEU B 171 -8.95 -38.03 24.65
CA LEU B 171 -8.93 -38.03 23.20
C LEU B 171 -8.94 -39.45 22.66
N ASN B 172 -9.81 -39.71 21.68
CA ASN B 172 -9.91 -41.05 21.11
C ASN B 172 -8.73 -41.33 20.21
N ILE B 173 -8.13 -42.51 20.39
CA ILE B 173 -6.90 -42.87 19.67
C ILE B 173 -7.07 -44.25 19.04
N PRO B 174 -6.40 -44.51 17.91
CA PRO B 174 -6.35 -45.87 17.39
C PRO B 174 -5.42 -46.74 18.23
N ASN B 175 -5.53 -48.05 18.02
CA ASN B 175 -4.65 -48.99 18.69
C ASN B 175 -3.24 -48.90 18.11
N TYR B 176 -2.26 -48.78 19.00
CA TYR B 176 -0.86 -48.74 18.60
C TYR B 176 -0.23 -50.12 18.82
N LEU B 177 0.50 -50.59 17.80
CA LEU B 177 1.15 -51.89 17.86
C LEU B 177 2.59 -51.74 17.43
N GLU B 178 3.52 -52.04 18.33
CA GLU B 178 4.95 -51.99 18.06
C GLU B 178 5.38 -53.39 17.65
N ILE B 179 5.42 -53.64 16.34
CA ILE B 179 5.79 -54.94 15.79
C ILE B 179 7.12 -54.78 15.07
N GLU B 180 8.13 -55.50 15.55
CA GLU B 180 9.44 -55.49 14.93
C GLU B 180 9.56 -56.59 13.89
N ILE B 181 10.50 -56.42 12.97
CA ILE B 181 10.74 -57.40 11.91
C ILE B 181 12.22 -57.78 11.93
N GLU B 182 12.51 -58.97 11.40
CA GLU B 182 13.87 -59.49 11.33
C GLU B 182 14.44 -59.49 9.93
N GLU B 183 13.68 -59.99 8.95
CA GLU B 183 14.12 -60.06 7.57
C GLU B 183 13.44 -58.96 6.76
N ASP B 184 13.80 -58.88 5.47
CA ASP B 184 13.21 -57.92 4.54
C ASP B 184 11.89 -58.51 4.03
N THR B 185 10.87 -58.40 4.87
CA THR B 185 9.56 -58.94 4.55
C THR B 185 8.87 -58.06 3.51
N LEU B 186 8.37 -58.69 2.44
CA LEU B 186 7.64 -57.96 1.41
C LEU B 186 6.28 -57.55 1.96
N PHE B 187 6.06 -56.24 2.05
CA PHE B 187 4.81 -55.71 2.60
C PHE B 187 3.74 -55.82 1.52
N ASP B 188 3.12 -56.99 1.46
CA ASP B 188 2.13 -57.30 0.44
C ASP B 188 0.71 -56.98 0.94
N ASP B 189 -0.30 -57.44 0.19
CA ASP B 189 -1.68 -57.16 0.56
C ASP B 189 -2.14 -58.00 1.75
N GLU B 190 -1.61 -59.21 1.89
CA GLU B 190 -2.03 -60.08 2.98
C GLU B 190 -1.52 -59.58 4.33
N LEU B 191 -0.28 -59.10 4.37
CA LEU B 191 0.27 -58.57 5.61
C LEU B 191 -0.39 -57.25 5.99
N TYR B 192 -0.74 -56.44 4.99
CA TYR B 192 -1.51 -55.22 5.24
C TYR B 192 -2.91 -55.54 5.76
N SER B 193 -3.54 -56.58 5.21
CA SER B 193 -4.87 -56.98 5.67
C SER B 193 -4.84 -57.51 7.09
N ILE B 194 -3.84 -58.33 7.43
CA ILE B 194 -3.75 -58.84 8.79
C ILE B 194 -3.30 -57.75 9.76
N MET B 195 -2.57 -56.72 9.29
CA MET B 195 -2.21 -55.61 10.14
C MET B 195 -3.42 -54.73 10.45
N GLU B 196 -4.26 -54.48 9.43
CA GLU B 196 -5.50 -53.74 9.64
C GLU B 196 -6.46 -54.52 10.54
N ARG B 197 -6.48 -55.85 10.40
CA ARG B 197 -7.28 -56.68 11.30
C ARG B 197 -6.76 -56.63 12.73
N SER B 198 -5.44 -56.63 12.90
CA SER B 198 -4.85 -56.52 14.24
C SER B 198 -5.02 -55.13 14.84
N PHE B 199 -5.24 -54.11 14.01
CA PHE B 199 -5.64 -52.80 14.54
C PHE B 199 -6.98 -52.89 15.25
N ASP B 200 -7.93 -53.63 14.67
CA ASP B 200 -9.23 -53.99 15.26
C ASP B 200 -10.07 -52.75 15.60
N ASP B 201 -10.07 -51.79 14.69
CA ASP B 201 -10.88 -50.59 14.81
C ASP B 201 -12.01 -50.63 13.78
N THR B 202 -13.23 -50.37 14.24
CA THR B 202 -14.38 -50.34 13.35
C THR B 202 -14.44 -49.09 12.48
N PHE B 203 -13.63 -48.08 12.78
CA PHE B 203 -13.63 -46.86 12.01
C PHE B 203 -12.91 -47.08 10.67
N PRO B 204 -13.36 -46.42 9.60
CA PRO B 204 -12.78 -46.67 8.27
C PRO B 204 -11.38 -46.10 8.16
N LYS B 205 -10.43 -46.97 7.82
CA LYS B 205 -9.04 -46.59 7.56
C LYS B 205 -8.75 -46.70 6.07
N ILE B 206 -7.97 -45.76 5.55
CA ILE B 206 -7.64 -45.72 4.14
C ILE B 206 -6.24 -46.28 3.87
N SER B 207 -5.30 -46.07 4.79
CA SER B 207 -3.94 -46.57 4.63
C SER B 207 -3.32 -46.73 6.01
N ILE B 208 -2.04 -47.12 6.03
CA ILE B 208 -1.31 -47.38 7.27
C ILE B 208 0.00 -46.62 7.23
N SER B 209 0.30 -45.88 8.29
CA SER B 209 1.57 -45.16 8.43
C SER B 209 2.45 -45.90 9.44
N TYR B 210 3.66 -46.25 9.02
CA TYR B 210 4.62 -46.91 9.89
C TYR B 210 5.63 -45.90 10.43
N ILE B 211 5.95 -46.03 11.71
CA ILE B 211 6.72 -45.03 12.45
C ILE B 211 8.07 -45.62 12.82
N LYS B 212 9.14 -44.91 12.46
CA LYS B 212 10.47 -45.28 12.93
C LYS B 212 10.70 -44.74 14.33
N LEU B 213 11.57 -45.42 15.08
CA LEU B 213 11.84 -45.01 16.46
C LEU B 213 12.70 -43.76 16.50
N GLY B 214 13.73 -43.69 15.65
CA GLY B 214 14.66 -42.57 15.71
C GLY B 214 14.80 -41.79 14.41
N GLU B 215 14.01 -42.13 13.40
CA GLU B 215 14.08 -41.49 12.09
C GLU B 215 12.79 -40.73 11.82
N LEU B 216 12.93 -39.48 11.38
CA LEU B 216 11.80 -38.65 11.01
C LEU B 216 11.48 -38.86 9.52
N LYS B 217 10.64 -37.97 8.98
CA LYS B 217 10.07 -38.05 7.63
C LYS B 217 9.35 -39.40 7.41
N ARG B 218 8.30 -39.58 8.20
CA ARG B 218 7.54 -40.82 8.24
C ARG B 218 6.75 -41.04 6.94
N GLN B 219 6.50 -42.31 6.64
CA GLN B 219 5.92 -42.72 5.37
C GLN B 219 4.53 -43.32 5.56
N VAL B 220 3.64 -43.02 4.61
CA VAL B 220 2.36 -43.70 4.51
C VAL B 220 2.44 -44.69 3.35
N VAL B 221 1.81 -45.85 3.51
CA VAL B 221 1.74 -46.86 2.47
C VAL B 221 0.28 -47.24 2.27
N ASP B 222 -0.17 -47.25 1.02
CA ASP B 222 -1.57 -47.44 0.68
C ASP B 222 -1.65 -48.48 -0.43
N PHE B 223 -2.46 -49.52 -0.22
CA PHE B 223 -2.83 -50.45 -1.27
C PHE B 223 -4.31 -50.33 -1.58
N PHE B 224 -4.62 -50.16 -2.87
CA PHE B 224 -5.96 -49.92 -3.34
C PHE B 224 -5.99 -50.29 -4.82
N LYS B 225 -7.19 -50.31 -5.38
CA LYS B 225 -7.36 -50.45 -6.81
C LYS B 225 -8.38 -49.41 -7.27
N PHE B 226 -8.03 -48.68 -8.31
CA PHE B 226 -8.94 -47.71 -8.92
C PHE B 226 -10.10 -48.46 -9.55
N SER B 227 -11.33 -48.11 -9.18
CA SER B 227 -12.51 -48.78 -9.70
C SER B 227 -13.56 -47.75 -10.08
N PHE B 228 -14.47 -48.15 -10.97
CA PHE B 228 -15.51 -47.28 -11.48
C PHE B 228 -16.83 -48.04 -11.35
N MET B 229 -17.58 -47.76 -10.27
CA MET B 229 -18.84 -48.44 -10.01
C MET B 229 -20.00 -47.51 -10.29
N TYR B 230 -21.06 -48.06 -10.89
CA TYR B 230 -22.24 -47.31 -11.25
C TYR B 230 -23.04 -46.98 -9.99
N ILE B 231 -23.81 -45.90 -10.04
CA ILE B 231 -24.43 -45.32 -8.87
C ILE B 231 -25.95 -45.41 -8.99
N GLU B 232 -26.59 -45.95 -7.95
CA GLU B 232 -28.05 -45.98 -7.84
C GLU B 232 -28.60 -44.70 -7.24
N SER B 233 -28.18 -44.36 -6.02
CA SER B 233 -28.73 -43.22 -5.31
C SER B 233 -27.73 -42.74 -4.27
N ILE B 234 -27.99 -41.55 -3.74
CA ILE B 234 -27.21 -40.95 -2.66
C ILE B 234 -28.13 -40.85 -1.46
N LYS B 235 -27.79 -41.57 -0.39
CA LYS B 235 -28.62 -41.64 0.81
C LYS B 235 -27.87 -41.03 1.99
N VAL B 236 -28.62 -40.46 2.93
CA VAL B 236 -28.04 -39.78 4.08
C VAL B 236 -28.26 -40.63 5.33
N ASP B 237 -27.27 -40.58 6.23
CA ASP B 237 -27.28 -41.39 7.44
C ASP B 237 -27.03 -40.51 8.65
N ARG B 238 -27.61 -40.91 9.79
CA ARG B 238 -27.54 -40.10 11.00
C ARG B 238 -26.25 -40.39 11.76
N ILE B 239 -25.49 -39.32 12.03
CA ILE B 239 -24.21 -39.40 12.74
C ILE B 239 -24.20 -38.43 13.90
N GLY B 240 -25.34 -37.81 14.18
CA GLY B 240 -25.41 -36.85 15.25
C GLY B 240 -26.84 -36.56 15.64
N ASP B 241 -27.01 -35.50 16.44
CA ASP B 241 -28.34 -35.12 16.88
C ASP B 241 -29.16 -34.53 15.73
N ASN B 242 -28.53 -33.76 14.85
CA ASN B 242 -29.27 -33.06 13.81
C ASN B 242 -28.63 -33.16 12.42
N ILE B 243 -27.35 -33.50 12.36
CA ILE B 243 -26.61 -33.46 11.10
C ILE B 243 -26.50 -34.85 10.50
N PHE B 244 -26.19 -34.91 9.20
CA PHE B 244 -26.18 -36.15 8.43
C PHE B 244 -24.94 -36.23 7.56
N ILE B 245 -24.53 -37.45 7.23
CA ILE B 245 -23.39 -37.71 6.36
C ILE B 245 -23.93 -38.09 4.98
N PRO B 246 -23.25 -37.74 3.89
CA PRO B 246 -23.59 -38.34 2.60
C PRO B 246 -23.04 -39.75 2.47
N SER B 247 -23.84 -40.63 1.87
CA SER B 247 -23.43 -42.02 1.65
C SER B 247 -23.98 -42.46 0.30
N VAL B 248 -23.11 -42.57 -0.68
CA VAL B 248 -23.52 -42.85 -2.05
C VAL B 248 -23.57 -44.36 -2.27
N ILE B 249 -24.63 -44.82 -2.95
CA ILE B 249 -25.02 -46.23 -2.97
C ILE B 249 -25.04 -46.72 -4.41
N THR B 250 -24.43 -47.88 -4.65
CA THR B 250 -24.40 -48.50 -5.97
C THR B 250 -25.66 -49.33 -6.22
N LYS B 251 -25.70 -49.97 -7.40
CA LYS B 251 -26.76 -50.92 -7.71
C LYS B 251 -26.69 -52.16 -6.84
N SER B 252 -25.47 -52.67 -6.60
CA SER B 252 -25.32 -53.91 -5.84
C SER B 252 -25.62 -53.72 -4.36
N GLY B 253 -25.49 -52.49 -3.85
CA GLY B 253 -25.68 -52.22 -2.44
C GLY B 253 -24.42 -51.92 -1.68
N LYS B 254 -23.26 -51.89 -2.33
CA LYS B 254 -22.02 -51.56 -1.66
C LYS B 254 -22.00 -50.09 -1.27
N LYS B 255 -21.71 -49.81 -0.01
CA LYS B 255 -21.75 -48.45 0.52
C LYS B 255 -20.39 -47.80 0.30
N ILE B 256 -20.33 -46.88 -0.66
CA ILE B 256 -19.12 -46.09 -0.90
C ILE B 256 -19.12 -44.94 0.09
N LEU B 257 -18.10 -44.89 0.94
CA LEU B 257 -18.01 -43.88 1.96
C LEU B 257 -17.56 -42.55 1.36
N VAL B 258 -18.22 -41.47 1.78
CA VAL B 258 -17.90 -40.12 1.35
C VAL B 258 -17.29 -39.39 2.54
N LYS B 259 -16.22 -38.64 2.28
CA LYS B 259 -15.47 -37.98 3.34
C LYS B 259 -16.30 -36.89 4.01
N ASP B 260 -16.88 -35.99 3.21
CA ASP B 260 -17.71 -34.90 3.69
C ASP B 260 -18.57 -34.40 2.53
N VAL B 261 -19.31 -33.31 2.76
CA VAL B 261 -20.13 -32.72 1.72
C VAL B 261 -19.24 -32.07 0.66
N ASP B 262 -18.15 -31.42 1.10
CA ASP B 262 -17.22 -30.78 0.17
C ASP B 262 -16.53 -31.81 -0.71
N HIS B 263 -16.22 -32.98 -0.16
CA HIS B 263 -15.70 -34.09 -0.95
C HIS B 263 -16.73 -34.59 -1.95
N LEU B 264 -18.01 -34.60 -1.58
CA LEU B 264 -19.06 -35.04 -2.50
C LEU B 264 -19.27 -34.05 -3.64
N ILE B 265 -19.15 -32.75 -3.37
CA ILE B 265 -19.47 -31.75 -4.37
C ILE B 265 -18.26 -31.34 -5.21
N ARG B 266 -17.04 -31.54 -4.72
CA ARG B 266 -15.86 -31.25 -5.53
C ARG B 266 -15.58 -32.35 -6.55
N SER B 267 -16.10 -33.55 -6.33
CA SER B 267 -15.99 -34.63 -7.29
C SER B 267 -17.18 -34.71 -8.23
N LYS B 268 -18.24 -33.94 -7.96
CA LYS B 268 -19.42 -33.79 -8.82
C LYS B 268 -20.13 -35.12 -9.07
N VAL B 269 -20.55 -35.76 -7.98
CA VAL B 269 -21.24 -37.04 -8.08
C VAL B 269 -22.66 -36.80 -8.59
N ARG B 270 -22.99 -37.43 -9.72
CA ARG B 270 -24.29 -37.30 -10.35
C ARG B 270 -24.99 -38.66 -10.30
N GLU B 271 -26.32 -38.62 -10.18
CA GLU B 271 -27.14 -39.83 -10.20
C GLU B 271 -26.97 -40.57 -11.52
N HIS B 272 -26.84 -41.90 -11.42
CA HIS B 272 -26.71 -42.83 -12.55
C HIS B 272 -25.49 -42.52 -13.41
N THR B 273 -24.40 -42.09 -12.76
CA THR B 273 -23.12 -41.84 -13.42
C THR B 273 -22.00 -42.54 -12.66
N PHE B 274 -20.90 -42.78 -13.36
CA PHE B 274 -19.77 -43.49 -12.75
C PHE B 274 -18.94 -42.54 -11.88
N VAL B 275 -18.33 -43.12 -10.84
CA VAL B 275 -17.48 -42.38 -9.91
C VAL B 275 -16.15 -43.11 -9.78
N LYS B 276 -15.14 -42.39 -9.31
CA LYS B 276 -13.80 -42.94 -9.10
C LYS B 276 -13.66 -43.31 -7.63
N VAL B 277 -13.44 -44.60 -7.35
CA VAL B 277 -13.33 -45.07 -5.99
C VAL B 277 -12.01 -45.81 -5.81
N LYS B 278 -11.58 -45.90 -4.56
CA LYS B 278 -10.40 -46.66 -4.17
C LYS B 278 -10.89 -47.96 -3.53
N LYS B 279 -10.80 -49.06 -4.27
CA LYS B 279 -11.31 -50.33 -3.78
C LYS B 279 -10.39 -50.90 -2.72
N LYS B 280 -10.97 -51.30 -1.59
CA LYS B 280 -10.24 -51.87 -0.48
C LYS B 280 -10.70 -53.32 -0.28
N ASN B 281 -10.19 -53.94 0.79
CA ASN B 281 -10.56 -55.32 1.09
C ASN B 281 -11.99 -55.40 1.61
N THR B 282 -12.41 -54.45 2.43
CA THR B 282 -13.74 -54.45 3.02
C THR B 282 -14.57 -53.24 2.61
N PHE B 283 -14.03 -52.03 2.76
CA PHE B 283 -14.79 -50.82 2.53
C PHE B 283 -14.58 -50.29 1.12
N SER B 284 -15.39 -49.31 0.75
CA SER B 284 -15.26 -48.59 -0.51
C SER B 284 -15.01 -47.12 -0.21
N ILE B 285 -13.95 -46.56 -0.77
CA ILE B 285 -13.48 -45.22 -0.46
C ILE B 285 -13.47 -44.42 -1.75
N LEU B 286 -14.17 -43.28 -1.75
CA LEU B 286 -14.23 -42.43 -2.93
C LEU B 286 -12.90 -41.67 -3.10
N TYR B 287 -12.45 -41.55 -4.34
CA TYR B 287 -11.19 -40.90 -4.61
C TYR B 287 -11.31 -39.39 -4.46
N ASP B 288 -10.22 -38.75 -4.07
CA ASP B 288 -10.17 -37.30 -3.90
C ASP B 288 -9.84 -36.59 -5.21
N TYR B 289 -10.74 -36.76 -6.16
CA TYR B 289 -10.58 -36.22 -7.50
C TYR B 289 -11.56 -35.06 -7.72
N ASP B 290 -11.31 -34.30 -8.79
CA ASP B 290 -12.16 -33.19 -9.18
C ASP B 290 -13.02 -33.60 -10.36
N GLY B 291 -14.28 -33.18 -10.34
CA GLY B 291 -15.17 -33.48 -11.44
C GLY B 291 -14.84 -32.66 -12.68
N ASN B 292 -15.18 -33.21 -13.85
CA ASN B 292 -14.86 -32.58 -15.12
C ASN B 292 -16.09 -32.11 -15.87
N GLY B 293 -17.26 -32.07 -15.22
CA GLY B 293 -18.45 -31.55 -15.85
C GLY B 293 -18.47 -30.04 -15.90
N THR B 294 -19.39 -29.51 -16.70
CA THR B 294 -19.56 -28.07 -16.84
C THR B 294 -20.49 -27.48 -15.78
N GLU B 295 -21.09 -28.31 -14.93
CA GLU B 295 -22.03 -27.83 -13.94
C GLU B 295 -21.30 -27.08 -12.83
N THR B 296 -21.81 -25.91 -12.47
CA THR B 296 -21.13 -25.03 -11.53
C THR B 296 -21.36 -25.47 -10.09
N ARG B 297 -20.77 -24.72 -9.16
CA ARG B 297 -20.76 -25.06 -7.74
C ARG B 297 -22.16 -24.98 -7.14
N GLY B 298 -22.85 -23.86 -7.39
CA GLY B 298 -24.20 -23.70 -6.88
C GLY B 298 -25.19 -24.67 -7.49
N GLU B 299 -25.01 -24.99 -8.77
CA GLU B 299 -25.93 -25.93 -9.42
C GLU B 299 -25.69 -27.38 -9.00
N VAL B 300 -24.43 -27.78 -8.76
CA VAL B 300 -24.20 -29.13 -8.27
C VAL B 300 -24.68 -29.28 -6.83
N ILE B 301 -24.55 -28.22 -6.02
CA ILE B 301 -25.13 -28.23 -4.67
C ILE B 301 -26.65 -28.29 -4.74
N LYS B 302 -27.24 -27.53 -5.67
CA LYS B 302 -28.69 -27.50 -5.83
C LYS B 302 -29.24 -28.85 -6.26
N ARG B 303 -28.58 -29.51 -7.21
CA ARG B 303 -29.09 -30.81 -7.65
C ARG B 303 -28.82 -31.91 -6.62
N ILE B 304 -27.75 -31.80 -5.83
CA ILE B 304 -27.52 -32.76 -4.75
C ILE B 304 -28.60 -32.62 -3.67
N ILE B 305 -28.95 -31.38 -3.30
CA ILE B 305 -30.04 -31.15 -2.36
C ILE B 305 -31.38 -31.61 -2.95
N ASP B 306 -31.60 -31.37 -4.25
CA ASP B 306 -32.86 -31.76 -4.87
C ASP B 306 -33.01 -33.28 -4.96
N THR B 307 -31.91 -34.00 -5.15
CA THR B 307 -31.97 -35.46 -5.11
C THR B 307 -32.16 -35.97 -3.68
N ILE B 308 -31.48 -35.37 -2.70
CA ILE B 308 -31.60 -35.81 -1.32
C ILE B 308 -32.93 -35.36 -0.73
N GLY B 309 -33.27 -34.08 -0.91
CA GLY B 309 -34.50 -33.54 -0.36
C GLY B 309 -34.39 -32.05 -0.07
N ARG B 310 -35.45 -31.29 -0.30
CA ARG B 310 -35.42 -29.84 -0.18
C ARG B 310 -35.37 -29.35 1.26
N ASP B 311 -35.60 -30.23 2.23
CA ASP B 311 -35.45 -29.90 3.65
C ASP B 311 -34.05 -30.17 4.19
N TYR B 312 -33.03 -30.13 3.34
CA TYR B 312 -31.64 -30.35 3.72
C TYR B 312 -30.81 -29.15 3.30
N TYR B 313 -29.81 -28.81 4.11
CA TYR B 313 -28.88 -27.74 3.78
C TYR B 313 -27.46 -28.17 4.11
N VAL B 314 -26.51 -27.55 3.42
CA VAL B 314 -25.09 -27.84 3.63
C VAL B 314 -24.62 -27.08 4.87
N ASN B 315 -24.09 -27.80 5.85
CA ASN B 315 -23.56 -27.22 7.08
C ASN B 315 -22.10 -27.67 7.20
N GLY B 316 -21.20 -26.94 6.53
CA GLY B 316 -19.80 -27.26 6.56
C GLY B 316 -19.46 -28.58 5.91
N LYS B 317 -19.06 -29.55 6.73
CA LYS B 317 -18.72 -30.88 6.23
C LYS B 317 -19.90 -31.83 6.16
N TYR B 318 -21.04 -31.49 6.75
CA TYR B 318 -22.15 -32.43 6.88
C TYR B 318 -23.47 -31.75 6.51
N PHE B 319 -24.38 -32.54 5.93
CA PHE B 319 -25.74 -32.08 5.69
C PHE B 319 -26.48 -32.00 7.02
N SER B 320 -27.60 -31.27 7.02
CA SER B 320 -28.37 -31.08 8.24
C SER B 320 -29.86 -31.03 7.94
N LYS B 321 -30.65 -31.22 8.99
CA LYS B 321 -32.10 -31.31 8.91
C LYS B 321 -32.76 -30.03 9.43
N VAL B 322 -33.91 -29.71 8.85
CA VAL B 322 -34.76 -28.63 9.35
C VAL B 322 -36.11 -29.22 9.71
N GLY B 323 -36.84 -28.50 10.56
CA GLY B 323 -38.14 -28.96 11.00
C GLY B 323 -38.64 -28.12 12.15
N ILE B 324 -39.55 -28.72 12.92
CA ILE B 324 -40.03 -28.07 14.14
C ILE B 324 -38.89 -28.01 15.15
N ALA B 325 -38.81 -26.90 15.89
CA ALA B 325 -37.68 -26.65 16.77
C ALA B 325 -38.17 -25.80 17.94
N GLY B 326 -38.35 -26.42 19.10
CA GLY B 326 -38.81 -25.72 20.28
C GLY B 326 -37.74 -25.61 21.36
N LEU B 327 -38.07 -26.07 22.56
CA LEU B 327 -37.16 -25.96 23.70
C LEU B 327 -36.19 -27.14 23.82
N LYS B 328 -36.48 -28.26 23.17
CA LYS B 328 -35.65 -29.44 23.34
C LYS B 328 -34.32 -29.32 22.60
N GLN B 329 -34.29 -28.61 21.48
CA GLN B 329 -33.05 -28.40 20.75
C GLN B 329 -32.12 -27.46 21.52
N LEU B 330 -32.68 -26.40 22.10
CA LEU B 330 -31.92 -25.55 23.00
C LEU B 330 -31.48 -26.30 24.25
N THR B 331 -32.28 -27.27 24.70
CA THR B 331 -31.91 -28.12 25.83
C THR B 331 -30.70 -29.00 25.50
N ASN B 332 -30.76 -29.71 24.37
CA ASN B 332 -29.64 -30.57 23.98
C ASN B 332 -28.40 -29.78 23.57
N LYS B 333 -28.56 -28.55 23.10
CA LYS B 333 -27.39 -27.71 22.88
C LYS B 333 -26.89 -27.05 24.16
N LEU B 334 -27.71 -27.05 25.22
CA LEU B 334 -27.29 -26.62 26.54
C LEU B 334 -26.85 -27.77 27.43
N ASP B 335 -26.85 -29.00 26.89
CA ASP B 335 -26.43 -30.27 27.54
C ASP B 335 -26.99 -30.47 28.95
N ILE B 336 -28.26 -30.07 29.14
CA ILE B 336 -28.93 -30.21 30.42
C ILE B 336 -30.20 -31.03 30.26
N ASN B 337 -30.95 -31.20 31.34
CA ASN B 337 -32.16 -32.01 31.33
C ASN B 337 -33.32 -31.27 30.67
N GLU B 338 -34.35 -32.04 30.29
CA GLU B 338 -35.40 -31.61 29.38
C GLU B 338 -36.29 -30.53 30.02
N CYS B 339 -36.82 -29.66 29.17
CA CYS B 339 -37.57 -28.49 29.61
C CYS B 339 -38.95 -28.48 28.96
N ALA B 340 -39.91 -27.93 29.69
CA ALA B 340 -41.25 -27.68 29.15
C ALA B 340 -41.55 -26.20 28.95
N THR B 341 -40.89 -25.32 29.69
CA THR B 341 -41.16 -23.89 29.59
C THR B 341 -39.86 -23.13 29.87
N VAL B 342 -39.97 -21.80 29.80
CA VAL B 342 -38.81 -20.91 29.99
C VAL B 342 -38.39 -20.89 31.46
N ASP B 343 -39.35 -20.99 32.38
CA ASP B 343 -39.07 -20.76 33.81
C ASP B 343 -38.21 -21.85 34.41
N GLU B 344 -38.52 -23.12 34.12
CA GLU B 344 -37.68 -24.21 34.61
C GLU B 344 -36.29 -24.18 33.99
N LEU B 345 -36.21 -23.74 32.73
CA LEU B 345 -34.93 -23.57 32.06
C LEU B 345 -34.07 -22.51 32.75
N VAL B 346 -34.65 -21.35 33.07
CA VAL B 346 -33.84 -20.29 33.68
C VAL B 346 -33.51 -20.63 35.13
N ASP B 347 -34.38 -21.37 35.83
CA ASP B 347 -34.03 -21.81 37.19
C ASP B 347 -32.89 -22.82 37.18
N GLU B 348 -32.88 -23.80 36.27
CA GLU B 348 -31.77 -24.74 36.30
C GLU B 348 -30.51 -24.18 35.65
N ILE B 349 -30.62 -23.13 34.83
CA ILE B 349 -29.42 -22.41 34.43
C ILE B 349 -28.87 -21.63 35.61
N ASN B 350 -29.74 -21.08 36.47
CA ASN B 350 -29.28 -20.48 37.71
C ASN B 350 -28.66 -21.50 38.65
N LYS B 351 -29.09 -22.77 38.57
CA LYS B 351 -28.43 -23.83 39.33
C LYS B 351 -27.05 -24.15 38.77
N SER B 352 -26.90 -24.12 37.44
CA SER B 352 -25.69 -24.59 36.78
C SER B 352 -24.78 -23.40 36.49
N GLY B 353 -23.70 -23.27 37.28
CA GLY B 353 -22.84 -22.10 37.17
C GLY B 353 -22.05 -22.03 35.87
N THR B 354 -21.57 -23.18 35.39
CA THR B 354 -20.83 -23.21 34.14
C THR B 354 -21.73 -22.91 32.94
N VAL B 355 -22.95 -23.43 32.96
CA VAL B 355 -23.92 -23.17 31.90
C VAL B 355 -24.33 -21.69 31.91
N LYS B 356 -24.51 -21.13 33.11
CA LYS B 356 -24.83 -19.70 33.23
C LYS B 356 -23.68 -18.82 32.75
N ARG B 357 -22.43 -19.23 33.03
CA ARG B 357 -21.27 -18.51 32.52
C ARG B 357 -21.18 -18.59 30.99
N LYS B 358 -21.50 -19.75 30.42
CA LYS B 358 -21.50 -19.90 28.97
C LYS B 358 -22.61 -19.07 28.31
N ILE B 359 -23.77 -18.97 28.99
CA ILE B 359 -24.84 -18.09 28.51
C ILE B 359 -24.40 -16.63 28.58
N LYS B 360 -23.70 -16.25 29.64
CA LYS B 360 -23.22 -14.88 29.81
C LYS B 360 -22.19 -14.50 28.75
N ASN B 361 -21.25 -15.40 28.47
CA ASN B 361 -20.18 -15.06 27.53
C ASN B 361 -20.66 -15.06 26.09
N GLN B 362 -21.48 -16.04 25.71
CA GLN B 362 -21.95 -16.14 24.34
C GLN B 362 -23.09 -15.17 24.09
N SER B 363 -23.10 -14.58 22.89
CA SER B 363 -24.17 -13.68 22.51
C SER B 363 -25.45 -14.47 22.21
N VAL B 364 -26.57 -13.74 22.16
CA VAL B 364 -27.86 -14.38 21.96
C VAL B 364 -28.00 -14.90 20.53
N PHE B 365 -27.51 -14.12 19.56
CA PHE B 365 -27.57 -14.55 18.17
C PHE B 365 -26.68 -15.76 17.91
N ASP B 366 -25.49 -15.78 18.52
CA ASP B 366 -24.60 -16.93 18.38
C ASP B 366 -25.17 -18.17 19.06
N LEU B 367 -25.82 -17.98 20.23
CA LEU B 367 -26.45 -19.10 20.92
C LEU B 367 -27.61 -19.68 20.12
N SER B 368 -28.46 -18.80 19.57
CA SER B 368 -29.58 -19.27 18.77
C SER B 368 -29.13 -19.82 17.41
N ARG B 369 -27.99 -19.37 16.89
CA ARG B 369 -27.45 -19.95 15.67
C ARG B 369 -26.90 -21.35 15.93
N GLU B 370 -26.21 -21.52 17.06
CA GLU B 370 -25.69 -22.83 17.42
C GLU B 370 -26.79 -23.79 17.89
N CYS B 371 -27.95 -23.27 18.28
CA CYS B 371 -29.06 -24.14 18.68
C CYS B 371 -29.62 -24.93 17.49
N LEU B 372 -29.78 -24.27 16.35
CA LEU B 372 -30.32 -24.94 15.17
C LEU B 372 -29.25 -25.51 14.26
N GLY B 373 -27.98 -25.40 14.64
CA GLY B 373 -26.90 -25.94 13.85
C GLY B 373 -26.68 -25.27 12.52
N TYR B 374 -26.75 -23.95 12.47
CA TYR B 374 -26.56 -23.23 11.22
C TYR B 374 -25.07 -23.02 10.94
N PRO B 375 -24.69 -22.91 9.67
CA PRO B 375 -23.33 -22.47 9.36
C PRO B 375 -23.14 -21.01 9.74
N GLU B 376 -21.87 -20.63 9.95
CA GLU B 376 -21.59 -19.30 10.45
C GLU B 376 -21.75 -18.24 9.35
N ALA B 377 -20.92 -18.34 8.30
CA ALA B 377 -20.88 -17.32 7.26
C ALA B 377 -22.12 -17.36 6.38
N ASP B 378 -22.66 -18.55 6.13
CA ASP B 378 -23.86 -18.68 5.30
C ASP B 378 -25.07 -18.04 5.97
N PHE B 379 -25.23 -18.25 7.27
CA PHE B 379 -26.34 -17.61 7.98
C PHE B 379 -26.13 -16.12 8.16
N ILE B 380 -24.88 -15.67 8.33
CA ILE B 380 -24.60 -14.24 8.32
C ILE B 380 -24.97 -13.63 6.97
N THR B 381 -24.66 -14.33 5.87
CA THR B 381 -25.02 -13.87 4.54
C THR B 381 -26.53 -13.84 4.33
N LEU B 382 -27.25 -14.79 4.93
CA LEU B 382 -28.71 -14.79 4.83
C LEU B 382 -29.32 -13.63 5.61
N VAL B 383 -28.85 -13.40 6.84
CA VAL B 383 -29.39 -12.31 7.66
C VAL B 383 -29.03 -10.95 7.07
N ASN B 384 -27.85 -10.81 6.48
CA ASN B 384 -27.39 -9.56 5.89
C ASN B 384 -28.09 -9.19 4.59
N ASN B 385 -29.04 -9.98 4.11
CA ASN B 385 -29.77 -9.67 2.88
C ASN B 385 -31.26 -9.50 3.12
N MET B 386 -31.68 -9.25 4.37
CA MET B 386 -33.09 -9.17 4.70
C MET B 386 -33.32 -8.29 5.91
N ARG B 387 -34.54 -7.75 6.00
CA ARG B 387 -34.94 -6.80 7.03
C ARG B 387 -35.78 -7.48 8.09
N PHE B 388 -35.95 -6.79 9.22
CA PHE B 388 -36.68 -7.31 10.36
C PHE B 388 -37.55 -6.23 10.97
N LYS B 389 -38.62 -6.66 11.63
CA LYS B 389 -39.42 -5.79 12.50
C LYS B 389 -39.28 -6.32 13.92
N ILE B 390 -38.75 -5.50 14.83
CA ILE B 390 -38.29 -5.95 16.12
C ILE B 390 -38.94 -5.11 17.21
N GLU B 391 -39.58 -5.77 18.18
CA GLU B 391 -40.10 -5.12 19.38
C GLU B 391 -39.63 -5.92 20.59
N ASN B 392 -38.98 -5.21 21.52
CA ASN B 392 -38.48 -5.78 22.79
C ASN B 392 -37.54 -6.96 22.57
N CYS B 393 -36.56 -6.76 21.66
CA CYS B 393 -35.55 -7.74 21.27
C CYS B 393 -36.17 -9.03 20.71
N LYS B 394 -37.31 -8.92 20.05
CA LYS B 394 -38.02 -10.07 19.50
C LYS B 394 -38.43 -9.76 18.08
N VAL B 395 -38.12 -10.68 17.16
CA VAL B 395 -38.46 -10.49 15.75
C VAL B 395 -39.92 -10.84 15.55
N VAL B 396 -40.80 -9.83 15.65
CA VAL B 396 -42.23 -10.08 15.50
C VAL B 396 -42.63 -10.23 14.02
N ASN B 397 -41.83 -9.72 13.10
CA ASN B 397 -42.10 -9.84 11.68
C ASN B 397 -40.77 -9.73 10.94
N PHE B 398 -40.60 -10.56 9.91
CA PHE B 398 -39.41 -10.52 9.09
C PHE B 398 -39.81 -10.71 7.63
N ASN B 399 -39.14 -9.98 6.76
CA ASN B 399 -39.33 -10.11 5.32
C ASN B 399 -37.97 -10.10 4.64
N ILE B 400 -37.89 -10.74 3.49
CA ILE B 400 -36.61 -10.86 2.77
C ILE B 400 -36.47 -9.71 1.80
N GLU B 401 -35.28 -9.12 1.76
CA GLU B 401 -35.02 -7.96 0.92
C GLU B 401 -34.35 -8.32 -0.40
N ASN B 402 -33.34 -9.18 -0.36
CA ASN B 402 -32.58 -9.58 -1.55
C ASN B 402 -32.94 -11.01 -1.92
N THR B 403 -33.51 -11.18 -3.11
CA THR B 403 -33.85 -12.51 -3.60
C THR B 403 -32.62 -13.27 -4.10
N ASN B 404 -31.53 -12.55 -4.40
CA ASN B 404 -30.34 -13.13 -5.00
C ASN B 404 -29.58 -14.09 -4.07
N CYS B 405 -29.88 -14.09 -2.77
CA CYS B 405 -29.27 -15.08 -1.89
C CYS B 405 -29.97 -16.43 -1.97
N LEU B 406 -31.22 -16.46 -2.44
CA LEU B 406 -32.02 -17.67 -2.42
C LEU B 406 -31.67 -18.67 -3.53
N ASN B 407 -30.78 -18.31 -4.45
CA ASN B 407 -30.33 -19.27 -5.46
C ASN B 407 -29.48 -20.37 -4.83
N ASN B 408 -28.74 -20.04 -3.78
CA ASN B 408 -28.07 -21.05 -2.98
C ASN B 408 -29.13 -21.80 -2.18
N PRO B 409 -29.26 -23.13 -2.32
CA PRO B 409 -30.37 -23.84 -1.66
C PRO B 409 -30.20 -23.97 -0.16
N SER B 410 -28.96 -23.90 0.35
CA SER B 410 -28.74 -23.91 1.79
C SER B 410 -29.34 -22.66 2.43
N ILE B 411 -29.13 -21.50 1.80
CA ILE B 411 -29.70 -20.24 2.28
C ILE B 411 -31.23 -20.29 2.24
N GLU B 412 -31.80 -20.91 1.20
CA GLU B 412 -33.25 -21.06 1.11
C GLU B 412 -33.79 -21.99 2.20
N THR B 413 -33.04 -23.04 2.54
CA THR B 413 -33.48 -23.96 3.59
C THR B 413 -33.44 -23.31 4.97
N ILE B 414 -32.37 -22.54 5.25
CA ILE B 414 -32.31 -21.80 6.51
C ILE B 414 -33.37 -20.70 6.54
N TYR B 415 -33.69 -20.10 5.40
CA TYR B 415 -34.78 -19.13 5.35
C TYR B 415 -36.14 -19.79 5.59
N GLY B 416 -36.30 -21.04 5.15
CA GLY B 416 -37.50 -21.79 5.49
C GLY B 416 -37.59 -22.12 6.98
N ASN B 417 -36.46 -22.41 7.60
CA ASN B 417 -36.40 -22.72 9.04
C ASN B 417 -36.25 -21.47 9.90
N PHE B 418 -36.26 -20.29 9.29
CA PHE B 418 -36.09 -19.04 10.03
C PHE B 418 -37.25 -18.75 10.99
N ASN B 419 -38.44 -19.30 10.75
CA ASN B 419 -39.52 -19.18 11.72
C ASN B 419 -39.16 -19.87 13.04
N GLN B 420 -38.61 -21.08 12.95
CA GLN B 420 -38.17 -21.79 14.14
C GLN B 420 -36.95 -21.13 14.76
N PHE B 421 -36.08 -20.53 13.93
CA PHE B 421 -34.98 -19.73 14.46
C PHE B 421 -35.48 -18.52 15.24
N VAL B 422 -36.53 -17.86 14.74
CA VAL B 422 -37.11 -16.71 15.43
C VAL B 422 -37.72 -17.13 16.76
N SER B 423 -38.41 -18.28 16.78
CA SER B 423 -38.98 -18.79 18.02
C SER B 423 -37.90 -19.11 19.05
N ILE B 424 -36.82 -19.77 18.62
CA ILE B 424 -35.74 -20.09 19.55
C ILE B 424 -34.98 -18.83 19.97
N PHE B 425 -34.81 -17.87 19.07
CA PHE B 425 -34.15 -16.61 19.42
C PHE B 425 -34.97 -15.79 20.42
N ASN B 426 -36.29 -15.80 20.27
CA ASN B 426 -37.16 -15.15 21.26
C ASN B 426 -37.04 -15.86 22.61
N THR B 427 -36.92 -17.19 22.60
CA THR B 427 -36.71 -17.93 23.83
C THR B 427 -35.39 -17.55 24.51
N VAL B 428 -34.30 -17.45 23.74
CA VAL B 428 -33.02 -17.12 24.35
C VAL B 428 -32.95 -15.65 24.80
N THR B 429 -33.62 -14.73 24.09
CA THR B 429 -33.73 -13.36 24.59
C THR B 429 -34.53 -13.30 25.89
N ASP B 430 -35.59 -14.13 26.00
CA ASP B 430 -36.34 -14.22 27.24
C ASP B 430 -35.47 -14.77 28.37
N VAL B 431 -34.63 -15.77 28.07
CA VAL B 431 -33.72 -16.33 29.08
C VAL B 431 -32.71 -15.29 29.54
N LYS B 432 -32.10 -14.57 28.59
CA LYS B 432 -31.12 -13.55 28.94
C LYS B 432 -31.76 -12.36 29.65
N LYS B 433 -33.06 -12.13 29.42
CA LYS B 433 -33.76 -11.10 30.18
C LYS B 433 -34.02 -11.54 31.61
N ARG B 434 -34.47 -12.78 31.81
CA ARG B 434 -34.76 -13.23 33.18
C ARG B 434 -33.52 -13.63 33.98
N LEU B 435 -32.35 -13.73 33.36
CA LEU B 435 -31.13 -13.88 34.16
C LEU B 435 -30.50 -12.54 34.52
N PHE B 436 -30.05 -11.78 33.51
CA PHE B 436 -29.19 -10.63 33.76
C PHE B 436 -29.94 -9.30 33.64
N GLU B 437 -31.24 -9.31 33.93
CA GLU B 437 -32.01 -8.07 33.96
C GLU B 437 -33.20 -8.20 34.92
N MET C 1 45.49 -9.52 -2.80
CA MET C 1 45.01 -10.27 -3.95
C MET C 1 44.95 -9.38 -5.18
N ASN C 2 44.41 -8.19 -5.01
CA ASN C 2 44.41 -7.15 -6.04
C ASN C 2 44.94 -5.87 -5.43
N SER C 3 45.66 -5.09 -6.24
CA SER C 3 46.25 -3.85 -5.78
C SER C 3 46.05 -2.75 -6.80
N VAL C 4 45.78 -1.54 -6.32
CA VAL C 4 45.69 -0.35 -7.15
C VAL C 4 46.61 0.71 -6.56
N THR C 5 47.02 1.65 -7.40
CA THR C 5 47.94 2.69 -6.98
C THR C 5 47.23 3.79 -6.21
N ILE C 6 47.97 4.41 -5.30
CA ILE C 6 47.49 5.54 -4.51
C ILE C 6 48.60 6.59 -4.49
N SER C 7 48.26 7.83 -4.83
CA SER C 7 49.25 8.90 -4.89
C SER C 7 49.76 9.32 -3.51
N HIS C 8 49.00 9.06 -2.45
CA HIS C 8 49.31 9.56 -1.13
C HIS C 8 50.03 8.49 -0.30
N ALA C 9 50.12 8.74 1.01
CA ALA C 9 51.06 8.04 1.89
C ALA C 9 50.93 6.52 2.01
N PRO C 10 49.73 5.89 2.05
CA PRO C 10 49.72 4.42 2.02
C PRO C 10 50.25 3.82 0.74
N TYR C 11 50.03 4.47 -0.41
CA TYR C 11 50.60 4.19 -1.72
C TYR C 11 50.15 2.87 -2.36
N THR C 12 49.38 2.05 -1.63
CA THR C 12 48.96 0.73 -2.09
C THR C 12 47.76 0.30 -1.27
N ILE C 13 46.69 -0.09 -1.95
CA ILE C 13 45.51 -0.66 -1.30
C ILE C 13 45.36 -2.09 -1.79
N THR C 14 45.48 -3.05 -0.88
CA THR C 14 45.30 -4.46 -1.19
C THR C 14 43.84 -4.84 -0.95
N TYR C 15 43.15 -5.30 -1.98
CA TYR C 15 41.73 -5.61 -1.88
C TYR C 15 41.42 -6.95 -2.53
N HIS C 16 40.32 -7.55 -2.08
CA HIS C 16 39.82 -8.83 -2.56
C HIS C 16 39.01 -8.61 -3.85
N ASP C 17 38.82 -9.70 -4.60
CA ASP C 17 38.14 -9.64 -5.90
C ASP C 17 36.70 -9.16 -5.81
N ASP C 18 36.02 -9.39 -4.68
CA ASP C 18 34.66 -8.92 -4.50
C ASP C 18 34.57 -7.48 -4.00
N TRP C 19 35.71 -6.90 -3.61
CA TRP C 19 35.83 -5.49 -3.29
C TRP C 19 36.09 -4.63 -4.51
N GLU C 20 36.22 -5.25 -5.69
CA GLU C 20 36.53 -4.55 -6.93
C GLU C 20 35.55 -3.46 -7.37
N PRO C 21 34.21 -3.64 -7.38
CA PRO C 21 33.36 -2.61 -8.02
C PRO C 21 33.27 -1.28 -7.29
N VAL C 22 33.90 -1.12 -6.11
CA VAL C 22 33.91 0.15 -5.41
C VAL C 22 35.29 0.79 -5.38
N MET C 23 36.30 0.14 -5.98
CA MET C 23 37.68 0.58 -5.79
C MET C 23 38.04 1.82 -6.60
N SER C 24 37.48 1.96 -7.81
CA SER C 24 37.75 3.15 -8.61
C SER C 24 37.19 4.39 -7.94
N GLN C 25 35.99 4.28 -7.37
CA GLN C 25 35.39 5.38 -6.65
C GLN C 25 36.06 5.61 -5.29
N LEU C 26 36.54 4.54 -4.65
CA LEU C 26 37.27 4.71 -3.40
C LEU C 26 38.62 5.37 -3.63
N VAL C 27 39.32 5.01 -4.70
CA VAL C 27 40.57 5.70 -5.04
C VAL C 27 40.29 7.15 -5.44
N GLU C 28 39.17 7.38 -6.14
CA GLU C 28 38.78 8.73 -6.53
C GLU C 28 38.51 9.62 -5.31
N PHE C 29 37.82 9.09 -4.30
CA PHE C 29 37.56 9.86 -3.09
C PHE C 29 38.80 9.98 -2.20
N TYR C 30 39.62 8.93 -2.14
CA TYR C 30 40.80 8.96 -1.28
C TYR C 30 41.86 9.89 -1.81
N ASN C 31 41.96 10.03 -3.14
CA ASN C 31 42.93 10.94 -3.74
C ASN C 31 42.57 12.40 -3.51
N GLU C 32 41.35 12.69 -3.09
CA GLU C 32 41.01 14.07 -2.71
C GLU C 32 40.90 14.27 -1.21
N VAL C 33 40.72 13.22 -0.41
CA VAL C 33 40.67 13.42 1.03
C VAL C 33 42.00 13.15 1.75
N ALA C 34 42.93 12.41 1.12
CA ALA C 34 44.10 11.96 1.84
C ALA C 34 45.14 13.06 2.04
N SER C 35 45.22 14.02 1.12
CA SER C 35 46.17 15.13 1.24
C SER C 35 45.88 15.99 2.47
N TRP C 36 44.61 16.04 2.90
CA TRP C 36 44.24 16.71 4.12
C TRP C 36 44.18 15.76 5.31
N LEU C 37 43.93 14.47 5.05
CA LEU C 37 43.84 13.49 6.13
C LEU C 37 45.21 13.19 6.76
N LEU C 38 46.26 13.11 5.94
CA LEU C 38 47.55 12.62 6.42
C LEU C 38 48.36 13.66 7.17
N ARG C 39 47.87 14.90 7.32
CA ARG C 39 48.55 15.83 8.22
C ARG C 39 48.38 15.41 9.67
N ASP C 40 47.17 15.00 10.05
CA ASP C 40 46.91 14.58 11.42
C ASP C 40 47.49 13.20 11.68
N GLU C 41 48.01 13.00 12.88
CA GLU C 41 48.51 11.69 13.28
C GLU C 41 47.33 10.77 13.55
N THR C 42 47.10 9.83 12.63
CA THR C 42 45.94 8.95 12.70
C THR C 42 46.18 7.85 13.70
N SER C 43 45.11 7.48 14.43
CA SER C 43 45.22 6.39 15.40
C SER C 43 45.54 5.03 14.78
N PRO C 44 44.95 4.59 13.66
CA PRO C 44 45.59 3.48 12.94
C PRO C 44 46.73 4.00 12.09
N ILE C 45 47.69 3.11 11.82
CA ILE C 45 48.77 3.42 10.88
C ILE C 45 48.18 3.59 9.48
N PRO C 46 48.63 4.58 8.70
CA PRO C 46 48.06 4.78 7.35
C PRO C 46 48.26 3.61 6.40
N ASP C 47 49.25 2.75 6.63
CA ASP C 47 49.37 1.51 5.88
C ASP C 47 48.37 0.45 6.34
N LYS C 48 47.74 0.66 7.50
CA LYS C 48 46.75 -0.26 8.04
C LYS C 48 45.32 0.27 7.94
N PHE C 49 45.07 1.23 7.04
CA PHE C 49 43.73 1.77 6.88
C PHE C 49 42.78 0.73 6.26
N PHE C 50 43.28 -0.04 5.30
CA PHE C 50 42.45 -0.92 4.49
C PHE C 50 42.79 -2.39 4.69
N ILE C 51 42.95 -2.82 5.94
CA ILE C 51 43.15 -4.26 6.20
C ILE C 51 41.87 -5.02 5.89
N GLN C 52 40.71 -4.43 6.20
CA GLN C 52 39.44 -5.12 6.05
C GLN C 52 39.05 -5.29 4.58
N LEU C 53 39.72 -4.58 3.67
CA LEU C 53 39.53 -4.83 2.25
C LEU C 53 40.20 -6.12 1.79
N LYS C 54 41.07 -6.72 2.60
CA LYS C 54 41.68 -8.00 2.27
C LYS C 54 40.80 -9.18 2.65
N GLN C 55 39.62 -8.93 3.24
CA GLN C 55 38.67 -9.94 3.66
C GLN C 55 37.60 -10.13 2.58
N PRO C 56 37.22 -11.36 2.25
CA PRO C 56 36.14 -11.57 1.28
C PRO C 56 34.79 -11.22 1.89
N LEU C 57 33.80 -10.94 1.04
CA LEU C 57 32.50 -10.51 1.54
C LEU C 57 31.43 -11.58 1.33
N ARG C 58 31.68 -12.56 0.46
CA ARG C 58 30.70 -13.63 0.23
C ARG C 58 30.57 -14.53 1.45
N ASN C 59 31.68 -14.85 2.11
CA ASN C 59 31.61 -15.70 3.29
C ASN C 59 31.02 -14.96 4.48
N LYS C 60 31.15 -13.63 4.49
CA LYS C 60 30.55 -12.84 5.57
C LYS C 60 29.05 -12.73 5.37
N ARG C 61 28.31 -12.97 6.45
CA ARG C 61 26.86 -12.81 6.46
C ARG C 61 26.38 -11.77 7.45
N VAL C 62 27.19 -11.41 8.45
CA VAL C 62 26.87 -10.33 9.36
C VAL C 62 28.08 -9.41 9.46
N CYS C 63 27.81 -8.12 9.62
CA CYS C 63 28.85 -7.09 9.71
C CYS C 63 28.69 -6.35 11.02
N VAL C 64 29.74 -6.35 11.84
CA VAL C 64 29.77 -5.60 13.08
C VAL C 64 30.39 -4.24 12.78
N CYS C 65 29.58 -3.19 12.81
CA CYS C 65 29.98 -1.87 12.33
C CYS C 65 30.21 -0.94 13.52
N GLY C 66 31.44 -0.49 13.68
CA GLY C 66 31.76 0.58 14.60
C GLY C 66 31.89 1.90 13.84
N ILE C 67 31.86 3.00 14.59
CA ILE C 67 31.87 4.29 13.91
C ILE C 67 33.30 4.73 13.58
N ASP C 68 34.30 4.26 14.34
CA ASP C 68 35.67 4.69 14.19
C ASP C 68 36.59 3.67 14.85
N PRO C 69 37.89 3.69 14.53
CA PRO C 69 38.84 2.90 15.34
C PRO C 69 39.00 3.48 16.74
N TYR C 70 39.73 2.74 17.55
CA TYR C 70 40.03 3.19 18.90
C TYR C 70 40.95 4.40 18.83
N PRO C 71 40.71 5.43 19.66
CA PRO C 71 41.53 6.67 19.57
C PRO C 71 42.98 6.49 19.94
N LYS C 72 43.35 5.45 20.68
CA LYS C 72 44.73 5.16 21.01
C LYS C 72 45.05 3.73 20.59
N ASP C 73 46.26 3.56 20.02
CA ASP C 73 46.80 2.25 19.62
C ASP C 73 45.90 1.53 18.63
N GLY C 74 45.59 2.21 17.52
CA GLY C 74 44.71 1.64 16.52
C GLY C 74 45.40 0.55 15.73
N THR C 75 44.89 -0.68 15.81
CA THR C 75 45.47 -1.80 15.09
C THR C 75 45.19 -1.71 13.60
N GLY C 76 44.02 -1.19 13.23
CA GLY C 76 43.57 -1.18 11.86
C GLY C 76 42.51 -2.22 11.57
N VAL C 77 42.45 -3.28 12.35
CA VAL C 77 41.32 -4.21 12.36
C VAL C 77 40.35 -3.72 13.43
N PRO C 78 39.08 -3.53 13.10
CA PRO C 78 38.12 -3.03 14.10
C PRO C 78 37.86 -4.06 15.18
N PHE C 79 37.82 -3.57 16.43
CA PHE C 79 37.63 -4.38 17.64
C PHE C 79 38.66 -5.50 17.74
N GLU C 80 39.92 -5.16 17.46
CA GLU C 80 41.04 -6.08 17.63
C GLU C 80 42.04 -5.44 18.57
N SER C 81 42.37 -6.15 19.66
CA SER C 81 43.24 -5.61 20.69
C SER C 81 44.09 -6.74 21.26
N PRO C 82 45.31 -6.91 20.77
CA PRO C 82 46.25 -7.85 21.42
C PRO C 82 46.60 -7.46 22.84
N ASN C 83 46.66 -6.16 23.13
CA ASN C 83 46.84 -5.72 24.51
C ASN C 83 45.58 -5.93 25.34
N PHE C 84 44.41 -5.88 24.67
CA PHE C 84 43.08 -6.04 25.29
C PHE C 84 42.84 -5.03 26.41
N THR C 85 43.32 -3.81 26.21
CA THR C 85 43.07 -2.73 27.15
C THR C 85 41.87 -1.86 26.76
N LYS C 86 41.28 -2.10 25.60
CA LYS C 86 40.16 -1.30 25.14
C LYS C 86 38.88 -1.75 25.81
N LYS C 87 38.07 -0.78 26.25
CA LYS C 87 36.85 -1.08 26.99
C LYS C 87 35.80 -1.70 26.09
N SER C 88 35.72 -1.27 24.83
CA SER C 88 34.66 -1.71 23.92
C SER C 88 34.77 -3.19 23.62
N ILE C 89 35.97 -3.67 23.27
CA ILE C 89 36.17 -5.09 23.02
C ILE C 89 36.06 -5.91 24.31
N LYS C 90 36.32 -5.29 25.47
CA LYS C 90 36.05 -5.97 26.73
C LYS C 90 34.55 -6.21 26.93
N GLU C 91 33.71 -5.23 26.55
CA GLU C 91 32.27 -5.46 26.65
C GLU C 91 31.76 -6.42 25.58
N ILE C 92 32.37 -6.43 24.39
CA ILE C 92 32.04 -7.47 23.40
C ILE C 92 32.38 -8.86 23.94
N ALA C 93 33.55 -8.99 24.56
CA ALA C 93 33.95 -10.28 25.15
C ALA C 93 33.03 -10.67 26.31
N SER C 94 32.58 -9.69 27.10
CA SER C 94 31.64 -9.96 28.17
C SER C 94 30.28 -10.43 27.63
N SER C 95 29.78 -9.80 26.57
CA SER C 95 28.50 -10.19 26.01
C SER C 95 28.57 -11.56 25.33
N ILE C 96 29.67 -11.85 24.64
CA ILE C 96 29.82 -13.16 24.02
C ILE C 96 30.06 -14.23 25.08
N SER C 97 30.71 -13.90 26.20
CA SER C 97 30.82 -14.84 27.31
C SER C 97 29.47 -15.08 27.97
N ARG C 98 28.60 -14.07 28.00
CA ARG C 98 27.23 -14.29 28.47
C ARG C 98 26.44 -15.15 27.47
N LEU C 99 26.78 -15.05 26.18
CA LEU C 99 26.16 -15.91 25.18
C LEU C 99 26.56 -17.37 25.36
N THR C 100 27.87 -17.62 25.51
CA THR C 100 28.42 -18.98 25.44
C THR C 100 28.66 -19.62 26.79
N GLY C 101 28.93 -18.83 27.84
CA GLY C 101 29.38 -19.38 29.10
C GLY C 101 30.88 -19.56 29.20
N VAL C 102 31.63 -19.24 28.15
CA VAL C 102 33.09 -19.37 28.15
C VAL C 102 33.65 -18.14 28.84
N ILE C 103 34.08 -18.30 30.09
CA ILE C 103 34.60 -17.18 30.88
C ILE C 103 36.12 -17.21 31.01
N ASP C 104 36.77 -18.29 30.59
CA ASP C 104 38.23 -18.39 30.65
C ASP C 104 38.81 -18.06 29.29
N TYR C 105 38.97 -16.76 29.03
CA TYR C 105 39.51 -16.28 27.77
C TYR C 105 40.56 -15.21 28.04
N LYS C 106 41.56 -15.15 27.15
CA LYS C 106 42.60 -14.14 27.26
C LYS C 106 42.20 -12.86 26.52
N GLY C 107 41.56 -13.00 25.36
CA GLY C 107 41.14 -11.86 24.58
C GLY C 107 40.05 -12.25 23.60
N TYR C 108 39.59 -11.26 22.85
CA TYR C 108 38.54 -11.45 21.87
C TYR C 108 38.92 -10.75 20.57
N ASN C 109 38.47 -11.33 19.45
CA ASN C 109 38.70 -10.76 18.13
C ASN C 109 37.50 -11.06 17.25
N LEU C 110 36.88 -10.01 16.72
CA LEU C 110 35.75 -10.19 15.82
C LEU C 110 36.16 -10.52 14.39
N ASN C 111 37.46 -10.43 14.08
CA ASN C 111 37.93 -10.70 12.73
C ASN C 111 37.99 -12.18 12.43
N ILE C 112 38.34 -13.00 13.43
CA ILE C 112 38.57 -14.43 13.19
C ILE C 112 37.30 -15.25 13.10
N ILE C 113 36.14 -14.66 13.35
CA ILE C 113 34.88 -15.39 13.29
C ILE C 113 34.47 -15.56 11.83
N ASP C 114 34.03 -16.77 11.49
CA ASP C 114 33.50 -17.02 10.16
C ASP C 114 32.14 -16.35 10.01
N GLY C 115 31.95 -15.62 8.93
CA GLY C 115 30.72 -14.91 8.69
C GLY C 115 30.63 -13.53 9.31
N VAL C 116 31.66 -13.10 10.04
CA VAL C 116 31.67 -11.81 10.71
C VAL C 116 32.79 -10.96 10.11
N ILE C 117 32.42 -9.80 9.57
CA ILE C 117 33.40 -8.78 9.20
C ILE C 117 33.27 -7.62 10.19
N PRO C 118 34.28 -7.39 11.03
CA PRO C 118 34.26 -6.19 11.87
C PRO C 118 34.59 -4.96 11.03
N TRP C 119 33.82 -3.91 11.24
CA TRP C 119 33.92 -2.74 10.39
C TRP C 119 33.99 -1.46 11.23
N ASN C 120 34.89 -0.57 10.84
CA ASN C 120 34.84 0.82 11.25
C ASN C 120 34.18 1.60 10.13
N TYR C 121 33.15 2.37 10.47
CA TYR C 121 32.47 3.20 9.47
C TYR C 121 33.44 4.24 8.94
N TYR C 122 33.85 5.18 9.77
CA TYR C 122 34.97 6.03 9.43
C TYR C 122 36.24 5.22 9.68
N LEU C 123 37.02 5.01 8.62
CA LEU C 123 38.11 4.04 8.67
C LEU C 123 39.31 4.51 9.49
N SER C 124 39.34 5.78 9.91
CA SER C 124 40.41 6.28 10.75
C SER C 124 39.89 7.36 11.67
N CYS C 125 40.62 7.60 12.75
CA CYS C 125 40.33 8.69 13.67
C CYS C 125 41.65 9.26 14.17
N LYS C 126 41.62 10.51 14.59
CA LYS C 126 42.80 11.16 15.13
C LYS C 126 43.09 10.61 16.52
N LEU C 127 44.35 10.70 16.94
CA LEU C 127 44.77 10.24 18.25
C LEU C 127 44.10 11.03 19.37
N GLY C 128 43.23 10.35 20.11
CA GLY C 128 42.53 10.97 21.22
C GLY C 128 41.22 11.63 20.86
N GLU C 129 40.73 11.47 19.63
CA GLU C 129 39.48 12.10 19.21
C GLU C 129 38.54 11.06 18.61
N THR C 130 37.25 11.29 18.84
CA THR C 130 36.18 10.45 18.31
C THR C 130 35.47 11.20 17.20
N LYS C 131 35.23 10.50 16.08
CA LYS C 131 34.58 11.04 14.87
C LYS C 131 35.34 12.23 14.29
N SER C 132 36.67 12.20 14.40
CA SER C 132 37.49 13.34 13.98
C SER C 132 37.57 13.43 12.45
N HIS C 133 37.80 12.30 11.78
CA HIS C 133 37.93 12.27 10.34
C HIS C 133 36.63 11.87 9.64
N ALA C 134 35.50 12.26 10.24
CA ALA C 134 34.18 11.92 9.68
C ALA C 134 33.94 12.59 8.34
N ILE C 135 34.37 13.86 8.21
CA ILE C 135 34.19 14.58 6.95
C ILE C 135 35.07 13.99 5.85
N TYR C 136 36.23 13.44 6.21
CA TYR C 136 37.07 12.78 5.22
C TYR C 136 36.50 11.44 4.81
N TRP C 137 35.97 10.68 5.77
CA TRP C 137 35.57 9.31 5.50
C TRP C 137 34.07 9.16 5.23
N ASP C 138 33.32 10.26 5.07
CA ASP C 138 31.87 10.18 4.92
C ASP C 138 31.43 9.43 3.65
N LYS C 139 31.84 9.93 2.47
CA LYS C 139 31.40 9.30 1.24
C LYS C 139 32.07 7.95 1.01
N ILE C 140 33.31 7.80 1.48
CA ILE C 140 34.00 6.50 1.45
C ILE C 140 33.25 5.49 2.29
N SER C 141 32.82 5.89 3.49
CA SER C 141 32.09 5.00 4.38
C SER C 141 30.73 4.63 3.82
N LYS C 142 30.05 5.60 3.19
CA LYS C 142 28.78 5.33 2.54
C LYS C 142 28.95 4.31 1.41
N LEU C 143 29.99 4.48 0.59
CA LEU C 143 30.26 3.57 -0.51
C LEU C 143 30.62 2.16 -0.03
N LEU C 144 31.55 2.07 0.93
CA LEU C 144 32.04 0.78 1.39
C LEU C 144 30.98 0.03 2.19
N LEU C 145 30.21 0.74 3.03
CA LEU C 145 29.15 0.07 3.77
C LEU C 145 27.99 -0.27 2.87
N GLN C 146 27.76 0.48 1.78
CA GLN C 146 26.77 0.07 0.80
C GLN C 146 27.20 -1.22 0.10
N HIS C 147 28.49 -1.36 -0.17
CA HIS C 147 28.99 -2.62 -0.74
C HIS C 147 28.84 -3.79 0.23
N ILE C 148 29.16 -3.57 1.51
CA ILE C 148 29.01 -4.61 2.52
C ILE C 148 27.55 -5.03 2.68
N THR C 149 26.65 -4.06 2.77
CA THR C 149 25.25 -4.37 2.94
C THR C 149 24.61 -4.91 1.65
N LYS C 150 25.23 -4.68 0.49
CA LYS C 150 24.86 -5.46 -0.69
C LYS C 150 25.35 -6.89 -0.58
N HIS C 151 26.48 -7.11 0.10
CA HIS C 151 27.00 -8.47 0.23
C HIS C 151 26.44 -9.21 1.44
N VAL C 152 26.61 -8.67 2.64
CA VAL C 152 26.20 -9.38 3.85
C VAL C 152 24.69 -9.25 4.05
N SER C 153 24.14 -10.06 4.96
CA SER C 153 22.70 -10.11 5.20
C SER C 153 22.24 -9.23 6.34
N VAL C 154 22.96 -9.23 7.46
CA VAL C 154 22.57 -8.50 8.66
C VAL C 154 23.67 -7.49 8.97
N LEU C 155 23.28 -6.24 9.22
CA LEU C 155 24.23 -5.22 9.62
C LEU C 155 24.05 -4.92 11.11
N TYR C 156 25.14 -4.99 11.86
CA TYR C 156 25.13 -4.70 13.28
C TYR C 156 25.94 -3.42 13.52
N CYS C 157 25.29 -2.41 14.08
CA CYS C 157 25.89 -1.10 14.29
C CYS C 157 26.11 -0.88 15.78
N LEU C 158 27.34 -0.58 16.17
CA LEU C 158 27.70 -0.40 17.57
C LEU C 158 27.66 1.09 17.95
N GLY C 159 26.48 1.68 17.79
CA GLY C 159 26.27 3.04 18.23
C GLY C 159 24.85 3.50 17.98
N LYS C 160 24.22 4.11 18.98
CA LYS C 160 22.86 4.60 18.82
C LYS C 160 22.83 6.02 18.25
N THR C 161 23.61 6.92 18.83
CA THR C 161 23.71 8.28 18.31
C THR C 161 24.50 8.32 17.01
N ASP C 162 25.54 7.48 16.90
CA ASP C 162 26.42 7.52 15.74
C ASP C 162 25.75 6.95 14.51
N PHE C 163 25.06 5.82 14.65
CA PHE C 163 24.44 5.13 13.53
C PHE C 163 22.93 5.34 13.48
N SER C 164 22.47 6.51 13.94
CA SER C 164 21.04 6.81 13.87
C SER C 164 20.56 7.06 12.45
N ASN C 165 21.45 7.48 11.56
CA ASN C 165 21.10 7.78 10.17
C ASN C 165 21.53 6.68 9.21
N ILE C 166 21.60 5.43 9.69
CA ILE C 166 22.18 4.37 8.89
C ILE C 166 21.26 3.94 7.75
N ARG C 167 19.96 4.24 7.83
CA ARG C 167 19.09 3.98 6.69
C ARG C 167 19.27 5.05 5.61
N ALA C 168 19.66 6.26 5.99
CA ALA C 168 20.00 7.28 5.00
C ALA C 168 21.37 7.05 4.40
N LYS C 169 22.31 6.51 5.18
CA LYS C 169 23.67 6.31 4.71
C LYS C 169 23.80 5.12 3.77
N LEU C 170 22.77 4.27 3.69
CA LEU C 170 22.77 3.11 2.80
C LEU C 170 21.62 3.22 1.82
N GLU C 171 21.92 3.05 0.52
CA GLU C 171 20.90 3.16 -0.51
C GLU C 171 20.02 1.92 -0.58
N SER C 172 20.55 0.75 -0.24
CA SER C 172 19.78 -0.47 -0.36
C SER C 172 19.27 -0.92 1.01
N PRO C 173 18.04 -1.44 1.08
CA PRO C 173 17.52 -1.93 2.36
C PRO C 173 18.25 -3.20 2.80
N VAL C 174 18.74 -3.18 4.03
CA VAL C 174 19.45 -4.32 4.62
C VAL C 174 18.92 -4.50 6.04
N THR C 175 19.09 -5.70 6.57
CA THR C 175 18.75 -5.97 7.96
C THR C 175 19.76 -5.25 8.84
N THR C 176 19.36 -4.12 9.40
CA THR C 176 20.24 -3.29 10.20
C THR C 176 19.88 -3.36 11.68
N ILE C 177 20.90 -3.47 12.52
CA ILE C 177 20.73 -3.47 13.96
C ILE C 177 21.51 -2.28 14.51
N VAL C 178 20.79 -1.24 14.91
CA VAL C 178 21.41 -0.07 15.53
C VAL C 178 21.45 -0.37 17.02
N GLY C 179 22.52 -1.07 17.44
CA GLY C 179 22.68 -1.44 18.83
C GLY C 179 23.38 -0.36 19.64
N TYR C 180 23.39 -0.57 20.95
CA TYR C 180 24.05 0.35 21.84
C TYR C 180 25.56 0.18 21.76
N HIS C 181 26.27 1.29 21.99
CA HIS C 181 27.72 1.26 22.02
C HIS C 181 28.20 0.47 23.23
N PRO C 182 29.28 -0.30 23.10
CA PRO C 182 29.79 -1.06 24.26
C PRO C 182 30.26 -0.19 25.42
N ALA C 183 30.79 1.00 25.14
CA ALA C 183 31.26 1.90 26.17
C ALA C 183 30.16 2.84 26.68
N ALA C 184 28.91 2.60 26.31
CA ALA C 184 27.82 3.46 26.76
C ALA C 184 27.54 3.25 28.24
N ARG C 185 27.19 4.36 28.92
CA ARG C 185 26.84 4.29 30.32
C ARG C 185 25.40 3.78 30.50
N ASP C 186 25.02 3.63 31.77
CA ASP C 186 23.78 3.00 32.29
C ASP C 186 23.70 1.51 31.98
N HIS C 187 24.82 0.88 31.60
CA HIS C 187 24.95 -0.57 31.35
C HIS C 187 23.96 -1.08 30.31
N GLN C 188 23.71 -0.26 29.28
CA GLN C 188 22.75 -0.63 28.25
C GLN C 188 23.30 -1.70 27.33
N PHE C 189 24.63 -1.75 27.15
CA PHE C 189 25.22 -2.85 26.41
C PHE C 189 25.25 -4.13 27.24
N GLU C 190 25.28 -3.98 28.57
CA GLU C 190 25.12 -5.15 29.43
C GLU C 190 23.69 -5.68 29.38
N LYS C 191 22.72 -4.77 29.22
CA LYS C 191 21.32 -5.18 29.24
C LYS C 191 20.90 -5.90 27.96
N ASP C 192 21.35 -5.42 26.80
CA ASP C 192 20.79 -5.92 25.55
C ASP C 192 21.44 -7.24 25.13
N ARG C 193 20.78 -7.92 24.20
CA ARG C 193 21.14 -9.25 23.73
C ARG C 193 21.24 -9.27 22.21
N SER C 194 22.00 -8.32 21.66
CA SER C 194 22.02 -8.08 20.22
C SER C 194 22.68 -9.19 19.42
N PHE C 195 23.59 -9.97 20.01
CA PHE C 195 24.23 -11.06 19.27
C PHE C 195 23.28 -12.24 19.11
N GLU C 196 22.44 -12.48 20.12
CA GLU C 196 21.33 -13.42 19.97
C GLU C 196 20.40 -12.99 18.85
N ILE C 197 20.14 -11.68 18.74
CA ILE C 197 19.29 -11.13 17.70
C ILE C 197 19.95 -11.29 16.33
N ILE C 198 21.29 -11.17 16.28
CA ILE C 198 22.04 -11.43 15.06
C ILE C 198 21.84 -12.88 14.60
N ASN C 199 21.96 -13.82 15.54
CA ASN C 199 21.79 -15.23 15.21
C ASN C 199 20.36 -15.53 14.74
N VAL C 200 19.37 -14.98 15.44
CA VAL C 200 17.97 -15.21 15.09
C VAL C 200 17.64 -14.61 13.73
N LEU C 201 18.12 -13.38 13.46
CA LEU C 201 17.88 -12.75 12.17
C LEU C 201 18.61 -13.46 11.03
N LEU C 202 19.73 -14.11 11.33
CA LEU C 202 20.38 -14.89 10.28
C LEU C 202 19.66 -16.20 10.00
N GLU C 203 19.07 -16.85 11.02
CA GLU C 203 18.23 -18.00 10.71
C GLU C 203 16.89 -17.61 10.10
N LEU C 204 16.46 -16.35 10.23
CA LEU C 204 15.29 -15.89 9.47
C LEU C 204 15.62 -15.70 7.99
N ASP C 205 16.87 -15.47 7.65
CA ASP C 205 17.30 -15.32 6.27
C ASP C 205 17.90 -16.60 5.70
N ASN C 206 17.63 -17.73 6.36
CA ASN C 206 18.11 -19.07 5.99
C ASN C 206 19.64 -19.12 5.90
N LYS C 207 20.30 -18.47 6.84
CA LYS C 207 21.76 -18.42 6.89
C LYS C 207 22.27 -19.19 8.10
N THR C 208 23.55 -19.52 8.06
CA THR C 208 24.18 -20.27 9.14
C THR C 208 24.33 -19.37 10.37
N PRO C 209 23.92 -19.84 11.56
CA PRO C 209 24.12 -19.03 12.78
C PRO C 209 25.59 -18.86 13.10
N ILE C 210 25.91 -17.73 13.72
CA ILE C 210 27.29 -17.38 14.02
C ILE C 210 27.75 -18.13 15.26
N ASN C 211 28.84 -18.89 15.12
CA ASN C 211 29.55 -19.45 16.26
C ASN C 211 30.35 -18.31 16.88
N TRP C 212 29.75 -17.67 17.88
CA TRP C 212 30.39 -16.52 18.52
C TRP C 212 31.56 -16.93 19.40
N ALA C 213 31.65 -18.21 19.79
CA ALA C 213 32.78 -18.70 20.57
C ALA C 213 34.06 -18.81 19.75
N GLN C 214 33.98 -18.67 18.43
CA GLN C 214 35.17 -18.67 17.58
C GLN C 214 36.03 -17.44 17.83
N GLY C 215 35.43 -16.33 18.24
CA GLY C 215 36.16 -15.08 18.42
C GLY C 215 37.00 -14.99 19.68
N PHE C 216 36.86 -15.94 20.60
CA PHE C 216 37.66 -15.91 21.81
C PHE C 216 39.10 -16.29 21.51
N ILE C 217 40.03 -15.58 22.16
CA ILE C 217 41.45 -15.85 22.04
C ILE C 217 41.93 -16.41 23.38
N TYR C 218 42.51 -17.60 23.36
CA TYR C 218 42.96 -18.25 24.58
C TYR C 218 44.48 -18.23 24.69
N ARG D 136 -21.98 -50.49 -16.57
CA ARG D 136 -22.62 -50.74 -15.30
C ARG D 136 -21.82 -51.73 -14.46
N SER D 137 -22.33 -51.98 -13.25
CA SER D 137 -21.73 -52.85 -12.21
C SER D 137 -20.35 -52.28 -11.88
N ASP D 138 -19.28 -53.07 -11.92
CA ASP D 138 -17.94 -52.62 -11.54
C ASP D 138 -17.03 -52.70 -12.76
N LEU D 139 -16.21 -51.68 -12.93
CA LEU D 139 -15.17 -51.65 -13.95
C LEU D 139 -13.83 -51.41 -13.28
N SER D 140 -12.93 -52.39 -13.40
CA SER D 140 -11.57 -52.22 -12.85
C SER D 140 -10.81 -51.15 -13.63
N ASP D 141 -10.96 -51.13 -14.94
CA ASP D 141 -10.46 -50.03 -15.77
C ASP D 141 -11.60 -49.54 -16.65
N LEU D 142 -11.78 -48.21 -16.66
CA LEU D 142 -12.76 -47.61 -17.55
C LEU D 142 -12.34 -47.72 -19.02
N LYS D 143 -11.04 -47.88 -19.28
CA LYS D 143 -10.46 -47.55 -20.59
C LYS D 143 -10.94 -48.49 -21.69
N VAL D 144 -11.32 -49.72 -21.34
CA VAL D 144 -11.89 -50.62 -22.35
C VAL D 144 -13.27 -50.15 -22.78
N ALA D 145 -14.07 -49.60 -21.84
CA ALA D 145 -15.36 -49.04 -22.21
C ALA D 145 -15.19 -47.74 -22.99
N THR D 146 -14.09 -47.03 -22.76
CA THR D 146 -13.77 -45.86 -23.56
C THR D 146 -13.39 -46.26 -24.97
N ASP D 147 -12.66 -47.36 -25.13
CA ASP D 147 -12.40 -47.89 -26.47
C ASP D 147 -13.69 -48.32 -27.15
N ASN D 148 -14.63 -48.88 -26.37
CA ASN D 148 -15.94 -49.25 -26.90
C ASN D 148 -16.72 -48.03 -27.39
N ILE D 149 -16.73 -46.94 -26.62
CA ILE D 149 -17.50 -45.78 -27.06
C ILE D 149 -16.82 -45.07 -28.22
N VAL D 150 -15.48 -45.08 -28.29
CA VAL D 150 -14.80 -44.53 -29.46
C VAL D 150 -15.11 -45.34 -30.72
N LYS D 151 -15.08 -46.67 -30.62
CA LYS D 151 -15.36 -47.47 -31.82
C LYS D 151 -16.84 -47.41 -32.21
N ASP D 152 -17.73 -47.32 -31.22
CA ASP D 152 -19.16 -47.26 -31.51
C ASP D 152 -19.53 -45.89 -32.10
N LEU D 153 -18.88 -44.83 -31.62
CA LEU D 153 -19.14 -43.51 -32.18
C LEU D 153 -18.49 -43.37 -33.56
N LYS D 154 -17.39 -44.08 -33.80
CA LYS D 154 -16.87 -44.21 -35.17
C LYS D 154 -17.87 -44.93 -36.07
N LYS D 155 -18.52 -45.97 -35.55
CA LYS D 155 -19.56 -46.66 -36.33
C LYS D 155 -20.72 -45.73 -36.67
N ILE D 156 -21.18 -44.93 -35.71
CA ILE D 156 -22.32 -44.06 -36.01
C ILE D 156 -21.89 -42.88 -36.91
N ILE D 157 -20.60 -42.50 -36.87
CA ILE D 157 -20.10 -41.56 -37.87
C ILE D 157 -20.09 -42.19 -39.27
N THR D 158 -19.76 -43.49 -39.37
CA THR D 158 -19.85 -44.15 -40.67
C THR D 158 -21.30 -44.24 -41.16
N ARG D 159 -22.26 -44.47 -40.24
CA ARG D 159 -23.68 -44.42 -40.63
C ARG D 159 -24.09 -43.03 -41.10
N ILE D 160 -23.65 -41.98 -40.40
CA ILE D 160 -24.16 -40.65 -40.73
C ILE D 160 -23.45 -40.09 -41.97
N SER D 161 -22.20 -40.50 -42.21
CA SER D 161 -21.55 -40.16 -43.48
C SER D 161 -22.15 -40.96 -44.63
N ALA D 162 -22.59 -42.19 -44.36
CA ALA D 162 -23.29 -42.99 -45.35
C ALA D 162 -24.61 -42.33 -45.76
N VAL D 163 -25.40 -41.85 -44.79
CA VAL D 163 -26.66 -41.23 -45.14
C VAL D 163 -26.41 -39.85 -45.75
N SER D 164 -25.28 -39.21 -45.42
CA SER D 164 -24.89 -37.98 -46.09
C SER D 164 -24.63 -38.20 -47.59
N THR D 165 -23.80 -39.18 -47.92
CA THR D 165 -23.44 -39.36 -49.32
C THR D 165 -24.43 -40.21 -50.09
N VAL D 166 -25.48 -40.74 -49.46
CA VAL D 166 -26.60 -41.28 -50.23
C VAL D 166 -27.74 -40.26 -50.34
N LEU D 167 -27.83 -39.30 -49.41
CA LEU D 167 -28.75 -38.19 -49.60
C LEU D 167 -28.23 -37.27 -50.70
N GLU D 168 -26.90 -37.15 -50.81
CA GLU D 168 -26.31 -36.49 -51.98
C GLU D 168 -26.63 -37.24 -53.26
N ASP D 169 -26.67 -38.57 -53.21
CA ASP D 169 -27.03 -39.38 -54.36
C ASP D 169 -28.48 -39.16 -54.79
N VAL D 170 -29.41 -39.13 -53.82
CA VAL D 170 -30.80 -38.92 -54.20
C VAL D 170 -31.09 -37.46 -54.54
N GLN D 171 -30.24 -36.53 -54.10
CA GLN D 171 -30.34 -35.16 -54.60
C GLN D 171 -29.82 -35.05 -56.02
N ALA D 172 -28.77 -35.81 -56.35
CA ALA D 172 -28.27 -35.84 -57.73
C ALA D 172 -29.17 -36.64 -58.65
N ALA D 173 -30.03 -37.51 -58.10
CA ALA D 173 -30.98 -38.25 -58.92
C ALA D 173 -32.05 -37.34 -59.51
N GLY D 174 -32.43 -36.29 -58.79
CA GLY D 174 -33.38 -35.32 -59.28
C GLY D 174 -34.81 -35.49 -58.83
N ILE D 175 -35.07 -36.36 -57.86
CA ILE D 175 -36.42 -36.56 -57.35
C ILE D 175 -36.79 -35.40 -56.44
N SER D 176 -38.06 -35.00 -56.47
CA SER D 176 -38.54 -33.90 -55.63
C SER D 176 -38.80 -34.41 -54.22
N ARG D 177 -38.21 -33.73 -53.23
CA ARG D 177 -38.32 -34.11 -51.83
C ARG D 177 -38.63 -32.89 -50.98
N GLN D 178 -39.20 -33.16 -49.80
CA GLN D 178 -39.45 -32.13 -48.78
C GLN D 178 -38.71 -32.54 -47.53
N PHE D 179 -37.68 -31.77 -47.17
CA PHE D 179 -36.77 -32.13 -46.09
C PHE D 179 -36.86 -31.16 -44.92
N THR D 180 -38.08 -30.71 -44.59
CA THR D 180 -38.28 -29.94 -43.37
C THR D 180 -38.16 -30.82 -42.14
N SER D 181 -38.68 -32.05 -42.21
CA SER D 181 -38.54 -33.00 -41.12
C SER D 181 -37.08 -33.43 -40.94
N MET D 182 -36.33 -33.53 -42.03
CA MET D 182 -34.88 -33.72 -41.93
C MET D 182 -34.19 -32.53 -41.27
N THR D 183 -34.67 -31.31 -41.53
CA THR D 183 -34.10 -30.13 -40.87
C THR D 183 -34.38 -30.15 -39.37
N LYS D 184 -35.60 -30.54 -38.98
CA LYS D 184 -35.91 -30.69 -37.55
C LYS D 184 -35.08 -31.80 -36.92
N ALA D 185 -34.86 -32.91 -37.64
CA ALA D 185 -34.09 -34.02 -37.13
C ALA D 185 -32.62 -33.65 -36.94
N ILE D 186 -32.03 -32.91 -37.89
CA ILE D 186 -30.64 -32.50 -37.71
C ILE D 186 -30.52 -31.36 -36.70
N THR D 187 -31.58 -30.58 -36.48
CA THR D 187 -31.58 -29.62 -35.37
C THR D 187 -31.56 -30.33 -34.03
N THR D 188 -32.36 -31.40 -33.90
CA THR D 188 -32.34 -32.22 -32.69
C THR D 188 -30.99 -32.91 -32.50
N LEU D 189 -30.40 -33.38 -33.61
CA LEU D 189 -29.08 -34.00 -33.55
C LEU D 189 -28.01 -33.00 -33.14
N SER D 190 -28.10 -31.77 -33.65
CA SER D 190 -27.16 -30.72 -33.27
C SER D 190 -27.30 -30.34 -31.79
N ASP D 191 -28.54 -30.28 -31.30
CA ASP D 191 -28.76 -30.02 -29.88
C ASP D 191 -28.20 -31.13 -29.02
N LEU D 192 -28.37 -32.39 -29.45
CA LEU D 192 -27.83 -33.53 -28.72
C LEU D 192 -26.31 -33.53 -28.69
N VAL D 193 -25.66 -33.23 -29.82
CA VAL D 193 -24.20 -33.27 -29.82
C VAL D 193 -23.61 -32.04 -29.13
N THR D 194 -24.32 -30.90 -29.11
CA THR D 194 -23.84 -29.79 -28.29
C THR D 194 -24.01 -30.06 -26.81
N GLU D 195 -25.08 -30.77 -26.43
CA GLU D 195 -25.23 -31.23 -25.05
C GLU D 195 -24.12 -32.20 -24.67
N GLY D 196 -23.73 -33.08 -25.59
CA GLY D 196 -22.61 -33.97 -25.34
C GLY D 196 -21.26 -33.28 -25.28
N LYS D 197 -21.07 -32.22 -26.07
CA LYS D 197 -19.79 -31.51 -26.11
C LYS D 197 -19.65 -30.44 -25.04
N SER D 198 -20.74 -30.00 -24.42
CA SER D 198 -20.69 -28.87 -23.50
C SER D 198 -19.93 -29.15 -22.21
N LYS D 199 -19.66 -30.40 -21.87
CA LYS D 199 -19.06 -30.74 -20.58
C LYS D 199 -17.88 -31.70 -20.69
N VAL D 200 -17.26 -31.82 -21.87
CA VAL D 200 -16.18 -32.78 -22.03
C VAL D 200 -15.02 -32.12 -22.76
N VAL D 201 -15.29 -31.00 -23.42
CA VAL D 201 -14.30 -30.42 -24.34
C VAL D 201 -13.23 -29.65 -23.57
N ARG D 202 -13.65 -28.75 -22.68
CA ARG D 202 -12.73 -27.81 -22.04
C ARG D 202 -12.22 -28.37 -20.71
N LYS D 203 -10.90 -28.39 -20.55
CA LYS D 203 -10.24 -28.69 -19.30
C LYS D 203 -9.56 -27.44 -18.76
N LYS D 204 -9.45 -27.38 -17.43
CA LYS D 204 -8.85 -26.28 -16.65
C LYS D 204 -9.44 -24.91 -17.00
N SER E 140 -40.47 -43.46 -46.24
CA SER E 140 -39.95 -42.89 -45.00
C SER E 140 -38.79 -43.73 -44.45
N ASP E 141 -37.93 -44.20 -45.36
CA ASP E 141 -36.76 -44.98 -44.94
C ASP E 141 -35.72 -44.09 -44.27
N LEU E 142 -35.50 -42.89 -44.81
CA LEU E 142 -34.57 -41.96 -44.17
C LEU E 142 -35.11 -41.42 -42.87
N LYS E 143 -36.44 -41.38 -42.71
CA LYS E 143 -37.04 -40.95 -41.45
C LYS E 143 -36.71 -41.93 -40.32
N VAL E 144 -36.93 -43.22 -40.56
CA VAL E 144 -36.62 -44.21 -39.52
C VAL E 144 -35.11 -44.41 -39.40
N ALA E 145 -34.36 -44.13 -40.47
CA ALA E 145 -32.90 -44.15 -40.38
C ALA E 145 -32.39 -43.04 -39.47
N THR E 146 -32.87 -41.82 -39.66
CA THR E 146 -32.49 -40.73 -38.75
C THR E 146 -33.05 -40.96 -37.35
N ASP E 147 -34.18 -41.68 -37.25
CA ASP E 147 -34.77 -42.02 -35.96
C ASP E 147 -33.86 -42.95 -35.15
N ASN E 148 -33.35 -44.03 -35.77
CA ASN E 148 -32.51 -44.89 -34.94
C ASN E 148 -31.09 -44.36 -34.80
N ILE E 149 -30.62 -43.46 -35.69
CA ILE E 149 -29.39 -42.72 -35.38
C ILE E 149 -29.60 -41.81 -34.18
N VAL E 150 -30.76 -41.16 -34.08
CA VAL E 150 -31.08 -40.34 -32.91
C VAL E 150 -31.15 -41.19 -31.65
N LYS E 151 -31.77 -42.37 -31.74
CA LYS E 151 -31.90 -43.25 -30.58
C LYS E 151 -30.55 -43.82 -30.12
N ASP E 152 -29.75 -44.32 -31.07
CA ASP E 152 -28.44 -44.86 -30.73
C ASP E 152 -27.48 -43.78 -30.25
N LEU E 153 -27.54 -42.59 -30.86
CA LEU E 153 -26.71 -41.48 -30.40
C LEU E 153 -27.15 -40.99 -29.03
N LYS E 154 -28.46 -41.04 -28.72
CA LYS E 154 -28.90 -40.67 -27.38
C LYS E 154 -28.46 -41.70 -26.35
N LYS E 155 -28.42 -42.99 -26.73
CA LYS E 155 -27.84 -44.00 -25.86
C LYS E 155 -26.34 -43.75 -25.62
N ILE E 156 -25.64 -43.31 -26.67
CA ILE E 156 -24.23 -42.94 -26.57
C ILE E 156 -24.06 -41.73 -25.64
N ILE E 157 -24.94 -40.73 -25.78
CA ILE E 157 -24.89 -39.55 -24.91
C ILE E 157 -25.17 -39.90 -23.46
N THR E 158 -26.10 -40.83 -23.21
CA THR E 158 -26.36 -41.26 -21.83
C THR E 158 -25.16 -42.01 -21.24
N ARG E 159 -24.50 -42.88 -22.03
CA ARG E 159 -23.39 -43.62 -21.45
C ARG E 159 -22.14 -42.75 -21.30
N ILE E 160 -21.91 -41.80 -22.22
CA ILE E 160 -20.81 -40.87 -22.00
C ILE E 160 -21.16 -39.85 -20.92
N SER E 161 -22.45 -39.61 -20.64
CA SER E 161 -22.80 -38.80 -19.49
C SER E 161 -22.55 -39.57 -18.20
N ALA E 162 -22.72 -40.88 -18.24
CA ALA E 162 -22.39 -41.72 -17.10
C ALA E 162 -20.89 -41.73 -16.82
N VAL E 163 -20.06 -41.74 -17.88
CA VAL E 163 -18.61 -41.88 -17.69
C VAL E 163 -17.86 -40.56 -17.77
N SER E 164 -18.50 -39.45 -18.15
CA SER E 164 -17.79 -38.24 -18.52
C SER E 164 -17.43 -37.34 -17.34
N THR E 165 -17.87 -37.70 -16.14
CA THR E 165 -17.46 -36.95 -14.96
C THR E 165 -15.98 -37.17 -14.66
N VAL E 166 -15.46 -38.33 -15.04
CA VAL E 166 -14.18 -38.82 -14.55
C VAL E 166 -13.18 -39.06 -15.69
N LEU E 167 -13.40 -38.40 -16.83
CA LEU E 167 -12.53 -38.61 -17.99
C LEU E 167 -11.19 -37.91 -17.78
N GLU E 168 -10.13 -38.50 -18.35
CA GLU E 168 -8.78 -37.97 -18.21
C GLU E 168 -8.53 -36.89 -19.26
N ASP E 169 -7.28 -36.41 -19.33
CA ASP E 169 -6.97 -35.25 -20.15
C ASP E 169 -6.81 -35.66 -21.62
N VAL E 170 -6.01 -36.69 -21.88
CA VAL E 170 -5.79 -37.15 -23.25
C VAL E 170 -7.08 -37.78 -23.81
N GLN E 171 -7.91 -38.36 -22.94
CA GLN E 171 -9.25 -38.75 -23.32
C GLN E 171 -10.12 -37.57 -23.71
N ALA E 172 -10.08 -36.48 -22.95
CA ALA E 172 -10.83 -35.27 -23.31
C ALA E 172 -10.37 -34.72 -24.65
N ALA E 173 -9.06 -34.75 -24.89
CA ALA E 173 -8.49 -34.32 -26.17
C ALA E 173 -8.99 -35.19 -27.33
N GLY E 174 -8.87 -36.52 -27.20
CA GLY E 174 -9.27 -37.40 -28.28
C GLY E 174 -10.76 -37.41 -28.55
N ILE E 175 -11.57 -37.37 -27.49
CA ILE E 175 -13.01 -37.44 -27.71
C ILE E 175 -13.55 -36.06 -28.11
N SER E 176 -12.86 -34.97 -27.75
CA SER E 176 -13.24 -33.67 -28.29
C SER E 176 -12.90 -33.57 -29.76
N ARG E 177 -11.76 -34.17 -30.16
CA ARG E 177 -11.42 -34.32 -31.58
C ARG E 177 -12.48 -35.11 -32.32
N GLN E 178 -12.92 -36.22 -31.73
CA GLN E 178 -13.84 -37.13 -32.41
C GLN E 178 -15.24 -36.49 -32.53
N PHE E 179 -15.67 -35.79 -31.46
CA PHE E 179 -16.92 -35.05 -31.47
C PHE E 179 -16.90 -33.87 -32.42
N THR E 180 -15.76 -33.18 -32.54
CA THR E 180 -15.70 -32.08 -33.50
C THR E 180 -15.66 -32.58 -34.94
N SER E 181 -15.11 -33.78 -35.17
CA SER E 181 -15.25 -34.41 -36.48
C SER E 181 -16.70 -34.75 -36.78
N MET E 182 -17.44 -35.24 -35.78
CA MET E 182 -18.85 -35.56 -36.02
C MET E 182 -19.70 -34.29 -36.22
N THR E 183 -19.37 -33.20 -35.52
CA THR E 183 -20.13 -31.98 -35.77
C THR E 183 -19.72 -31.31 -37.08
N LYS E 184 -18.50 -31.55 -37.57
CA LYS E 184 -18.16 -31.17 -38.95
C LYS E 184 -18.99 -31.97 -39.95
N ALA E 185 -19.21 -33.26 -39.66
CA ALA E 185 -20.07 -34.09 -40.51
C ALA E 185 -21.50 -33.59 -40.54
N ILE E 186 -22.05 -33.20 -39.38
CA ILE E 186 -23.43 -32.70 -39.41
C ILE E 186 -23.50 -31.27 -39.93
N THR E 187 -22.40 -30.51 -39.89
CA THR E 187 -22.37 -29.21 -40.56
C THR E 187 -22.41 -29.39 -42.08
N THR E 188 -21.69 -30.40 -42.59
CA THR E 188 -21.79 -30.72 -44.01
C THR E 188 -23.18 -31.22 -44.37
N LEU E 189 -23.83 -31.97 -43.46
CA LEU E 189 -25.23 -32.35 -43.64
C LEU E 189 -26.14 -31.13 -43.74
N SER E 190 -25.99 -30.17 -42.83
CA SER E 190 -26.83 -28.98 -42.83
C SER E 190 -26.64 -28.15 -44.08
N ASP E 191 -25.38 -28.00 -44.52
CA ASP E 191 -25.10 -27.29 -45.76
C ASP E 191 -25.68 -28.01 -46.98
N LEU E 192 -25.58 -29.34 -47.00
CA LEU E 192 -26.03 -30.09 -48.16
C LEU E 192 -27.55 -30.17 -48.24
N VAL E 193 -28.26 -30.16 -47.10
CA VAL E 193 -29.72 -30.16 -47.13
C VAL E 193 -30.29 -28.74 -47.18
N THR E 194 -29.49 -27.71 -46.89
CA THR E 194 -29.98 -26.35 -47.06
C THR E 194 -29.78 -25.86 -48.49
N GLU E 195 -28.58 -26.06 -49.03
CA GLU E 195 -28.31 -25.65 -50.41
C GLU E 195 -28.97 -26.59 -51.41
N GLY E 196 -28.94 -27.88 -51.15
CA GLY E 196 -29.54 -28.86 -52.04
C GLY E 196 -28.53 -29.72 -52.76
N LEU F 139 -6.53 -37.08 -76.55
CA LEU F 139 -6.14 -37.85 -75.38
C LEU F 139 -4.85 -38.61 -75.69
N SER F 140 -3.74 -38.12 -75.14
CA SER F 140 -2.42 -38.71 -75.35
C SER F 140 -1.91 -39.31 -74.05
N ASP F 141 -1.23 -40.45 -74.17
CA ASP F 141 -0.53 -41.22 -73.14
C ASP F 141 -1.45 -41.86 -72.10
N LEU F 142 -2.78 -41.65 -72.19
CA LEU F 142 -3.84 -42.29 -71.39
C LEU F 142 -3.65 -42.17 -69.87
N LYS F 143 -2.87 -41.20 -69.40
CA LYS F 143 -2.67 -41.04 -67.97
C LYS F 143 -3.87 -40.38 -67.30
N VAL F 144 -4.50 -39.41 -67.98
CA VAL F 144 -5.64 -38.70 -67.42
C VAL F 144 -6.85 -39.61 -67.34
N ALA F 145 -7.04 -40.48 -68.34
CA ALA F 145 -8.16 -41.41 -68.32
C ALA F 145 -8.01 -42.45 -67.22
N THR F 146 -6.78 -42.94 -67.00
CA THR F 146 -6.53 -43.88 -65.91
C THR F 146 -6.72 -43.20 -64.55
N ASP F 147 -6.28 -41.95 -64.43
CA ASP F 147 -6.50 -41.20 -63.18
C ASP F 147 -7.98 -40.98 -62.91
N ASN F 148 -8.76 -40.70 -63.96
CA ASN F 148 -10.20 -40.52 -63.84
C ASN F 148 -10.89 -41.82 -63.42
N ILE F 149 -10.53 -42.95 -64.05
CA ILE F 149 -11.18 -44.21 -63.69
C ILE F 149 -10.64 -44.81 -62.40
N VAL F 150 -9.55 -44.28 -61.85
CA VAL F 150 -9.20 -44.62 -60.47
C VAL F 150 -9.98 -43.76 -59.48
N LYS F 151 -10.07 -42.44 -59.73
CA LYS F 151 -10.67 -41.57 -58.73
C LYS F 151 -12.20 -41.68 -58.69
N ASP F 152 -12.84 -42.07 -59.80
CA ASP F 152 -14.28 -42.20 -59.78
C ASP F 152 -14.75 -43.48 -59.09
N LEU F 153 -14.02 -44.59 -59.27
CA LEU F 153 -14.45 -45.85 -58.68
C LEU F 153 -14.25 -45.88 -57.16
N LYS F 154 -13.36 -45.03 -56.62
CA LYS F 154 -13.28 -44.90 -55.17
C LYS F 154 -14.52 -44.23 -54.61
N LYS F 155 -15.05 -43.22 -55.30
CA LYS F 155 -16.33 -42.64 -54.92
C LYS F 155 -17.46 -43.65 -55.10
N ILE F 156 -17.37 -44.50 -56.13
CA ILE F 156 -18.41 -45.50 -56.36
C ILE F 156 -18.42 -46.57 -55.26
N ILE F 157 -17.24 -47.05 -54.85
CA ILE F 157 -17.20 -48.03 -53.77
C ILE F 157 -17.57 -47.39 -52.43
N THR F 158 -17.25 -46.10 -52.25
CA THR F 158 -17.71 -45.39 -51.05
C THR F 158 -19.23 -45.30 -51.01
N ARG F 159 -19.86 -45.00 -52.15
CA ARG F 159 -21.32 -44.89 -52.19
C ARG F 159 -22.00 -46.26 -52.07
N ILE F 160 -21.42 -47.32 -52.62
CA ILE F 160 -22.09 -48.61 -52.48
C ILE F 160 -21.87 -49.18 -51.08
N SER F 161 -20.74 -48.86 -50.44
CA SER F 161 -20.58 -49.18 -49.02
C SER F 161 -21.52 -48.36 -48.17
N ALA F 162 -21.83 -47.13 -48.60
CA ALA F 162 -22.83 -46.32 -47.91
C ALA F 162 -24.23 -46.92 -48.04
N VAL F 163 -24.56 -47.46 -49.23
CA VAL F 163 -25.84 -48.12 -49.43
C VAL F 163 -25.96 -49.36 -48.54
N SER F 164 -24.89 -50.17 -48.47
CA SER F 164 -24.87 -51.33 -47.59
C SER F 164 -24.96 -50.92 -46.12
N THR F 165 -24.29 -49.84 -45.73
CA THR F 165 -24.30 -49.36 -44.35
C THR F 165 -25.68 -48.85 -43.94
N VAL F 166 -26.34 -48.07 -44.80
CA VAL F 166 -27.66 -47.55 -44.46
C VAL F 166 -28.70 -48.67 -44.55
N LEU F 167 -28.46 -49.70 -45.35
CA LEU F 167 -29.37 -50.85 -45.36
C LEU F 167 -29.22 -51.68 -44.09
N GLU F 168 -28.00 -51.82 -43.58
CA GLU F 168 -27.78 -52.44 -42.28
C GLU F 168 -28.43 -51.63 -41.17
N ASP F 169 -28.37 -50.29 -41.27
CA ASP F 169 -29.01 -49.41 -40.30
C ASP F 169 -30.53 -49.56 -40.29
N VAL F 170 -31.15 -49.56 -41.47
CA VAL F 170 -32.62 -49.69 -41.51
C VAL F 170 -33.07 -51.12 -41.25
N GLN F 171 -32.19 -52.12 -41.40
CA GLN F 171 -32.52 -53.46 -40.92
C GLN F 171 -32.40 -53.56 -39.41
N ALA F 172 -31.46 -52.82 -38.81
CA ALA F 172 -31.33 -52.74 -37.37
C ALA F 172 -32.39 -51.85 -36.73
N ALA F 173 -33.14 -51.09 -37.53
CA ALA F 173 -34.26 -50.31 -37.00
C ALA F 173 -35.37 -51.20 -36.44
N GLY F 174 -35.57 -52.38 -37.03
CA GLY F 174 -36.66 -53.25 -36.64
C GLY F 174 -37.89 -53.16 -37.52
N ILE F 175 -37.87 -52.31 -38.53
CA ILE F 175 -39.01 -52.15 -39.43
C ILE F 175 -38.93 -53.22 -40.52
N SER F 176 -40.09 -53.79 -40.86
CA SER F 176 -40.14 -54.82 -41.89
C SER F 176 -39.97 -54.20 -43.27
N ARG F 177 -39.09 -54.79 -44.08
CA ARG F 177 -38.81 -54.28 -45.41
C ARG F 177 -38.74 -55.44 -46.39
N GLN F 178 -38.92 -55.12 -47.67
CA GLN F 178 -38.85 -56.07 -48.76
C GLN F 178 -37.79 -55.61 -49.76
N PHE F 179 -36.99 -56.56 -50.25
CA PHE F 179 -35.81 -56.27 -51.06
C PHE F 179 -35.84 -57.07 -52.36
N THR F 180 -36.95 -57.00 -53.09
CA THR F 180 -37.06 -57.74 -54.35
C THR F 180 -36.40 -56.99 -55.51
N SER F 181 -36.83 -55.73 -55.72
CA SER F 181 -36.26 -54.92 -56.80
C SER F 181 -34.82 -54.55 -56.52
N MET F 182 -34.45 -54.40 -55.25
CA MET F 182 -33.05 -54.20 -54.90
C MET F 182 -32.21 -55.42 -55.25
N THR F 183 -32.75 -56.63 -55.03
CA THR F 183 -32.04 -57.85 -55.41
C THR F 183 -31.90 -57.94 -56.93
N LYS F 184 -32.95 -57.54 -57.66
CA LYS F 184 -32.87 -57.53 -59.13
C LYS F 184 -31.82 -56.56 -59.64
N ALA F 185 -31.77 -55.36 -59.05
CA ALA F 185 -30.76 -54.37 -59.43
C ALA F 185 -29.35 -54.83 -59.07
N ILE F 186 -29.19 -55.46 -57.91
CA ILE F 186 -27.90 -55.97 -57.48
C ILE F 186 -27.42 -57.09 -58.40
N THR F 187 -28.32 -57.98 -58.80
CA THR F 187 -27.94 -59.07 -59.72
C THR F 187 -27.56 -58.54 -61.09
N THR F 188 -28.30 -57.56 -61.62
CA THR F 188 -27.93 -57.07 -62.96
C THR F 188 -26.67 -56.21 -62.91
N LEU F 189 -26.41 -55.46 -61.83
CA LEU F 189 -25.16 -54.74 -61.76
C LEU F 189 -23.99 -55.67 -61.48
N SER F 190 -24.24 -56.80 -60.80
CA SER F 190 -23.21 -57.82 -60.64
C SER F 190 -22.85 -58.46 -61.98
N ASP F 191 -23.86 -58.71 -62.82
CA ASP F 191 -23.62 -59.23 -64.15
C ASP F 191 -22.81 -58.24 -65.00
N LEU F 192 -23.16 -56.95 -64.92
CA LEU F 192 -22.42 -55.94 -65.66
C LEU F 192 -20.99 -55.76 -65.15
N VAL F 193 -20.78 -55.85 -63.83
CA VAL F 193 -19.42 -55.65 -63.33
C VAL F 193 -18.57 -56.89 -63.57
N THR F 194 -19.18 -58.08 -63.65
CA THR F 194 -18.40 -59.26 -64.03
C THR F 194 -18.05 -59.22 -65.52
N GLU F 195 -18.95 -58.71 -66.35
CA GLU F 195 -18.61 -58.49 -67.76
C GLU F 195 -17.49 -57.45 -67.91
N GLY F 196 -17.54 -56.39 -67.10
CA GLY F 196 -16.46 -55.41 -67.11
C GLY F 196 -15.13 -55.96 -66.64
N LYS F 197 -15.16 -56.83 -65.62
CA LYS F 197 -13.94 -57.48 -65.16
C LYS F 197 -13.39 -58.44 -66.20
N SER F 198 -14.27 -59.12 -66.93
CA SER F 198 -13.82 -59.99 -68.02
C SER F 198 -13.27 -59.19 -69.20
N LYS F 199 -13.75 -57.96 -69.37
CA LYS F 199 -13.30 -57.11 -70.48
C LYS F 199 -12.17 -56.16 -70.11
N VAL F 200 -11.72 -56.15 -68.85
CA VAL F 200 -10.68 -55.21 -68.44
C VAL F 200 -9.35 -55.94 -68.20
N VAL F 201 -9.26 -57.21 -68.58
CA VAL F 201 -8.08 -58.02 -68.29
C VAL F 201 -6.89 -57.56 -69.14
N ARG F 202 -5.70 -57.59 -68.53
CA ARG F 202 -4.49 -57.14 -69.22
C ARG F 202 -4.02 -58.20 -70.21
N LYS F 203 -4.12 -59.48 -69.84
CA LYS F 203 -3.66 -60.64 -70.61
C LYS F 203 -2.18 -60.56 -71.01
N SER G 140 -38.74 -45.54 -51.25
CA SER G 140 -38.98 -44.84 -52.51
C SER G 140 -37.77 -44.00 -52.90
N ASP G 141 -36.67 -44.19 -52.18
CA ASP G 141 -35.47 -43.38 -52.37
C ASP G 141 -34.21 -44.22 -52.58
N LEU G 142 -34.14 -45.38 -51.92
CA LEU G 142 -32.98 -46.26 -52.11
C LEU G 142 -32.99 -46.89 -53.49
N LYS G 143 -34.18 -47.14 -54.06
CA LYS G 143 -34.23 -47.73 -55.40
C LYS G 143 -33.83 -46.72 -56.47
N VAL G 144 -34.19 -45.45 -56.32
CA VAL G 144 -33.72 -44.47 -57.29
C VAL G 144 -32.26 -44.10 -57.02
N ALA G 145 -31.79 -44.26 -55.78
CA ALA G 145 -30.37 -44.09 -55.48
C ALA G 145 -29.53 -45.14 -56.18
N THR G 146 -29.92 -46.42 -56.05
CA THR G 146 -29.19 -47.46 -56.75
C THR G 146 -29.45 -47.45 -58.25
N ASP G 147 -30.56 -46.84 -58.71
CA ASP G 147 -30.76 -46.62 -60.13
C ASP G 147 -29.77 -45.59 -60.67
N ASN G 148 -29.53 -44.51 -59.92
CA ASN G 148 -28.50 -43.55 -60.31
C ASN G 148 -27.10 -44.17 -60.23
N ILE G 149 -26.89 -45.08 -59.27
CA ILE G 149 -25.62 -45.83 -59.20
C ILE G 149 -25.45 -46.70 -60.45
N VAL G 150 -26.53 -47.36 -60.89
CA VAL G 150 -26.48 -48.19 -62.09
C VAL G 150 -26.24 -47.33 -63.33
N LYS G 151 -26.84 -46.14 -63.40
CA LYS G 151 -26.61 -45.23 -64.53
C LYS G 151 -25.16 -44.73 -64.57
N ASP G 152 -24.60 -44.38 -63.41
CA ASP G 152 -23.21 -43.95 -63.35
C ASP G 152 -22.26 -45.09 -63.69
N LEU G 153 -22.60 -46.31 -63.25
CA LEU G 153 -21.81 -47.48 -63.63
C LEU G 153 -21.93 -47.80 -65.11
N LYS G 154 -23.09 -47.52 -65.72
CA LYS G 154 -23.26 -47.67 -67.16
C LYS G 154 -22.34 -46.71 -67.91
N LYS G 155 -22.30 -45.44 -67.46
CA LYS G 155 -21.41 -44.46 -68.07
C LYS G 155 -19.94 -44.85 -67.90
N ILE G 156 -19.58 -45.33 -66.71
CA ILE G 156 -18.21 -45.75 -66.43
C ILE G 156 -17.83 -46.97 -67.27
N ILE G 157 -18.74 -47.94 -67.39
CA ILE G 157 -18.48 -49.15 -68.16
C ILE G 157 -18.35 -48.83 -69.65
N THR G 158 -19.18 -47.92 -70.16
CA THR G 158 -19.07 -47.52 -71.57
C THR G 158 -17.76 -46.77 -71.84
N ARG G 159 -17.33 -45.91 -70.92
CA ARG G 159 -16.08 -45.19 -71.20
C ARG G 159 -14.85 -46.08 -71.01
N ILE G 160 -14.89 -47.05 -70.10
CA ILE G 160 -13.81 -48.04 -70.03
C ILE G 160 -13.79 -48.91 -71.29
N SER G 161 -14.96 -49.26 -71.81
CA SER G 161 -15.03 -50.01 -73.07
C SER G 161 -14.55 -49.17 -74.25
N ALA G 162 -14.70 -47.84 -74.17
CA ALA G 162 -14.17 -46.98 -75.22
C ALA G 162 -12.65 -46.88 -75.17
N VAL G 163 -12.09 -46.70 -73.97
CA VAL G 163 -10.63 -46.55 -73.86
C VAL G 163 -9.90 -47.90 -73.93
N SER G 164 -10.60 -49.03 -73.72
CA SER G 164 -9.99 -50.33 -73.52
C SER G 164 -9.36 -50.95 -74.78
N THR G 165 -9.16 -50.26 -75.90
CA THR G 165 -8.33 -50.83 -76.97
C THR G 165 -6.86 -50.95 -76.55
N VAL G 166 -6.42 -50.14 -75.59
CA VAL G 166 -5.11 -50.29 -74.96
C VAL G 166 -5.25 -49.86 -73.50
N LEU G 167 -4.67 -50.64 -72.59
CA LEU G 167 -4.83 -50.35 -71.17
C LEU G 167 -3.49 -50.29 -70.45
N GLU G 168 -2.58 -51.21 -70.80
CA GLU G 168 -1.21 -51.42 -70.28
C GLU G 168 -1.26 -51.94 -68.84
N ASP G 169 -0.28 -52.77 -68.46
CA ASP G 169 -0.54 -53.85 -67.51
C ASP G 169 -0.73 -53.37 -66.07
N VAL G 170 0.00 -52.33 -65.64
CA VAL G 170 0.00 -51.99 -64.22
C VAL G 170 -1.31 -51.33 -63.81
N GLN G 171 -1.83 -50.39 -64.61
CA GLN G 171 -3.12 -49.79 -64.28
C GLN G 171 -4.26 -50.76 -64.53
N ALA G 172 -4.09 -51.69 -65.48
CA ALA G 172 -5.07 -52.74 -65.69
C ALA G 172 -5.17 -53.67 -64.48
N ALA G 173 -4.03 -54.01 -63.88
CA ALA G 173 -4.03 -54.82 -62.67
C ALA G 173 -4.60 -54.03 -61.48
N GLY G 174 -4.33 -52.73 -61.42
CA GLY G 174 -4.92 -51.90 -60.38
C GLY G 174 -6.43 -51.81 -60.48
N ILE G 175 -6.95 -51.62 -61.69
CA ILE G 175 -8.39 -51.61 -61.92
C ILE G 175 -9.00 -53.00 -61.67
N SER G 176 -8.25 -54.07 -61.95
CA SER G 176 -8.72 -55.42 -61.63
C SER G 176 -8.82 -55.63 -60.13
N ARG G 177 -7.86 -55.12 -59.35
CA ARG G 177 -7.97 -55.23 -57.90
C ARG G 177 -9.08 -54.32 -57.35
N GLN G 178 -9.34 -53.19 -58.02
CA GLN G 178 -10.49 -52.37 -57.67
C GLN G 178 -11.80 -53.10 -57.98
N PHE G 179 -11.80 -53.92 -59.02
CA PHE G 179 -12.99 -54.72 -59.34
C PHE G 179 -13.16 -55.89 -58.38
N THR G 180 -12.06 -56.40 -57.82
CA THR G 180 -12.19 -57.37 -56.73
C THR G 180 -12.79 -56.71 -55.49
N SER G 181 -12.40 -55.47 -55.21
CA SER G 181 -13.06 -54.72 -54.12
C SER G 181 -14.52 -54.45 -54.44
N MET G 182 -14.83 -54.19 -55.72
CA MET G 182 -16.21 -54.02 -56.19
C MET G 182 -17.04 -55.26 -55.90
N THR G 183 -16.56 -56.43 -56.32
CA THR G 183 -17.35 -57.65 -56.13
C THR G 183 -17.36 -58.10 -54.68
N LYS G 184 -16.37 -57.71 -53.86
CA LYS G 184 -16.46 -57.96 -52.42
C LYS G 184 -17.56 -57.12 -51.78
N ALA G 185 -17.65 -55.83 -52.15
CA ALA G 185 -18.73 -54.98 -51.65
C ALA G 185 -20.09 -55.47 -52.13
N ILE G 186 -20.17 -55.91 -53.39
CA ILE G 186 -21.42 -56.43 -53.94
C ILE G 186 -21.82 -57.73 -53.26
N THR G 187 -20.83 -58.59 -52.96
CA THR G 187 -21.10 -59.84 -52.26
C THR G 187 -21.59 -59.60 -50.83
N THR G 188 -20.99 -58.62 -50.14
CA THR G 188 -21.45 -58.29 -48.78
C THR G 188 -22.86 -57.71 -48.80
N LEU G 189 -23.16 -56.82 -49.76
CA LEU G 189 -24.51 -56.26 -49.83
C LEU G 189 -25.53 -57.31 -50.26
N SER G 190 -25.13 -58.26 -51.11
CA SER G 190 -26.00 -59.36 -51.49
C SER G 190 -26.27 -60.28 -50.30
N ASP G 191 -25.26 -60.47 -49.44
CA ASP G 191 -25.48 -61.22 -48.20
C ASP G 191 -26.44 -60.49 -47.27
N LEU G 192 -26.32 -59.16 -47.20
CA LEU G 192 -27.25 -58.38 -46.38
C LEU G 192 -28.67 -58.34 -46.95
N VAL G 193 -28.84 -58.51 -48.27
CA VAL G 193 -30.19 -58.58 -48.80
C VAL G 193 -30.75 -60.00 -48.86
N THR G 194 -29.91 -61.03 -48.72
CA THR G 194 -30.42 -62.39 -48.69
C THR G 194 -30.52 -62.96 -47.28
N GLU G 195 -29.97 -62.27 -46.27
CA GLU G 195 -30.07 -62.77 -44.91
C GLU G 195 -31.48 -62.65 -44.34
N GLY G 196 -32.30 -61.75 -44.86
CA GLY G 196 -33.67 -61.60 -44.41
C GLY G 196 -33.79 -60.92 -43.06
#